data_7EOO
# 
_entry.id   7EOO 
# 
_audit_conform.dict_name       mmcif_pdbx.dic 
_audit_conform.dict_version    5.380 
_audit_conform.dict_location   http://mmcif.pdb.org/dictionaries/ascii/mmcif_pdbx.dic 
# 
loop_
_database_2.database_id 
_database_2.database_code 
_database_2.pdbx_database_accession 
_database_2.pdbx_DOI 
PDB   7EOO         pdb_00007eoo 10.2210/pdb7eoo/pdb 
WWPDB D_1300021891 ?            ?                   
# 
_pdbx_database_status.status_code                     REL 
_pdbx_database_status.status_code_sf                  REL 
_pdbx_database_status.status_code_mr                  ? 
_pdbx_database_status.entry_id                        7EOO 
_pdbx_database_status.recvd_initial_deposition_date   2021-04-22 
_pdbx_database_status.SG_entry                        N 
_pdbx_database_status.deposit_site                    PDBJ 
_pdbx_database_status.process_site                    PDBJ 
_pdbx_database_status.status_code_cs                  ? 
_pdbx_database_status.status_code_nmr_data            ? 
_pdbx_database_status.methods_development_category    ? 
_pdbx_database_status.pdb_format_compatible           Y 
# 
loop_
_audit_author.name 
_audit_author.pdbx_ordinal 
_audit_author.identifier_ORCID 
'Huang, K.Y.' 1 0000-0002-7508-5446 
'Ren, A.M.'   2 0000-0002-5420-4899 
# 
_citation.abstract                  ? 
_citation.abstract_id_CAS           ? 
_citation.book_id_ISBN              ? 
_citation.book_publisher            ? 
_citation.book_publisher_city       ? 
_citation.book_title                ? 
_citation.coordinate_linkage        ? 
_citation.country                   US 
_citation.database_id_Medline       ? 
_citation.details                   ? 
_citation.id                        primary 
_citation.journal_abbrev            Nat.Chem.Biol. 
_citation.journal_id_ASTM           ? 
_citation.journal_id_CSD            ? 
_citation.journal_id_ISSN           1552-4469 
_citation.journal_full              ? 
_citation.journal_issue             ? 
_citation.journal_volume            17 
_citation.language                  ? 
_citation.page_first                1289 
_citation.page_last                 1295 
_citation.title                     'Structure-based investigation of fluorogenic Pepper aptamer.' 
_citation.year                      2021 
_citation.database_id_CSD           ? 
_citation.pdbx_database_id_DOI      10.1038/s41589-021-00884-6 
_citation.pdbx_database_id_PubMed   34725509 
_citation.pdbx_database_id_patent   ? 
_citation.unpublished_flag          ? 
# 
loop_
_citation_author.citation_id 
_citation_author.name 
_citation_author.ordinal 
_citation_author.identifier_ORCID 
primary 'Huang, K.' 1 ? 
primary 'Chen, X.'  2 ? 
primary 'Li, C.'    3 ? 
primary 'Song, Q.'  4 ? 
primary 'Li, H.'    5 ? 
primary 'Zhu, L.'   6 ? 
primary 'Yang, Y.'  7 ? 
primary 'Ren, A.'   8 ? 
# 
_cell.angle_alpha                  90.000 
_cell.angle_alpha_esd              ? 
_cell.angle_beta                   127.870 
_cell.angle_beta_esd               ? 
_cell.angle_gamma                  90.000 
_cell.angle_gamma_esd              ? 
_cell.entry_id                     7EOO 
_cell.details                      ? 
_cell.formula_units_Z              ? 
_cell.length_a                     92.305 
_cell.length_a_esd                 ? 
_cell.length_b                     34.723 
_cell.length_b_esd                 ? 
_cell.length_c                     58.130 
_cell.length_c_esd                 ? 
_cell.volume                       ? 
_cell.volume_esd                   ? 
_cell.Z_PDB                        4 
_cell.reciprocal_angle_alpha       ? 
_cell.reciprocal_angle_beta        ? 
_cell.reciprocal_angle_gamma       ? 
_cell.reciprocal_angle_alpha_esd   ? 
_cell.reciprocal_angle_beta_esd    ? 
_cell.reciprocal_angle_gamma_esd   ? 
_cell.reciprocal_length_a          ? 
_cell.reciprocal_length_b          ? 
_cell.reciprocal_length_c          ? 
_cell.reciprocal_length_a_esd      ? 
_cell.reciprocal_length_b_esd      ? 
_cell.reciprocal_length_c_esd      ? 
_cell.pdbx_unique_axis             ? 
# 
_symmetry.entry_id                         7EOO 
_symmetry.cell_setting                     ? 
_symmetry.Int_Tables_number                5 
_symmetry.space_group_name_Hall            ? 
_symmetry.space_group_name_H-M             'C 1 2 1' 
_symmetry.pdbx_full_space_group_name_H-M   ? 
# 
loop_
_entity.id 
_entity.type 
_entity.src_method 
_entity.pdbx_description 
_entity.formula_weight 
_entity.pdbx_number_of_molecules 
_entity.pdbx_ec 
_entity.pdbx_mutation 
_entity.pdbx_fragment 
_entity.details 
1 polymer     man 'Pepper (49-MER)'                                                                           15428.166 1  ? ? ? ? 
2 non-polymer syn "GUANOSINE-5'-TRIPHOSPHATE"                                                                 523.180   1  ? ? ? ? 
3 non-polymer syn '(~{E})-2-(1,3-benzoxazol-2-yl)-3-[4-[2-hydroxyethyl(methyl)amino]phenyl]prop-2-enenitrile' 319.357   1  ? ? ? ? 
4 non-polymer syn 'MAGNESIUM ION'                                                                             24.305    4  ? ? ? ? 
5 water       nat water                                                                                       18.015    71 ? ? ? ? 
# 
_entity_poly.entity_id                      1 
_entity_poly.type                           polyribonucleotide 
_entity_poly.nstd_linkage                   no 
_entity_poly.nstd_monomer                   no 
_entity_poly.pdbx_seq_one_letter_code       GCGCACUGGCGCUGCGCCUUCGGGCGCCAAUCGUAGCGUGUCGGCGCC 
_entity_poly.pdbx_seq_one_letter_code_can   GCGCACUGGCGCUGCGCCUUCGGGCGCCAAUCGUAGCGUGUCGGCGCC 
_entity_poly.pdbx_strand_id                 A 
_entity_poly.pdbx_target_identifier         ? 
# 
loop_
_entity_poly_seq.entity_id 
_entity_poly_seq.num 
_entity_poly_seq.mon_id 
_entity_poly_seq.hetero 
1 1  G n 
1 2  C n 
1 3  G n 
1 4  C n 
1 5  A n 
1 6  C n 
1 7  U n 
1 8  G n 
1 9  G n 
1 10 C n 
1 11 G n 
1 12 C n 
1 13 U n 
1 14 G n 
1 15 C n 
1 16 G n 
1 17 C n 
1 18 C n 
1 19 U n 
1 20 U n 
1 21 C n 
1 22 G n 
1 23 G n 
1 24 G n 
1 25 C n 
1 26 G n 
1 27 C n 
1 28 C n 
1 29 A n 
1 30 A n 
1 31 U n 
1 32 C n 
1 33 G n 
1 34 U n 
1 35 A n 
1 36 G n 
1 37 C n 
1 38 G n 
1 39 U n 
1 40 G n 
1 41 U n 
1 42 C n 
1 43 G n 
1 44 G n 
1 45 C n 
1 46 G n 
1 47 C n 
1 48 C n 
# 
_entity_src_gen.entity_id                          1 
_entity_src_gen.pdbx_src_id                        1 
_entity_src_gen.pdbx_alt_source_flag               sample 
_entity_src_gen.pdbx_seq_type                      'Biological sequence' 
_entity_src_gen.pdbx_beg_seq_num                   1 
_entity_src_gen.pdbx_end_seq_num                   48 
_entity_src_gen.gene_src_common_name               ? 
_entity_src_gen.gene_src_genus                     ? 
_entity_src_gen.pdbx_gene_src_gene                 ? 
_entity_src_gen.gene_src_species                   ? 
_entity_src_gen.gene_src_strain                    ? 
_entity_src_gen.gene_src_tissue                    ? 
_entity_src_gen.gene_src_tissue_fraction           ? 
_entity_src_gen.gene_src_details                   ? 
_entity_src_gen.pdbx_gene_src_fragment             ? 
_entity_src_gen.pdbx_gene_src_scientific_name      'synthetic construct' 
_entity_src_gen.pdbx_gene_src_ncbi_taxonomy_id     32630 
_entity_src_gen.pdbx_gene_src_variant              ? 
_entity_src_gen.pdbx_gene_src_cell_line            ? 
_entity_src_gen.pdbx_gene_src_atcc                 ? 
_entity_src_gen.pdbx_gene_src_organ                ? 
_entity_src_gen.pdbx_gene_src_organelle            ? 
_entity_src_gen.pdbx_gene_src_cell                 ? 
_entity_src_gen.pdbx_gene_src_cellular_location    ? 
_entity_src_gen.host_org_common_name               ? 
_entity_src_gen.pdbx_host_org_scientific_name      'in vitro transcription vector pT7-TP(deltai)' 
_entity_src_gen.pdbx_host_org_ncbi_taxonomy_id     905931 
_entity_src_gen.host_org_genus                     ? 
_entity_src_gen.pdbx_host_org_gene                 ? 
_entity_src_gen.pdbx_host_org_organ                ? 
_entity_src_gen.host_org_species                   ? 
_entity_src_gen.pdbx_host_org_tissue               ? 
_entity_src_gen.pdbx_host_org_tissue_fraction      ? 
_entity_src_gen.pdbx_host_org_strain               ? 
_entity_src_gen.pdbx_host_org_variant              ? 
_entity_src_gen.pdbx_host_org_cell_line            ? 
_entity_src_gen.pdbx_host_org_atcc                 ? 
_entity_src_gen.pdbx_host_org_culture_collection   ? 
_entity_src_gen.pdbx_host_org_cell                 ? 
_entity_src_gen.pdbx_host_org_organelle            ? 
_entity_src_gen.pdbx_host_org_cellular_location    ? 
_entity_src_gen.pdbx_host_org_vector_type          ? 
_entity_src_gen.pdbx_host_org_vector               ? 
_entity_src_gen.host_org_details                   ? 
_entity_src_gen.expression_system_id               ? 
_entity_src_gen.plasmid_name                       ? 
_entity_src_gen.plasmid_details                    ? 
_entity_src_gen.pdbx_description                   ? 
# 
_struct_ref.id                         1 
_struct_ref.db_name                    PDB 
_struct_ref.db_code                    7EOO 
_struct_ref.pdbx_db_accession          7EOO 
_struct_ref.pdbx_db_isoform            ? 
_struct_ref.entity_id                  1 
_struct_ref.pdbx_seq_one_letter_code   ? 
_struct_ref.pdbx_align_begin           1 
# 
_struct_ref_seq.align_id                      1 
_struct_ref_seq.ref_id                        1 
_struct_ref_seq.pdbx_PDB_id_code              7EOO 
_struct_ref_seq.pdbx_strand_id                A 
_struct_ref_seq.seq_align_beg                 1 
_struct_ref_seq.pdbx_seq_align_beg_ins_code   ? 
_struct_ref_seq.seq_align_end                 48 
_struct_ref_seq.pdbx_seq_align_end_ins_code   ? 
_struct_ref_seq.pdbx_db_accession             7EOO 
_struct_ref_seq.db_align_beg                  2 
_struct_ref_seq.pdbx_db_align_beg_ins_code    ? 
_struct_ref_seq.db_align_end                  49 
_struct_ref_seq.pdbx_db_align_end_ins_code    ? 
_struct_ref_seq.pdbx_auth_seq_align_beg       2 
_struct_ref_seq.pdbx_auth_seq_align_end       49 
# 
loop_
_chem_comp.id 
_chem_comp.type 
_chem_comp.mon_nstd_flag 
_chem_comp.name 
_chem_comp.pdbx_synonyms 
_chem_comp.formula 
_chem_comp.formula_weight 
A   'RNA linking' y "ADENOSINE-5'-MONOPHOSPHATE"                                                                ? 
'C10 H14 N5 O7 P'   347.221 
C   'RNA linking' y "CYTIDINE-5'-MONOPHOSPHATE"                                                                 ? 'C9 H14 N3 O8 P' 
323.197 
G   'RNA linking' y "GUANOSINE-5'-MONOPHOSPHATE"                                                                ? 
'C10 H14 N5 O8 P'   363.221 
GTP non-polymer   n "GUANOSINE-5'-TRIPHOSPHATE"                                                                 ? 
'C10 H16 N5 O14 P3' 523.180 
HOH non-polymer   . WATER                                                                                       ? 'H2 O' 18.015  
J8X non-polymer   . '(~{E})-2-(1,3-benzoxazol-2-yl)-3-[4-[2-hydroxyethyl(methyl)amino]phenyl]prop-2-enenitrile' ? 'C19 H17 N3 O2' 
319.357 
MG  non-polymer   . 'MAGNESIUM ION'                                                                             ? 'Mg 2' 24.305  
U   'RNA linking' y "URIDINE-5'-MONOPHOSPHATE"                                                                  ? 'C9 H13 N2 O9 P' 
324.181 
# 
_exptl.absorpt_coefficient_mu     ? 
_exptl.absorpt_correction_T_max   ? 
_exptl.absorpt_correction_T_min   ? 
_exptl.absorpt_correction_type    ? 
_exptl.absorpt_process_details    ? 
_exptl.entry_id                   7EOO 
_exptl.crystals_number            1 
_exptl.details                    ? 
_exptl.method                     'X-RAY DIFFRACTION' 
_exptl.method_details             ? 
# 
_exptl_crystal.colour                      ? 
_exptl_crystal.density_diffrn              ? 
_exptl_crystal.density_Matthews            2.38 
_exptl_crystal.density_method              ? 
_exptl_crystal.density_percent_sol         48.39 
_exptl_crystal.description                 ? 
_exptl_crystal.F_000                       ? 
_exptl_crystal.id                          1 
_exptl_crystal.preparation                 ? 
_exptl_crystal.size_max                    ? 
_exptl_crystal.size_mid                    ? 
_exptl_crystal.size_min                    ? 
_exptl_crystal.size_rad                    ? 
_exptl_crystal.colour_lustre               ? 
_exptl_crystal.colour_modifier             ? 
_exptl_crystal.colour_primary              ? 
_exptl_crystal.density_meas                ? 
_exptl_crystal.density_meas_esd            ? 
_exptl_crystal.density_meas_gt             ? 
_exptl_crystal.density_meas_lt             ? 
_exptl_crystal.density_meas_temp           ? 
_exptl_crystal.density_meas_temp_esd       ? 
_exptl_crystal.density_meas_temp_gt        ? 
_exptl_crystal.density_meas_temp_lt        ? 
_exptl_crystal.pdbx_crystal_image_url      ? 
_exptl_crystal.pdbx_crystal_image_format   ? 
_exptl_crystal.pdbx_mosaicity              ? 
_exptl_crystal.pdbx_mosaicity_esd          ? 
# 
_exptl_crystal_grow.apparatus       ? 
_exptl_crystal_grow.atmosphere      ? 
_exptl_crystal_grow.crystal_id      1 
_exptl_crystal_grow.details         ? 
_exptl_crystal_grow.method          'VAPOR DIFFUSION, SITTING DROP' 
_exptl_crystal_grow.method_ref      ? 
_exptl_crystal_grow.pH              ? 
_exptl_crystal_grow.pressure        ? 
_exptl_crystal_grow.pressure_esd    ? 
_exptl_crystal_grow.seeding         ? 
_exptl_crystal_grow.seeding_ref     ? 
_exptl_crystal_grow.temp            289 
_exptl_crystal_grow.temp_details    ? 
_exptl_crystal_grow.temp_esd        ? 
_exptl_crystal_grow.time            ? 
_exptl_crystal_grow.pdbx_details    
'0.1 M ammonium chloride, 0.005 M magnesium chloride, 0.025 M HEPES, pH 7.0, 1.25 M 1,6-hexanediol, 40% MPD' 
_exptl_crystal_grow.pdbx_pH_range   ? 
# 
_diffrn.ambient_environment              ? 
_diffrn.ambient_temp                     100 
_diffrn.ambient_temp_details             ? 
_diffrn.ambient_temp_esd                 ? 
_diffrn.crystal_id                       1 
_diffrn.crystal_support                  ? 
_diffrn.crystal_treatment                ? 
_diffrn.details                          ? 
_diffrn.id                               1 
_diffrn.ambient_pressure                 ? 
_diffrn.ambient_pressure_esd             ? 
_diffrn.ambient_pressure_gt              ? 
_diffrn.ambient_pressure_lt              ? 
_diffrn.ambient_temp_gt                  ? 
_diffrn.ambient_temp_lt                  ? 
_diffrn.pdbx_serial_crystal_experiment   N 
# 
_diffrn_detector.details                      ? 
_diffrn_detector.detector                     PIXEL 
_diffrn_detector.diffrn_id                    1 
_diffrn_detector.type                         'DECTRIS PILATUS 6M' 
_diffrn_detector.area_resol_mean              ? 
_diffrn_detector.dtime                        ? 
_diffrn_detector.pdbx_frames_total            ? 
_diffrn_detector.pdbx_collection_time_total   ? 
_diffrn_detector.pdbx_collection_date         2019-11-09 
_diffrn_detector.pdbx_frequency               ? 
# 
_diffrn_radiation.collimation                      ? 
_diffrn_radiation.diffrn_id                        1 
_diffrn_radiation.filter_edge                      ? 
_diffrn_radiation.inhomogeneity                    ? 
_diffrn_radiation.monochromator                    ? 
_diffrn_radiation.polarisn_norm                    ? 
_diffrn_radiation.polarisn_ratio                   ? 
_diffrn_radiation.probe                            ? 
_diffrn_radiation.type                             ? 
_diffrn_radiation.xray_symbol                      ? 
_diffrn_radiation.wavelength_id                    1 
_diffrn_radiation.pdbx_monochromatic_or_laue_m_l   M 
_diffrn_radiation.pdbx_wavelength_list             ? 
_diffrn_radiation.pdbx_wavelength                  ? 
_diffrn_radiation.pdbx_diffrn_protocol             'SINGLE WAVELENGTH' 
_diffrn_radiation.pdbx_analyzer                    ? 
_diffrn_radiation.pdbx_scattering_type             x-ray 
# 
_diffrn_radiation_wavelength.id           1 
_diffrn_radiation_wavelength.wavelength   0.979 
_diffrn_radiation_wavelength.wt           1.0 
# 
_diffrn_source.current                     ? 
_diffrn_source.details                     ? 
_diffrn_source.diffrn_id                   1 
_diffrn_source.power                       ? 
_diffrn_source.size                        ? 
_diffrn_source.source                      SYNCHROTRON 
_diffrn_source.target                      ? 
_diffrn_source.type                        'SSRF BEAMLINE BL19U1' 
_diffrn_source.voltage                     ? 
_diffrn_source.take-off_angle              ? 
_diffrn_source.pdbx_wavelength_list        0.979 
_diffrn_source.pdbx_wavelength             ? 
_diffrn_source.pdbx_synchrotron_beamline   BL19U1 
_diffrn_source.pdbx_synchrotron_site       SSRF 
# 
_reflns.B_iso_Wilson_estimate                          ? 
_reflns.entry_id                                       7EOO 
_reflns.data_reduction_details                         ? 
_reflns.data_reduction_method                          ? 
_reflns.d_resolution_high                              2.230 
_reflns.d_resolution_low                               50.000 
_reflns.details                                        ? 
_reflns.limit_h_max                                    ? 
_reflns.limit_h_min                                    ? 
_reflns.limit_k_max                                    ? 
_reflns.limit_k_min                                    ? 
_reflns.limit_l_max                                    ? 
_reflns.limit_l_min                                    ? 
_reflns.number_all                                     ? 
_reflns.number_obs                                     7136 
_reflns.observed_criterion                             ? 
_reflns.observed_criterion_F_max                       ? 
_reflns.observed_criterion_F_min                       ? 
_reflns.observed_criterion_I_max                       ? 
_reflns.observed_criterion_I_min                       ? 
_reflns.observed_criterion_sigma_F                     ? 
_reflns.observed_criterion_sigma_I                     ? 
_reflns.percent_possible_obs                           97.100 
_reflns.R_free_details                                 ? 
_reflns.Rmerge_F_all                                   ? 
_reflns.Rmerge_F_obs                                   ? 
_reflns.Friedel_coverage                               ? 
_reflns.number_gt                                      ? 
_reflns.threshold_expression                           ? 
_reflns.pdbx_redundancy                                6.300 
_reflns.pdbx_Rmerge_I_obs                              0.136 
_reflns.pdbx_Rmerge_I_all                              ? 
_reflns.pdbx_Rsym_value                                ? 
_reflns.pdbx_netI_over_av_sigmaI                       ? 
_reflns.pdbx_netI_over_sigmaI                          3.500 
_reflns.pdbx_res_netI_over_av_sigmaI_2                 ? 
_reflns.pdbx_res_netI_over_sigmaI_2                    ? 
_reflns.pdbx_chi_squared                               0.820 
_reflns.pdbx_scaling_rejects                           ? 
_reflns.pdbx_d_res_high_opt                            ? 
_reflns.pdbx_d_res_low_opt                             ? 
_reflns.pdbx_d_res_opt_method                          ? 
_reflns.phase_calculation_details                      ? 
_reflns.pdbx_Rrim_I_all                                0.149 
_reflns.pdbx_Rpim_I_all                                0.058 
_reflns.pdbx_d_opt                                     ? 
_reflns.pdbx_number_measured_all                       44622 
_reflns.pdbx_diffrn_id                                 1 
_reflns.pdbx_ordinal                                   1 
_reflns.pdbx_CC_half                                   ? 
_reflns.pdbx_CC_star                                   ? 
_reflns.pdbx_R_split                                   ? 
_reflns.pdbx_aniso_diffraction_limit_axis_1_ortho[1]   ? 
_reflns.pdbx_aniso_diffraction_limit_axis_1_ortho[2]   ? 
_reflns.pdbx_aniso_diffraction_limit_axis_1_ortho[3]   ? 
_reflns.pdbx_aniso_diffraction_limit_axis_2_ortho[1]   ? 
_reflns.pdbx_aniso_diffraction_limit_axis_2_ortho[2]   ? 
_reflns.pdbx_aniso_diffraction_limit_axis_2_ortho[3]   ? 
_reflns.pdbx_aniso_diffraction_limit_axis_3_ortho[1]   ? 
_reflns.pdbx_aniso_diffraction_limit_axis_3_ortho[2]   ? 
_reflns.pdbx_aniso_diffraction_limit_axis_3_ortho[3]   ? 
_reflns.pdbx_aniso_diffraction_limit_1                 ? 
_reflns.pdbx_aniso_diffraction_limit_2                 ? 
_reflns.pdbx_aniso_diffraction_limit_3                 ? 
_reflns.pdbx_aniso_B_tensor_eigenvector_1_ortho[1]     ? 
_reflns.pdbx_aniso_B_tensor_eigenvector_1_ortho[2]     ? 
_reflns.pdbx_aniso_B_tensor_eigenvector_1_ortho[3]     ? 
_reflns.pdbx_aniso_B_tensor_eigenvector_2_ortho[1]     ? 
_reflns.pdbx_aniso_B_tensor_eigenvector_2_ortho[2]     ? 
_reflns.pdbx_aniso_B_tensor_eigenvector_2_ortho[3]     ? 
_reflns.pdbx_aniso_B_tensor_eigenvector_3_ortho[1]     ? 
_reflns.pdbx_aniso_B_tensor_eigenvector_3_ortho[2]     ? 
_reflns.pdbx_aniso_B_tensor_eigenvector_3_ortho[3]     ? 
_reflns.pdbx_aniso_B_tensor_eigenvalue_1               ? 
_reflns.pdbx_aniso_B_tensor_eigenvalue_2               ? 
_reflns.pdbx_aniso_B_tensor_eigenvalue_3               ? 
_reflns.pdbx_orthogonalization_convention              ? 
_reflns.pdbx_percent_possible_ellipsoidal              ? 
_reflns.pdbx_percent_possible_spherical                ? 
_reflns.pdbx_percent_possible_ellipsoidal_anomalous    ? 
_reflns.pdbx_percent_possible_spherical_anomalous      ? 
_reflns.pdbx_redundancy_anomalous                      ? 
_reflns.pdbx_CC_half_anomalous                         ? 
_reflns.pdbx_absDiff_over_sigma_anomalous              ? 
_reflns.pdbx_percent_possible_anomalous                ? 
_reflns.pdbx_observed_signal_threshold                 ? 
_reflns.pdbx_signal_type                               ? 
_reflns.pdbx_signal_details                            ? 
_reflns.pdbx_signal_software_id                        ? 
# 
loop_
_reflns_shell.d_res_high 
_reflns_shell.d_res_low 
_reflns_shell.meanI_over_sigI_all 
_reflns_shell.meanI_over_sigI_obs 
_reflns_shell.number_measured_all 
_reflns_shell.number_measured_obs 
_reflns_shell.number_possible 
_reflns_shell.number_unique_all 
_reflns_shell.number_unique_obs 
_reflns_shell.percent_possible_all 
_reflns_shell.percent_possible_obs 
_reflns_shell.Rmerge_F_all 
_reflns_shell.Rmerge_F_obs 
_reflns_shell.Rmerge_I_all 
_reflns_shell.Rmerge_I_obs 
_reflns_shell.meanI_over_sigI_gt 
_reflns_shell.meanI_over_uI_all 
_reflns_shell.meanI_over_uI_gt 
_reflns_shell.number_measured_gt 
_reflns_shell.number_unique_gt 
_reflns_shell.percent_possible_gt 
_reflns_shell.Rmerge_F_gt 
_reflns_shell.Rmerge_I_gt 
_reflns_shell.pdbx_redundancy 
_reflns_shell.pdbx_Rsym_value 
_reflns_shell.pdbx_chi_squared 
_reflns_shell.pdbx_netI_over_sigmaI_all 
_reflns_shell.pdbx_netI_over_sigmaI_obs 
_reflns_shell.pdbx_Rrim_I_all 
_reflns_shell.pdbx_Rpim_I_all 
_reflns_shell.pdbx_rejects 
_reflns_shell.pdbx_ordinal 
_reflns_shell.pdbx_diffrn_id 
_reflns_shell.pdbx_CC_half 
_reflns_shell.pdbx_CC_star 
_reflns_shell.pdbx_R_split 
_reflns_shell.pdbx_percent_possible_ellipsoidal 
_reflns_shell.pdbx_percent_possible_spherical 
_reflns_shell.pdbx_percent_possible_ellipsoidal_anomalous 
_reflns_shell.pdbx_percent_possible_spherical_anomalous 
_reflns_shell.pdbx_redundancy_anomalous 
_reflns_shell.pdbx_CC_half_anomalous 
_reflns_shell.pdbx_absDiff_over_sigma_anomalous 
_reflns_shell.pdbx_percent_possible_anomalous 
2.230 2.310  ? ? ? ? ? ? 646 86.800 ? ? ? ? 0.575 ? ? ? ? ? ? ? ? 4.900 ? 0.607 ? ? 0.639 0.271 ? 1  1 0.820 ? ? ? ? ? ? ? ? ? ? 
2.310 2.400  ? ? ? ? ? ? 669 93.400 ? ? ? ? 0.470 ? ? ? ? ? ? ? ? 5.400 ? 0.506 ? ? 0.518 0.212 ? 2  1 0.882 ? ? ? ? ? ? ? ? ? ? 
2.400 2.510  ? ? ? ? ? ? 719 96.800 ? ? ? ? 0.431 ? ? ? ? ? ? ? ? 5.500 ? 0.548 ? ? 0.476 0.196 ? 3  1 0.915 ? ? ? ? ? ? ? ? ? ? 
2.510 2.640  ? ? ? ? ? ? 713 99.300 ? ? ? ? 0.395 ? ? ? ? ? ? ? ? 6.600 ? 0.559 ? ? 0.429 0.164 ? 4  1 0.928 ? ? ? ? ? ? ? ? ? ? 
2.640 2.810  ? ? ? ? ? ? 723 99.900 ? ? ? ? 0.294 ? ? ? ? ? ? ? ? 6.700 ? 0.626 ? ? 0.318 0.121 ? 5  1 0.961 ? ? ? ? ? ? ? ? ? ? 
2.810 3.030  ? ? ? ? ? ? 714 99.700 ? ? ? ? 0.185 ? ? ? ? ? ? ? ? 6.800 ? 0.720 ? ? 0.200 0.076 ? 6  1 0.985 ? ? ? ? ? ? ? ? ? ? 
3.030 3.330  ? ? ? ? ? ? 734 98.500 ? ? ? ? 0.145 ? ? ? ? ? ? ? ? 6.400 ? 1.015 ? ? 0.157 0.060 ? 7  1 0.987 ? ? ? ? ? ? ? ? ? ? 
3.330 3.810  ? ? ? ? ? ? 727 99.700 ? ? ? ? 0.125 ? ? ? ? ? ? ? ? 7.000 ? 1.025 ? ? 0.135 0.051 ? 8  1 0.992 ? ? ? ? ? ? ? ? ? ? 
3.810 4.800  ? ? ? ? ? ? 727 98.200 ? ? ? ? 0.107 ? ? ? ? ? ? ? ? 6.500 ? 1.079 ? ? 0.116 0.045 ? 9  1 0.989 ? ? ? ? ? ? ? ? ? ? 
4.800 50.000 ? ? ? ? ? ? 764 98.600 ? ? ? ? 0.090 ? ? ? ? ? ? ? ? 6.500 ? 1.262 ? ? 0.098 0.039 ? 10 1 0.995 ? ? ? ? ? ? ? ? ? ? 
# 
_refine.aniso_B[1][1]                            ? 
_refine.aniso_B[1][2]                            ? 
_refine.aniso_B[1][3]                            ? 
_refine.aniso_B[2][2]                            ? 
_refine.aniso_B[2][3]                            ? 
_refine.aniso_B[3][3]                            ? 
_refine.B_iso_max                                116.490 
_refine.B_iso_mean                               41.0056 
_refine.B_iso_min                                9.370 
_refine.correlation_coeff_Fo_to_Fc               ? 
_refine.correlation_coeff_Fo_to_Fc_free          ? 
_refine.details                                  ? 
_refine.diff_density_max                         ? 
_refine.diff_density_max_esd                     ? 
_refine.diff_density_min                         ? 
_refine.diff_density_min_esd                     ? 
_refine.diff_density_rms                         ? 
_refine.diff_density_rms_esd                     ? 
_refine.entry_id                                 7EOO 
_refine.pdbx_refine_id                           'X-RAY DIFFRACTION' 
_refine.ls_abs_structure_details                 ? 
_refine.ls_abs_structure_Flack                   ? 
_refine.ls_abs_structure_Flack_esd               ? 
_refine.ls_abs_structure_Rogers                  ? 
_refine.ls_abs_structure_Rogers_esd              ? 
_refine.ls_d_res_high                            2.2300 
_refine.ls_d_res_low                             36.4310 
_refine.ls_extinction_coef                       ? 
_refine.ls_extinction_coef_esd                   ? 
_refine.ls_extinction_expression                 ? 
_refine.ls_extinction_method                     ? 
_refine.ls_goodness_of_fit_all                   ? 
_refine.ls_goodness_of_fit_all_esd               ? 
_refine.ls_goodness_of_fit_obs                   ? 
_refine.ls_goodness_of_fit_obs_esd               ? 
_refine.ls_hydrogen_treatment                    ? 
_refine.ls_matrix_type                           ? 
_refine.ls_number_constraints                    ? 
_refine.ls_number_parameters                     ? 
_refine.ls_number_reflns_all                     ? 
_refine.ls_number_reflns_obs                     7081 
_refine.ls_number_reflns_R_free                  374 
_refine.ls_number_reflns_R_work                  6707 
_refine.ls_number_restraints                     ? 
_refine.ls_percent_reflns_obs                    97.2000 
_refine.ls_percent_reflns_R_free                 5.2800 
_refine.ls_R_factor_all                          ? 
_refine.ls_R_factor_obs                          0.2285 
_refine.ls_R_factor_R_free                       0.2546 
_refine.ls_R_factor_R_free_error                 ? 
_refine.ls_R_factor_R_free_error_details         ? 
_refine.ls_R_factor_R_work                       0.2271 
_refine.ls_R_Fsqd_factor_obs                     ? 
_refine.ls_R_I_factor_obs                        ? 
_refine.ls_redundancy_reflns_all                 ? 
_refine.ls_redundancy_reflns_obs                 ? 
_refine.ls_restrained_S_all                      ? 
_refine.ls_restrained_S_obs                      ? 
_refine.ls_shift_over_esd_max                    ? 
_refine.ls_shift_over_esd_mean                   ? 
_refine.ls_structure_factor_coef                 ? 
_refine.ls_weighting_details                     ? 
_refine.ls_weighting_scheme                      ? 
_refine.ls_wR_factor_all                         ? 
_refine.ls_wR_factor_obs                         ? 
_refine.ls_wR_factor_R_free                      ? 
_refine.ls_wR_factor_R_work                      ? 
_refine.occupancy_max                            ? 
_refine.occupancy_min                            ? 
_refine.solvent_model_details                    'FLAT BULK SOLVENT MODEL' 
_refine.solvent_model_param_bsol                 ? 
_refine.solvent_model_param_ksol                 ? 
_refine.pdbx_R_complete                          ? 
_refine.ls_R_factor_gt                           ? 
_refine.ls_goodness_of_fit_gt                    ? 
_refine.ls_goodness_of_fit_ref                   ? 
_refine.ls_shift_over_su_max                     ? 
_refine.ls_shift_over_su_max_lt                  ? 
_refine.ls_shift_over_su_mean                    ? 
_refine.ls_shift_over_su_mean_lt                 ? 
_refine.pdbx_ls_sigma_I                          ? 
_refine.pdbx_ls_sigma_F                          1.380 
_refine.pdbx_ls_sigma_Fsqd                       ? 
_refine.pdbx_data_cutoff_high_absF               ? 
_refine.pdbx_data_cutoff_high_rms_absF           ? 
_refine.pdbx_data_cutoff_low_absF                ? 
_refine.pdbx_isotropic_thermal_model             ? 
_refine.pdbx_ls_cross_valid_method               THROUGHOUT 
_refine.pdbx_method_to_determine_struct          'MOLECULAR REPLACEMENT' 
_refine.pdbx_starting_model                      7EOG 
_refine.pdbx_stereochemistry_target_values       ML 
_refine.pdbx_R_Free_selection_details            ? 
_refine.pdbx_stereochem_target_val_spec_case     ? 
_refine.pdbx_overall_ESU_R                       ? 
_refine.pdbx_overall_ESU_R_Free                  ? 
_refine.pdbx_solvent_vdw_probe_radii             1.1100 
_refine.pdbx_solvent_ion_probe_radii             ? 
_refine.pdbx_solvent_shrinkage_radii             0.9000 
_refine.pdbx_real_space_R                        ? 
_refine.pdbx_density_correlation                 ? 
_refine.pdbx_pd_number_of_powder_patterns        ? 
_refine.pdbx_pd_number_of_points                 ? 
_refine.pdbx_pd_meas_number_of_points            ? 
_refine.pdbx_pd_proc_ls_prof_R_factor            ? 
_refine.pdbx_pd_proc_ls_prof_wR_factor           ? 
_refine.pdbx_pd_Marquardt_correlation_coeff      ? 
_refine.pdbx_pd_Fsqrd_R_factor                   ? 
_refine.pdbx_pd_ls_matrix_band_width             ? 
_refine.pdbx_overall_phase_error                 32.6600 
_refine.pdbx_overall_SU_R_free_Cruickshank_DPI   ? 
_refine.pdbx_overall_SU_R_free_Blow_DPI          ? 
_refine.pdbx_overall_SU_R_Blow_DPI               ? 
_refine.pdbx_TLS_residual_ADP_flag               ? 
_refine.pdbx_diffrn_id                           1 
_refine.overall_SU_B                             ? 
_refine.overall_SU_ML                            0.3600 
_refine.overall_SU_R_Cruickshank_DPI             ? 
_refine.overall_SU_R_free                        ? 
_refine.overall_FOM_free_R_set                   ? 
_refine.overall_FOM_work_R_set                   ? 
_refine.pdbx_average_fsc_overall                 ? 
_refine.pdbx_average_fsc_work                    ? 
_refine.pdbx_average_fsc_free                    ? 
# 
_refine_hist.pdbx_refine_id                   'X-RAY DIFFRACTION' 
_refine_hist.cycle_id                         final 
_refine_hist.details                          ? 
_refine_hist.d_res_high                       2.2300 
_refine_hist.d_res_low                        36.4310 
_refine_hist.number_atoms_solvent             71 
_refine_hist.number_atoms_total               1153 
_refine_hist.number_reflns_all                ? 
_refine_hist.number_reflns_obs                ? 
_refine_hist.number_reflns_R_free             ? 
_refine_hist.number_reflns_R_work             ? 
_refine_hist.R_factor_all                     ? 
_refine_hist.R_factor_obs                     ? 
_refine_hist.R_factor_R_free                  ? 
_refine_hist.R_factor_R_work                  ? 
_refine_hist.pdbx_number_residues_total       49 
_refine_hist.pdbx_B_iso_mean_ligand           29.89 
_refine_hist.pdbx_B_iso_mean_solvent          27.60 
_refine_hist.pdbx_number_atoms_protein        0 
_refine_hist.pdbx_number_atoms_nucleic_acid   1054 
_refine_hist.pdbx_number_atoms_ligand         28 
_refine_hist.pdbx_number_atoms_lipid          ? 
_refine_hist.pdbx_number_atoms_carb           ? 
_refine_hist.pdbx_pseudo_atom_details         ? 
# 
loop_
_refine_ls_shell.pdbx_refine_id 
_refine_ls_shell.d_res_high 
_refine_ls_shell.d_res_low 
_refine_ls_shell.number_reflns_all 
_refine_ls_shell.number_reflns_obs 
_refine_ls_shell.number_reflns_R_free 
_refine_ls_shell.number_reflns_R_work 
_refine_ls_shell.percent_reflns_obs 
_refine_ls_shell.percent_reflns_R_free 
_refine_ls_shell.R_factor_all 
_refine_ls_shell.R_factor_obs 
_refine_ls_shell.R_factor_R_free 
_refine_ls_shell.R_factor_R_free_error 
_refine_ls_shell.R_factor_R_work 
_refine_ls_shell.redundancy_reflns_all 
_refine_ls_shell.redundancy_reflns_obs 
_refine_ls_shell.wR_factor_all 
_refine_ls_shell.wR_factor_obs 
_refine_ls_shell.wR_factor_R_free 
_refine_ls_shell.wR_factor_R_work 
_refine_ls_shell.pdbx_R_complete 
_refine_ls_shell.pdbx_total_number_of_bins_used 
_refine_ls_shell.pdbx_phase_error 
_refine_ls_shell.pdbx_fsc_work 
_refine_ls_shell.pdbx_fsc_free 
'X-RAY DIFFRACTION' 2.2300 2.5526  . . 125 2113 94.0000 . . . 0.3471 0.0000 0.2766 . . . . . . . . . . . 
'X-RAY DIFFRACTION' 2.5526 3.2157  . . 130 2263 99.0000 . . . 0.2501 0.0000 0.2535 . . . . . . . . . . . 
'X-RAY DIFFRACTION' 3.2157 36.4310 . . 119 2331 99.0000 . . . 0.2327 0.0000 0.2034 . . . . . . . . . . . 
# 
_struct.entry_id                     7EOO 
_struct.title                        'Crystal structure of the Pepper aptamer in complex with HBC525' 
_struct.pdbx_model_details           ? 
_struct.pdbx_formula_weight          ? 
_struct.pdbx_formula_weight_method   ? 
_struct.pdbx_model_type_details      ? 
_struct.pdbx_CASP_flag               N 
# 
_struct_keywords.entry_id        7EOO 
_struct_keywords.text            'Fluorescent RNA, Aptamer, HBC525, RNA' 
_struct_keywords.pdbx_keywords   RNA 
# 
loop_
_struct_asym.id 
_struct_asym.pdbx_blank_PDB_chainid_flag 
_struct_asym.pdbx_modified 
_struct_asym.entity_id 
_struct_asym.details 
A N N 1 ? 
B N N 2 ? 
C N N 3 ? 
D N N 4 ? 
E N N 4 ? 
F N N 4 ? 
G N N 4 ? 
H N N 5 ? 
# 
loop_
_struct_conn.id 
_struct_conn.conn_type_id 
_struct_conn.pdbx_leaving_atom_flag 
_struct_conn.pdbx_PDB_id 
_struct_conn.ptnr1_label_asym_id 
_struct_conn.ptnr1_label_comp_id 
_struct_conn.ptnr1_label_seq_id 
_struct_conn.ptnr1_label_atom_id 
_struct_conn.pdbx_ptnr1_label_alt_id 
_struct_conn.pdbx_ptnr1_PDB_ins_code 
_struct_conn.pdbx_ptnr1_standard_comp_id 
_struct_conn.ptnr1_symmetry 
_struct_conn.ptnr2_label_asym_id 
_struct_conn.ptnr2_label_comp_id 
_struct_conn.ptnr2_label_seq_id 
_struct_conn.ptnr2_label_atom_id 
_struct_conn.pdbx_ptnr2_label_alt_id 
_struct_conn.pdbx_ptnr2_PDB_ins_code 
_struct_conn.ptnr1_auth_asym_id 
_struct_conn.ptnr1_auth_comp_id 
_struct_conn.ptnr1_auth_seq_id 
_struct_conn.ptnr2_auth_asym_id 
_struct_conn.ptnr2_auth_comp_id 
_struct_conn.ptnr2_auth_seq_id 
_struct_conn.ptnr2_symmetry 
_struct_conn.pdbx_ptnr3_label_atom_id 
_struct_conn.pdbx_ptnr3_label_seq_id 
_struct_conn.pdbx_ptnr3_label_comp_id 
_struct_conn.pdbx_ptnr3_label_asym_id 
_struct_conn.pdbx_ptnr3_label_alt_id 
_struct_conn.pdbx_ptnr3_PDB_ins_code 
_struct_conn.details 
_struct_conn.pdbx_dist_value 
_struct_conn.pdbx_value_order 
_struct_conn.pdbx_role 
covale1  covale both ? A G  1  P   ? ? ? 1_555 B GTP .  "O3'" ? ? A G  2   A GTP 101 1_555 ? ? ? ? ? ? ?             1.574 ? ? 
metalc1  metalc ?    ? A C  6  OP2 ? ? ? 1_555 E MG  .  MG    ? ? A C  7   A MG  104 1_555 ? ? ? ? ? ? ?             1.927 ? ? 
metalc2  metalc ?    ? A U  7  OP2 ? ? ? 1_555 E MG  .  MG    ? ? A U  8   A MG  104 1_555 ? ? ? ? ? ? ?             1.717 ? ? 
metalc3  metalc ?    ? A A  29 OP2 ? ? ? 1_555 F MG  .  MG    ? ? A A  30  A MG  105 1_555 ? ? ? ? ? ? ?             2.076 ? ? 
metalc4  metalc ?    ? A U  31 OP2 ? ? ? 1_555 G MG  .  MG    ? ? A U  32  A MG  106 1_555 ? ? ? ? ? ? ?             2.061 ? ? 
metalc5  metalc ?    ? A U  41 OP2 ? ? ? 1_555 D MG  .  MG    ? ? A U  42  A MG  103 1_555 ? ? ? ? ? ? ?             1.991 ? ? 
metalc6  metalc ?    ? D MG .  MG  ? ? ? 1_555 H HOH .  O     ? ? A MG 103 A HOH 210 1_555 ? ? ? ? ? ? ?             2.015 ? ? 
metalc7  metalc ?    ? D MG .  MG  ? ? ? 1_555 H HOH .  O     ? ? A MG 103 A HOH 216 1_555 ? ? ? ? ? ? ?             1.970 ? ? 
metalc8  metalc ?    ? D MG .  MG  ? ? ? 1_555 H HOH .  O     ? ? A MG 103 A HOH 247 1_555 ? ? ? ? ? ? ?             2.365 ? ? 
metalc9  metalc ?    ? D MG .  MG  ? ? ? 1_555 H HOH .  O     ? ? A MG 103 A HOH 252 1_555 ? ? ? ? ? ? ?             1.999 ? ? 
metalc10 metalc ?    ? D MG .  MG  ? ? ? 1_555 H HOH .  O     ? ? A MG 103 A HOH 253 1_555 ? ? ? ? ? ? ?             2.053 ? ? 
metalc11 metalc ?    ? E MG .  MG  ? ? ? 1_555 H HOH .  O     ? ? A MG 104 A HOH 212 1_555 ? ? ? ? ? ? ?             2.060 ? ? 
metalc12 metalc ?    ? E MG .  MG  ? ? ? 1_555 H HOH .  O     ? ? A MG 104 A HOH 224 1_555 ? ? ? ? ? ? ?             2.082 ? ? 
metalc13 metalc ?    ? E MG .  MG  ? ? ? 1_555 H HOH .  O     ? ? A MG 104 A HOH 249 1_555 ? ? ? ? ? ? ?             1.954 ? ? 
metalc14 metalc ?    ? F MG .  MG  ? ? ? 1_555 H HOH .  O     ? ? A MG 105 A HOH 203 1_555 ? ? ? ? ? ? ?             2.449 ? ? 
metalc15 metalc ?    ? F MG .  MG  ? ? ? 1_555 H HOH .  O     ? ? A MG 105 A HOH 218 1_555 ? ? ? ? ? ? ?             1.963 ? ? 
metalc16 metalc ?    ? F MG .  MG  ? ? ? 1_555 H HOH .  O     ? ? A MG 105 A HOH 221 1_555 ? ? ? ? ? ? ?             2.024 ? ? 
metalc17 metalc ?    ? F MG .  MG  ? ? ? 1_555 H HOH .  O     ? ? A MG 105 A HOH 227 1_555 ? ? ? ? ? ? ?             2.049 ? ? 
metalc18 metalc ?    ? F MG .  MG  ? ? ? 1_555 H HOH .  O     ? ? A MG 105 A HOH 248 1_555 ? ? ? ? ? ? ?             2.349 ? ? 
metalc19 metalc ?    ? G MG .  MG  ? ? ? 1_555 H HOH .  O     ? ? A MG 106 A HOH 206 1_555 ? ? ? ? ? ? ?             2.168 ? ? 
metalc20 metalc ?    ? G MG .  MG  ? ? ? 1_555 H HOH .  O     ? ? A MG 106 A HOH 241 1_555 ? ? ? ? ? ? ?             1.868 ? ? 
metalc21 metalc ?    ? G MG .  MG  ? ? ? 1_555 H HOH .  O     ? ? A MG 106 A HOH 254 1_555 ? ? ? ? ? ? ?             2.287 ? ? 
metalc22 metalc ?    ? G MG .  MG  ? ? ? 1_555 H HOH .  O     ? ? A MG 106 A HOH 256 1_555 ? ? ? ? ? ? ?             2.438 ? ? 
metalc23 metalc ?    ? G MG .  MG  ? ? ? 1_555 H HOH .  O     ? ? A MG 106 A HOH 261 1_555 ? ? ? ? ? ? ?             2.269 ? ? 
hydrog1  hydrog ?    ? A G  1  N1  ? ? ? 1_555 A C   47 N3    ? ? A G  2   A C   48  1_555 ? ? ? ? ? ? WATSON-CRICK  ?     ? ? 
hydrog2  hydrog ?    ? A G  1  N2  ? ? ? 1_555 A C   47 O2    ? ? A G  2   A C   48  1_555 ? ? ? ? ? ? WATSON-CRICK  ?     ? ? 
hydrog3  hydrog ?    ? A G  1  O6  ? ? ? 1_555 A C   47 N4    ? ? A G  2   A C   48  1_555 ? ? ? ? ? ? WATSON-CRICK  ?     ? ? 
hydrog4  hydrog ?    ? A C  2  N3  ? ? ? 1_555 A G   46 N1    ? ? A C  3   A G   47  1_555 ? ? ? ? ? ? WATSON-CRICK  ?     ? ? 
hydrog5  hydrog ?    ? A C  2  N4  ? ? ? 1_555 A G   46 O6    ? ? A C  3   A G   47  1_555 ? ? ? ? ? ? WATSON-CRICK  ?     ? ? 
hydrog6  hydrog ?    ? A C  2  O2  ? ? ? 1_555 A G   46 N2    ? ? A C  3   A G   47  1_555 ? ? ? ? ? ? WATSON-CRICK  ?     ? ? 
hydrog7  hydrog ?    ? A G  3  N1  ? ? ? 1_555 A C   45 N3    ? ? A G  4   A C   46  1_555 ? ? ? ? ? ? WATSON-CRICK  ?     ? ? 
hydrog8  hydrog ?    ? A G  3  N2  ? ? ? 1_555 A C   45 O2    ? ? A G  4   A C   46  1_555 ? ? ? ? ? ? WATSON-CRICK  ?     ? ? 
hydrog9  hydrog ?    ? A G  3  O6  ? ? ? 1_555 A C   45 N4    ? ? A G  4   A C   46  1_555 ? ? ? ? ? ? WATSON-CRICK  ?     ? ? 
hydrog10 hydrog ?    ? A C  4  N3  ? ? ? 1_555 A G   44 N1    ? ? A C  5   A G   45  1_555 ? ? ? ? ? ? WATSON-CRICK  ?     ? ? 
hydrog11 hydrog ?    ? A C  4  N4  ? ? ? 1_555 A G   44 O6    ? ? A C  5   A G   45  1_555 ? ? ? ? ? ? WATSON-CRICK  ?     ? ? 
hydrog12 hydrog ?    ? A C  4  O2  ? ? ? 1_555 A G   44 N2    ? ? A C  5   A G   45  1_555 ? ? ? ? ? ? WATSON-CRICK  ?     ? ? 
hydrog13 hydrog ?    ? A C  6  N3  ? ? ? 1_555 A G   43 N1    ? ? A C  7   A G   44  1_555 ? ? ? ? ? ? WATSON-CRICK  ?     ? ? 
hydrog14 hydrog ?    ? A C  6  N4  ? ? ? 1_555 A G   43 O6    ? ? A C  7   A G   44  1_555 ? ? ? ? ? ? WATSON-CRICK  ?     ? ? 
hydrog15 hydrog ?    ? A C  6  O2  ? ? ? 1_555 A G   43 N2    ? ? A C  7   A G   44  1_555 ? ? ? ? ? ? WATSON-CRICK  ?     ? ? 
hydrog16 hydrog ?    ? A U  7  O4  ? ? ? 1_555 A G   40 N2    ? ? A U  8   A G   41  1_555 ? ? ? ? ? ? 'U-G MISPAIR' ?     ? ? 
hydrog17 hydrog ?    ? A U  7  N3  ? ? ? 1_555 A U   41 O4    ? ? A U  8   A U   42  1_555 ? ? ? ? ? ? TYPE_16_PAIR  ?     ? ? 
hydrog18 hydrog ?    ? A U  7  O2  ? ? ? 1_555 A U   41 N3    ? ? A U  8   A U   42  1_555 ? ? ? ? ? ? TYPE_16_PAIR  ?     ? ? 
hydrog19 hydrog ?    ? A G  8  N2  ? ? ? 1_555 A C   32 O2    ? ? A G  9   A C   33  1_555 ? ? ? ? ? ? 'G-C PAIR'    ?     ? ? 
hydrog20 hydrog ?    ? A G  9  N1  ? ? ? 1_555 A U   39 O2    ? ? A G  10  A U   40  1_555 ? ? ? ? ? ? TYPE_28_PAIR  ?     ? ? 
hydrog21 hydrog ?    ? A G  9  O6  ? ? ? 1_555 A U   39 N3    ? ? A G  10  A U   40  1_555 ? ? ? ? ? ? TYPE_28_PAIR  ?     ? ? 
hydrog22 hydrog ?    ? A C  10 N3  ? ? ? 1_555 A G   38 N1    ? ? A C  11  A G   39  1_555 ? ? ? ? ? ? WATSON-CRICK  ?     ? ? 
hydrog23 hydrog ?    ? A C  10 N4  ? ? ? 1_555 A G   38 O6    ? ? A C  11  A G   39  1_555 ? ? ? ? ? ? WATSON-CRICK  ?     ? ? 
hydrog24 hydrog ?    ? A C  10 O2  ? ? ? 1_555 A G   38 N2    ? ? A C  11  A G   39  1_555 ? ? ? ? ? ? WATSON-CRICK  ?     ? ? 
hydrog25 hydrog ?    ? A G  11 N1  ? ? ? 1_555 A C   37 N3    ? ? A G  12  A C   38  1_555 ? ? ? ? ? ? WATSON-CRICK  ?     ? ? 
hydrog26 hydrog ?    ? A G  11 N2  ? ? ? 1_555 A C   37 O2    ? ? A G  12  A C   38  1_555 ? ? ? ? ? ? WATSON-CRICK  ?     ? ? 
hydrog27 hydrog ?    ? A G  11 O6  ? ? ? 1_555 A C   37 N4    ? ? A G  12  A C   38  1_555 ? ? ? ? ? ? WATSON-CRICK  ?     ? ? 
hydrog28 hydrog ?    ? A C  12 N3  ? ? ? 1_555 A G   36 N1    ? ? A C  13  A G   37  1_555 ? ? ? ? ? ? WATSON-CRICK  ?     ? ? 
hydrog29 hydrog ?    ? A C  12 N4  ? ? ? 1_555 A G   36 O6    ? ? A C  13  A G   37  1_555 ? ? ? ? ? ? WATSON-CRICK  ?     ? ? 
hydrog30 hydrog ?    ? A C  12 O2  ? ? ? 1_555 A G   36 N2    ? ? A C  13  A G   37  1_555 ? ? ? ? ? ? WATSON-CRICK  ?     ? ? 
hydrog31 hydrog ?    ? A U  13 N3  ? ? ? 1_555 A A   35 N1    ? ? A U  14  A A   36  1_555 ? ? ? ? ? ? WATSON-CRICK  ?     ? ? 
hydrog32 hydrog ?    ? A U  13 O4  ? ? ? 1_555 A A   35 N6    ? ? A U  14  A A   36  1_555 ? ? ? ? ? ? WATSON-CRICK  ?     ? ? 
hydrog33 hydrog ?    ? A G  14 N1  ? ? ? 1_555 A C   27 N3    ? ? A G  15  A C   28  1_555 ? ? ? ? ? ? WATSON-CRICK  ?     ? ? 
hydrog34 hydrog ?    ? A G  14 N2  ? ? ? 1_555 A C   27 O2    ? ? A G  15  A C   28  1_555 ? ? ? ? ? ? WATSON-CRICK  ?     ? ? 
hydrog35 hydrog ?    ? A G  14 O6  ? ? ? 1_555 A C   27 N4    ? ? A G  15  A C   28  1_555 ? ? ? ? ? ? WATSON-CRICK  ?     ? ? 
hydrog36 hydrog ?    ? A C  15 N3  ? ? ? 1_555 A G   26 N1    ? ? A C  16  A G   27  1_555 ? ? ? ? ? ? WATSON-CRICK  ?     ? ? 
hydrog37 hydrog ?    ? A C  15 N4  ? ? ? 1_555 A G   26 O6    ? ? A C  16  A G   27  1_555 ? ? ? ? ? ? WATSON-CRICK  ?     ? ? 
hydrog38 hydrog ?    ? A C  15 O2  ? ? ? 1_555 A G   26 N2    ? ? A C  16  A G   27  1_555 ? ? ? ? ? ? WATSON-CRICK  ?     ? ? 
hydrog39 hydrog ?    ? A G  16 N1  ? ? ? 1_555 A C   25 N3    ? ? A G  17  A C   26  1_555 ? ? ? ? ? ? WATSON-CRICK  ?     ? ? 
hydrog40 hydrog ?    ? A G  16 N2  ? ? ? 1_555 A C   25 O2    ? ? A G  17  A C   26  1_555 ? ? ? ? ? ? WATSON-CRICK  ?     ? ? 
hydrog41 hydrog ?    ? A G  16 O6  ? ? ? 1_555 A C   25 N4    ? ? A G  17  A C   26  1_555 ? ? ? ? ? ? WATSON-CRICK  ?     ? ? 
hydrog42 hydrog ?    ? A C  17 N3  ? ? ? 1_555 A G   24 N1    ? ? A C  18  A G   25  1_555 ? ? ? ? ? ? WATSON-CRICK  ?     ? ? 
hydrog43 hydrog ?    ? A C  17 N4  ? ? ? 1_555 A G   24 O6    ? ? A C  18  A G   25  1_555 ? ? ? ? ? ? WATSON-CRICK  ?     ? ? 
hydrog44 hydrog ?    ? A C  17 O2  ? ? ? 1_555 A G   24 N2    ? ? A C  18  A G   25  1_555 ? ? ? ? ? ? WATSON-CRICK  ?     ? ? 
hydrog45 hydrog ?    ? A C  18 N3  ? ? ? 1_555 A G   23 N1    ? ? A C  19  A G   24  1_555 ? ? ? ? ? ? WATSON-CRICK  ?     ? ? 
hydrog46 hydrog ?    ? A C  18 N4  ? ? ? 1_555 A G   23 O6    ? ? A C  19  A G   24  1_555 ? ? ? ? ? ? WATSON-CRICK  ?     ? ? 
hydrog47 hydrog ?    ? A C  18 O2  ? ? ? 1_555 A G   23 N2    ? ? A C  19  A G   24  1_555 ? ? ? ? ? ? WATSON-CRICK  ?     ? ? 
hydrog48 hydrog ?    ? A U  31 N3  ? ? ? 1_555 A U   34 O4    ? ? A U  32  A U   35  1_555 ? ? ? ? ? ? 'U-U MISPAIR' ?     ? ? 
hydrog49 hydrog ?    ? A C  32 N4  ? ? ? 1_555 A U   39 O4    ? ? A C  33  A U   40  1_555 ? ? ? ? ? ? 'C-U MISPAIR' ?     ? ? 
hydrog50 hydrog ?    ? A G  33 N2  ? ? ? 1_555 A G   38 N7    ? ? A G  34  A G   39  1_555 ? ? ? ? ? ? 'G-G MISPAIR' ?     ? ? 
# 
loop_
_struct_conn_type.id 
_struct_conn_type.criteria 
_struct_conn_type.reference 
covale ? ? 
metalc ? ? 
hydrog ? ? 
# 
_atom_sites.entry_id                    7EOO 
_atom_sites.Cartn_transf_matrix[1][1]   ? 
_atom_sites.Cartn_transf_matrix[1][2]   ? 
_atom_sites.Cartn_transf_matrix[1][3]   ? 
_atom_sites.Cartn_transf_matrix[2][1]   ? 
_atom_sites.Cartn_transf_matrix[2][2]   ? 
_atom_sites.Cartn_transf_matrix[2][3]   ? 
_atom_sites.Cartn_transf_matrix[3][1]   ? 
_atom_sites.Cartn_transf_matrix[3][2]   ? 
_atom_sites.Cartn_transf_matrix[3][3]   ? 
_atom_sites.Cartn_transf_vector[1]      ? 
_atom_sites.Cartn_transf_vector[2]      ? 
_atom_sites.Cartn_transf_vector[3]      ? 
_atom_sites.fract_transf_matrix[1][1]   0.00196859 
_atom_sites.fract_transf_matrix[1][2]   -0.00540371 
_atom_sites.fract_transf_matrix[1][3]   -0.01246185 
_atom_sites.fract_transf_matrix[2][1]   0.02606881 
_atom_sites.fract_transf_matrix[2][2]   -0.00917756 
_atom_sites.fract_transf_matrix[2][3]   0.00809764 
_atom_sites.fract_transf_matrix[3][1]   -0.00496301 
_atom_sites.fract_transf_matrix[3][2]   -0.02010019 
_atom_sites.fract_transf_matrix[3][3]   -0.00680335 
_atom_sites.fract_transf_vector[1]      0.340270 
_atom_sites.fract_transf_vector[2]      0.527928 
_atom_sites.fract_transf_vector[3]      -0.044807 
_atom_sites.solution_primary            ? 
_atom_sites.solution_secondary          ? 
_atom_sites.solution_hydrogens          ? 
_atom_sites.special_details             ? 
# 
loop_
_atom_type.symbol 
C  
MG 
N  
O  
P  
# 
loop_
_atom_site.group_PDB 
_atom_site.id 
_atom_site.type_symbol 
_atom_site.label_atom_id 
_atom_site.label_alt_id 
_atom_site.label_comp_id 
_atom_site.label_asym_id 
_atom_site.label_entity_id 
_atom_site.label_seq_id 
_atom_site.pdbx_PDB_ins_code 
_atom_site.Cartn_x 
_atom_site.Cartn_y 
_atom_site.Cartn_z 
_atom_site.occupancy 
_atom_site.B_iso_or_equiv 
_atom_site.pdbx_formal_charge 
_atom_site.auth_seq_id 
_atom_site.auth_comp_id 
_atom_site.auth_asym_id 
_atom_site.auth_atom_id 
_atom_site.pdbx_PDB_model_num 
ATOM   1    P  P     . G   A 1 1  ? -13.203 -13.816 -9.017  1.00 26.40  ?  2   G   A P     1 
ATOM   2    O  OP1   . G   A 1 1  ? -13.247 -13.262 -10.403 1.00 22.15  ?  2   G   A OP1   1 
ATOM   3    O  OP2   . G   A 1 1  ? -12.142 -14.756 -8.524  1.00 24.78  ?  2   G   A OP2   1 
ATOM   4    O  "O5'" . G   A 1 1  ? -14.628 -14.137 -8.373  1.00 21.28  ?  2   G   A "O5'" 1 
ATOM   5    C  "C5'" . G   A 1 1  ? -15.837 -13.644 -8.937  1.00 21.58  ?  2   G   A "C5'" 1 
ATOM   6    C  "C4'" . G   A 1 1  ? -16.958 -13.686 -7.923  1.00 22.77  ?  2   G   A "C4'" 1 
ATOM   7    O  "O4'" . G   A 1 1  ? -17.122 -15.048 -7.443  1.00 25.11  ?  2   G   A "O4'" 1 
ATOM   8    C  "C3'" . G   A 1 1  ? -16.741 -12.878 -6.653  1.00 24.43  ?  2   G   A "C3'" 1 
ATOM   9    O  "O3'" . G   A 1 1  ? -17.021 -11.493 -6.800  1.00 21.76  ?  2   G   A "O3'" 1 
ATOM   10   C  "C2'" . G   A 1 1  ? -17.654 -13.584 -5.662  1.00 24.70  ?  2   G   A "C2'" 1 
ATOM   11   O  "O2'" . G   A 1 1  ? -19.003 -13.220 -5.906  1.00 26.52  ?  2   G   A "O2'" 1 
ATOM   12   C  "C1'" . G   A 1 1  ? -17.458 -15.045 -6.073  1.00 23.29  ?  2   G   A "C1'" 1 
ATOM   13   N  N9    . G   A 1 1  ? -16.356 -15.682 -5.315  1.00 22.27  ?  2   G   A N9    1 
ATOM   14   C  C8    . G   A 1 1  ? -15.057 -15.842 -5.729  1.00 22.30  ?  2   G   A C8    1 
ATOM   15   N  N7    . G   A 1 1  ? -14.302 -16.422 -4.832  1.00 22.39  ?  2   G   A N7    1 
ATOM   16   C  C5    . G   A 1 1  ? -15.157 -16.672 -3.755  1.00 22.70  ?  2   G   A C5    1 
ATOM   17   C  C6    . G   A 1 1  ? -14.923 -17.270 -2.478  1.00 21.58  ?  2   G   A C6    1 
ATOM   18   O  O6    . G   A 1 1  ? -13.870 -17.729 -2.020  1.00 25.60  ?  2   G   A O6    1 
ATOM   19   N  N1    . G   A 1 1  ? -16.060 -17.307 -1.674  1.00 22.00  ?  2   G   A N1    1 
ATOM   20   C  C2    . G   A 1 1  ? -17.288 -16.821 -2.074  1.00 22.74  ?  2   G   A C2    1 
ATOM   21   N  N2    . G   A 1 1  ? -18.301 -16.934 -1.202  1.00 21.25  ?  2   G   A N2    1 
ATOM   22   N  N3    . G   A 1 1  ? -17.513 -16.259 -3.248  1.00 20.87  ?  2   G   A N3    1 
ATOM   23   C  C4    . G   A 1 1  ? -16.421 -16.209 -4.040  1.00 20.85  ?  2   G   A C4    1 
ATOM   24   P  P     . C   A 1 2  ? -16.079 -10.386 -6.096  1.00 23.44  ?  3   C   A P     1 
ATOM   25   O  OP1   . C   A 1 2  ? -16.610 -9.094  -6.609  1.00 24.97  ?  3   C   A OP1   1 
ATOM   26   O  OP2   . C   A 1 2  ? -14.657 -10.751 -6.294  1.00 23.82  ?  3   C   A OP2   1 
ATOM   27   O  "O5'" . C   A 1 2  ? -16.380 -10.561 -4.552  1.00 21.43  ?  3   C   A "O5'" 1 
ATOM   28   C  "C5'" . C   A 1 2  ? -17.704 -10.450 -4.067  1.00 22.91  ?  3   C   A "C5'" 1 
ATOM   29   C  "C4'" . C   A 1 2  ? -17.802 -10.911 -2.639  1.00 21.90  ?  3   C   A "C4'" 1 
ATOM   30   O  "O4'" . C   A 1 2  ? -17.585 -12.338 -2.555  1.00 20.66  ?  3   C   A "O4'" 1 
ATOM   31   C  "C3'" . C   A 1 2  ? -16.785 -10.360 -1.659  1.00 21.18  ?  3   C   A "C3'" 1 
ATOM   32   O  "O3'" . C   A 1 2  ? -17.012 -9.008  -1.293  1.00 21.60  ?  3   C   A "O3'" 1 
ATOM   33   C  "C2'" . C   A 1 2  ? -16.920 -11.344 -0.515  1.00 21.80  ?  3   C   A "C2'" 1 
ATOM   34   O  "O2'" . C   A 1 2  ? -18.106 -11.097 0.224   1.00 21.27  ?  3   C   A "O2'" 1 
ATOM   35   C  "C1'" . C   A 1 2  ? -17.087 -12.659 -1.284  1.00 21.85  ?  3   C   A "C1'" 1 
ATOM   36   N  N1    . C   A 1 2  ? -15.776 -13.317 -1.444  1.00 21.35  ?  3   C   A N1    1 
ATOM   37   C  C2    . C   A 1 2  ? -15.358 -14.111 -0.386  1.00 23.88  ?  3   C   A C2    1 
ATOM   38   O  O2    . C   A 1 2  ? -16.143 -14.238 0.571   1.00 24.11  ?  3   C   A O2    1 
ATOM   39   N  N3    . C   A 1 2  ? -14.136 -14.724 -0.446  1.00 26.51  ?  3   C   A N3    1 
ATOM   40   C  C4    . C   A 1 2  ? -13.377 -14.536 -1.536  1.00 23.98  ?  3   C   A C4    1 
ATOM   41   N  N4    . C   A 1 2  ? -12.191 -15.123 -1.590  1.00 22.57  ?  3   C   A N4    1 
ATOM   42   C  C5    . C   A 1 2  ? -13.795 -13.710 -2.625  1.00 23.92  ?  3   C   A C5    1 
ATOM   43   C  C6    . C   A 1 2  ? -14.984 -13.111 -2.532  1.00 20.50  ?  3   C   A C6    1 
ATOM   44   P  P     . G   A 1 3  ? -15.830 -8.095  -0.674  1.00 23.38  ?  4   G   A P     1 
ATOM   45   O  OP1   . G   A 1 3  ? -16.456 -6.776  -0.442  1.00 22.57  ?  4   G   A OP1   1 
ATOM   46   O  OP2   . G   A 1 3  ? -14.573 -8.190  -1.455  1.00 25.01  ?  4   G   A OP2   1 
ATOM   47   O  "O5'" . G   A 1 3  ? -15.542 -8.742  0.744   1.00 21.95  ?  4   G   A "O5'" 1 
ATOM   48   C  "C5'" . G   A 1 3  ? -16.536 -8.764  1.751   1.00 21.89  ?  4   G   A "C5'" 1 
ATOM   49   C  "C4'" . G   A 1 3  ? -16.054 -9.567  2.926   1.00 20.14  ?  4   G   A "C4'" 1 
ATOM   50   O  "O4'" . G   A 1 3  ? -15.728 -10.903 2.478   1.00 23.56  ?  4   G   A "O4'" 1 
ATOM   51   C  "C3'" . G   A 1 3  ? -14.768 -9.051  3.568   1.00 22.60  ?  4   G   A "C3'" 1 
ATOM   52   O  "O3'" . G   A 1 3  ? -15.014 -8.008  4.508   1.00 23.03  ?  4   G   A "O3'" 1 
ATOM   53   C  "C2'" . G   A 1 3  ? -14.153 -10.309 4.178   1.00 22.28  ?  4   G   A "C2'" 1 
ATOM   54   O  "O2'" . G   A 1 3  ? -14.706 -10.580 5.461   1.00 24.63  ?  4   G   A "O2'" 1 
ATOM   55   C  "C1'" . G   A 1 3  ? -14.618 -11.402 3.198   1.00 22.73  ?  4   G   A "C1'" 1 
ATOM   56   N  N9    . G   A 1 3  ? -13.561 -11.798 2.252   1.00 23.34  ?  4   G   A N9    1 
ATOM   57   C  C8    . G   A 1 3  ? -13.377 -11.467 0.925   1.00 23.89  ?  4   G   A C8    1 
ATOM   58   N  N7    . G   A 1 3  ? -12.292 -12.012 0.394   1.00 20.77  ?  4   G   A N7    1 
ATOM   59   C  C5    . G   A 1 3  ? -11.727 -12.721 1.459   1.00 23.74  ?  4   G   A C5    1 
ATOM   60   C  C6    . G   A 1 3  ? -10.546 -13.520 1.534   1.00 22.65  ?  4   G   A C6    1 
ATOM   61   O  O6    . G   A 1 3  ? -9.733  -13.764 0.646   1.00 21.40  ?  4   G   A O6    1 
ATOM   62   N  N1    . G   A 1 3  ? -10.360 -14.055 2.792   1.00 20.74  ?  4   G   A N1    1 
ATOM   63   C  C2    . G   A 1 3  ? -11.195 -13.852 3.863   1.00 23.87  ?  4   G   A C2    1 
ATOM   64   N  N2    . G   A 1 3  ? -10.853 -14.445 5.013   1.00 23.03  ?  4   G   A N2    1 
ATOM   65   N  N3    . G   A 1 3  ? -12.293 -13.120 3.825   1.00 21.93  ?  4   G   A N3    1 
ATOM   66   C  C4    . G   A 1 3  ? -12.494 -12.596 2.599   1.00 23.40  ?  4   G   A C4    1 
ATOM   67   P  P     . C   A 1 4  ? -13.939 -6.830  4.750   1.00 24.61  ?  5   C   A P     1 
ATOM   68   O  OP1   . C   A 1 4  ? -14.644 -5.775  5.512   1.00 24.79  ?  5   C   A OP1   1 
ATOM   69   O  OP2   . C   A 1 4  ? -13.218 -6.464  3.505   1.00 22.14  ?  5   C   A OP2   1 
ATOM   70   O  "O5'" . C   A 1 4  ? -12.807 -7.514  5.652   1.00 24.35  ?  5   C   A "O5'" 1 
ATOM   71   C  "C5'" . C   A 1 4  ? -13.104 -8.054  6.929   1.00 21.59  ?  5   C   A "C5'" 1 
ATOM   72   C  "C4'" . C   A 1 4  ? -11.968 -8.916  7.433   1.00 25.12  ?  5   C   A "C4'" 1 
ATOM   73   O  "O4'" . C   A 1 4  ? -11.773 -10.054 6.559   1.00 28.13  ?  5   C   A "O4'" 1 
ATOM   74   C  "C3'" . C   A 1 4  ? -10.598 -8.260  7.513   1.00 22.17  ?  5   C   A "C3'" 1 
ATOM   75   O  "O3'" . C   A 1 4  ? -10.442 -7.534  8.721   1.00 27.72  ?  5   C   A "O3'" 1 
ATOM   76   C  "C2'" . C   A 1 4  ? -9.641  -9.447  7.436   1.00 24.49  ?  5   C   A "C2'" 1 
ATOM   77   O  "O2'" . C   A 1 4  ? -9.436  -10.013 8.722   1.00 25.75  ?  5   C   A "O2'" 1 
ATOM   78   C  "C1'" . C   A 1 4  ? -10.426 -10.454 6.587   1.00 26.30  ?  5   C   A "C1'" 1 
ATOM   79   N  N1    . C   A 1 4  ? -9.915  -10.588 5.205   1.00 23.99  ?  5   C   A N1    1 
ATOM   80   C  C2    . C   A 1 4  ? -8.720  -11.324 5.033   1.00 25.52  ?  5   C   A C2    1 
ATOM   81   O  O2    . C   A 1 4  ? -8.135  -11.793 6.022   1.00 24.97  ?  5   C   A O2    1 
ATOM   82   N  N3    . C   A 1 4  ? -8.207  -11.493 3.797   1.00 23.75  ?  5   C   A N3    1 
ATOM   83   C  C4    . C   A 1 4  ? -8.841  -10.975 2.753   1.00 24.38  ?  5   C   A C4    1 
ATOM   84   N  N4    . C   A 1 4  ? -8.297  -11.186 1.551   1.00 23.38  ?  5   C   A N4    1 
ATOM   85   C  C5    . C   A 1 4  ? -10.053 -10.226 2.906   1.00 23.63  ?  5   C   A C5    1 
ATOM   86   C  C6    . C   A 1 4  ? -10.559 -10.060 4.137   1.00 21.65  ?  5   C   A C6    1 
ATOM   87   P  P     . A   A 1 5  ? -9.959  -6.005  8.726   1.00 25.82  ?  6   A   A P     1 
ATOM   88   O  OP1   . A   A 1 5  ? -9.892  -5.613  10.155  1.00 29.61  ?  6   A   A OP1   1 
ATOM   89   O  OP2   . A   A 1 5  ? -10.817 -5.196  7.821   1.00 25.42  ?  6   A   A OP2   1 
ATOM   90   O  "O5'" . A   A 1 5  ? -8.499  -6.063  8.094   1.00 24.16  ?  6   A   A "O5'" 1 
ATOM   91   C  "C5'" . A   A 1 5  ? -7.420  -6.680  8.795   1.00 28.96  ?  6   A   A "C5'" 1 
ATOM   92   C  "C4'" . A   A 1 5  ? -6.239  -6.917  7.886   1.00 27.84  ?  6   A   A "C4'" 1 
ATOM   93   O  "O4'" . A   A 1 5  ? -6.735  -7.434  6.622   1.00 26.51  ?  6   A   A "O4'" 1 
ATOM   94   C  "C3'" . A   A 1 5  ? -5.432  -5.672  7.548   1.00 26.82  ?  6   A   A "C3'" 1 
ATOM   95   O  "O3'" . A   A 1 5  ? -4.076  -6.029  7.303   1.00 30.44  ?  6   A   A "O3'" 1 
ATOM   96   C  "C2'" . A   A 1 5  ? -6.057  -5.197  6.245   1.00 27.74  ?  6   A   A "C2'" 1 
ATOM   97   O  "O2'" . A   A 1 5  ? -5.169  -4.461  5.431   1.00 25.57  ?  6   A   A "O2'" 1 
ATOM   98   C  "C1'" . A   A 1 5  ? -6.464  -6.515  5.576   1.00 27.10  ?  6   A   A "C1'" 1 
ATOM   99   N  N9    . A   A 1 5  ? -7.685  -6.389  4.765   1.00 26.69  ?  6   A   A N9    1 
ATOM   100  C  C8    . A   A 1 5  ? -8.801  -5.646  5.052   1.00 28.03  ?  6   A   A C8    1 
ATOM   101  N  N7    . A   A 1 5  ? -9.757  -5.708  4.152   1.00 24.81  ?  6   A   A N7    1 
ATOM   102  C  C5    . A   A 1 5  ? -9.236  -6.539  3.188   1.00 27.19  ?  6   A   A C5    1 
ATOM   103  C  C6    . A   A 1 5  ? -9.769  -7.008  1.968   1.00 27.50  ?  6   A   A C6    1 
ATOM   104  N  N6    . A   A 1 5  ? -10.981 -6.678  1.491   1.00 22.91  ?  6   A   A N6    1 
ATOM   105  N  N1    . A   A 1 5  ? -8.977  -7.835  1.250   1.00 26.42  ?  6   A   A N1    1 
ATOM   106  C  C2    . A   A 1 5  ? -7.765  -8.162  1.725   1.00 26.09  ?  6   A   A C2    1 
ATOM   107  N  N3    . A   A 1 5  ? -7.168  -7.806  2.860   1.00 24.92  ?  6   A   A N3    1 
ATOM   108  C  C4    . A   A 1 5  ? -7.965  -6.977  3.555   1.00 28.10  ?  6   A   A C4    1 
ATOM   109  P  P     . C   A 1 6  ? -3.049  -6.124  8.528   1.00 26.24  ?  7   C   A P     1 
ATOM   110  O  OP1   . C   A 1 6  ? -3.640  -5.437  9.681   1.00 21.38  ?  7   C   A OP1   1 
ATOM   111  O  OP2   . C   A 1 6  ? -1.708  -5.772  7.994   1.00 24.80  ?  7   C   A OP2   1 
ATOM   112  O  "O5'" . C   A 1 6  ? -3.071  -7.670  8.891   1.00 26.48  ?  7   C   A "O5'" 1 
ATOM   113  C  "C5'" . C   A 1 6  ? -2.211  -8.192  9.891   1.00 30.54  ?  7   C   A "C5'" 1 
ATOM   114  C  "C4'" . C   A 1 6  ? -1.526  -9.443  9.409   1.00 28.10  ?  7   C   A "C4'" 1 
ATOM   115  O  "O4'" . C   A 1 6  ? -2.517  -10.345 8.843   1.00 34.22  ?  7   C   A "O4'" 1 
ATOM   116  C  "C3'" . C   A 1 6  ? -0.525  -9.237  8.290   1.00 28.42  ?  7   C   A "C3'" 1 
ATOM   117  O  "O3'" . C   A 1 6  ? 0.745   -8.863  8.779   1.00 27.20  ?  7   C   A "O3'" 1 
ATOM   118  C  "C2'" . C   A 1 6  ? -0.518  -10.587 7.593   1.00 27.38  ?  7   C   A "C2'" 1 
ATOM   119  O  "O2'" . C   A 1 6  ? 0.268   -11.494 8.339   1.00 31.07  ?  7   C   A "O2'" 1 
ATOM   120  C  "C1'" . C   A 1 6  ? -1.984  -11.009 7.726   1.00 26.80  ?  7   C   A "C1'" 1 
ATOM   121  N  N1    . C   A 1 6  ? -2.813  -10.664 6.545   1.00 29.34  ?  7   C   A N1    1 
ATOM   122  C  C2    . C   A 1 6  ? -2.597  -11.326 5.329   1.00 29.14  ?  7   C   A C2    1 
ATOM   123  O  O2    . C   A 1 6  ? -1.684  -12.158 5.254   1.00 27.17  ?  7   C   A O2    1 
ATOM   124  N  N3    . C   A 1 6  ? -3.369  -11.029 4.256   1.00 27.02  ?  7   C   A N3    1 
ATOM   125  C  C4    . C   A 1 6  ? -4.343  -10.130 4.354   1.00 25.91  ?  7   C   A C4    1 
ATOM   126  N  N4    . C   A 1 6  ? -5.072  -9.887  3.253   1.00 24.59  ?  7   C   A N4    1 
ATOM   127  C  C5    . C   A 1 6  ? -4.600  -9.457  5.584   1.00 25.78  ?  7   C   A C5    1 
ATOM   128  C  C6    . C   A 1 6  ? -3.835  -9.752  6.643   1.00 27.47  ?  7   C   A C6    1 
ATOM   129  P  P     . U   A 1 7  ? 1.729   -7.965  7.886   1.00 26.69  ?  8   U   A P     1 
ATOM   130  O  OP1   . U   A 1 7  ? 3.091   -8.049  8.489   1.00 28.30  ?  8   U   A OP1   1 
ATOM   131  O  OP2   . U   A 1 7  ? 1.108   -6.658  7.628   1.00 26.10  ?  8   U   A OP2   1 
ATOM   132  O  "O5'" . U   A 1 7  ? 1.691   -8.633  6.444   1.00 29.11  ?  8   U   A "O5'" 1 
ATOM   133  C  "C5'" . U   A 1 7  ? 2.572   -9.676  6.057   1.00 30.57  ?  8   U   A "C5'" 1 
ATOM   134  C  "C4'" . U   A 1 7  ? 2.330   -10.045 4.611   1.00 32.40  ?  8   U   A "C4'" 1 
ATOM   135  O  "O4'" . U   A 1 7  ? 0.926   -10.382 4.422   1.00 29.89  ?  8   U   A "O4'" 1 
ATOM   136  C  "C3'" . U   A 1 7  ? 2.585   -8.931  3.605   1.00 33.49  ?  8   U   A "C3'" 1 
ATOM   137  O  "O3'" . U   A 1 7  ? 3.943   -8.831  3.225   1.00 33.11  ?  8   U   A "O3'" 1 
ATOM   138  C  "C2'" . U   A 1 7  ? 1.662   -9.293  2.450   1.00 31.04  ?  8   U   A "C2'" 1 
ATOM   139  O  "O2'" . U   A 1 7  ? 2.229   -10.322 1.671   1.00 34.18  ?  8   U   A "O2'" 1 
ATOM   140  C  "C1'" . U   A 1 7  ? 0.462   -9.867  3.191   1.00 31.28  ?  8   U   A "C1'" 1 
ATOM   141  N  N1    . U   A 1 7  ? -0.556  -8.824  3.463   1.00 27.15  ?  8   U   A N1    1 
ATOM   142  C  C2    . U   A 1 7  ? -1.495  -8.568  2.486   1.00 27.58  ?  8   U   A C2    1 
ATOM   143  O  O2    . U   A 1 7  ? -1.535  -9.146  1.417   1.00 27.19  ?  8   U   A O2    1 
ATOM   144  N  N3    . U   A 1 7  ? -2.408  -7.601  2.804   1.00 27.96  ?  8   U   A N3    1 
ATOM   145  C  C4    . U   A 1 7  ? -2.469  -6.879  3.964   1.00 25.99  ?  8   U   A C4    1 
ATOM   146  O  O4    . U   A 1 7  ? -3.351  -6.036  4.084   1.00 29.78  ?  8   U   A O4    1 
ATOM   147  C  C5    . U   A 1 7  ? -1.464  -7.202  4.932   1.00 27.74  ?  8   U   A C5    1 
ATOM   148  C  C6    . U   A 1 7  ? -0.569  -8.137  4.650   1.00 26.85  ?  8   U   A C6    1 
ATOM   149  P  P     . G   A 1 8  ? 4.855   -7.648  3.805   1.00 32.17  ?  9   G   A P     1 
ATOM   150  O  OP1   . G   A 1 8  ? 6.141   -7.777  3.093   1.00 38.57  ?  9   G   A OP1   1 
ATOM   151  O  OP2   . G   A 1 8  ? 4.799   -7.627  5.290   1.00 29.18  ?  9   G   A OP2   1 
ATOM   152  O  "O5'" . G   A 1 8  ? 4.186   -6.339  3.215   1.00 32.11  ?  9   G   A "O5'" 1 
ATOM   153  C  "C5'" . G   A 1 8  ? 3.916   -6.271  1.824   1.00 30.01  ?  9   G   A "C5'" 1 
ATOM   154  C  "C4'" . G   A 1 8  ? 3.074   -5.071  1.502   1.00 33.01  ?  9   G   A "C4'" 1 
ATOM   155  O  "O4'" . G   A 1 8  ? 1.830   -5.130  2.259   1.00 28.10  ?  9   G   A "O4'" 1 
ATOM   156  C  "C3'" . G   A 1 8  ? 3.721   -3.721  1.841   1.00 28.88  ?  9   G   A "C3'" 1 
ATOM   157  O  "O3'" . G   A 1 8  ? 3.465   -2.800  0.792   1.00 29.98  ?  9   G   A "O3'" 1 
ATOM   158  C  "C2'" . G   A 1 8  ? 2.968   -3.279  3.091   1.00 29.19  ?  9   G   A "C2'" 1 
ATOM   159  O  "O2'" . G   A 1 8  ? 2.903   -1.878  3.269   1.00 33.08  ?  9   G   A "O2'" 1 
ATOM   160  C  "C1'" . G   A 1 8  ? 1.594   -3.861  2.829   1.00 29.13  ?  9   G   A "C1'" 1 
ATOM   161  N  N9    . G   A 1 8  ? 0.730   -3.966  4.009   1.00 24.20  ?  9   G   A N9    1 
ATOM   162  C  C8    . G   A 1 8  ? 0.981   -4.510  5.238   1.00 26.59  ?  9   G   A C8    1 
ATOM   163  N  N7    . G   A 1 8  ? -0.036  -4.409  6.048   1.00 25.48  ?  9   G   A N7    1 
ATOM   164  C  C5    . G   A 1 8  ? -1.003  -3.747  5.310   1.00 25.36  ?  9   G   A C5    1 
ATOM   165  C  C6    . G   A 1 8  ? -2.307  -3.347  5.664   1.00 24.33  ?  9   G   A C6    1 
ATOM   166  O  O6    . G   A 1 8  ? -2.896  -3.503  6.748   1.00 28.40  ?  9   G   A O6    1 
ATOM   167  N  N1    . G   A 1 8  ? -2.939  -2.705  4.612   1.00 24.13  ?  9   G   A N1    1 
ATOM   168  C  C2    . G   A 1 8  ? -2.394  -2.470  3.376   1.00 25.34  ?  9   G   A C2    1 
ATOM   169  N  N2    . G   A 1 8  ? -3.170  -1.827  2.500   1.00 21.20  ?  9   G   A N2    1 
ATOM   170  N  N3    . G   A 1 8  ? -1.169  -2.831  3.036   1.00 25.27  ?  9   G   A N3    1 
ATOM   171  C  C4    . G   A 1 8  ? -0.543  -3.462  4.052   1.00 24.82  ?  9   G   A C4    1 
ATOM   172  P  P     . G   A 1 9  ? 4.641   -1.896  0.178   1.00 30.45  ?  10  G   A P     1 
ATOM   173  O  OP1   . G   A 1 9  ? 5.950   -2.268  0.775   1.00 37.10  ?  10  G   A OP1   1 
ATOM   174  O  OP2   . G   A 1 9  ? 4.195   -0.479  0.260   1.00 33.27  ?  10  G   A OP2   1 
ATOM   175  O  "O5'" . G   A 1 9  ? 4.696   -2.400  -1.323  1.00 32.84  ?  10  G   A "O5'" 1 
ATOM   176  C  "C5'" . G   A 1 9  ? 5.076   -3.742  -1.600  1.00 32.53  ?  10  G   A "C5'" 1 
ATOM   177  C  "C4'" . G   A 1 9  ? 4.201   -4.345  -2.661  1.00 31.53  ?  10  G   A "C4'" 1 
ATOM   178  O  "O4'" . G   A 1 9  ? 2.887   -4.625  -2.108  1.00 36.69  ?  10  G   A "O4'" 1 
ATOM   179  C  "C3'" . G   A 1 9  ? 3.918   -3.434  -3.844  1.00 35.02  ?  10  G   A "C3'" 1 
ATOM   180  O  "O3'" . G   A 1 9  ? 4.974   -3.390  -4.796  1.00 29.41  ?  10  G   A "O3'" 1 
ATOM   181  C  "C2'" . G   A 1 9  ? 2.593   -3.967  -4.380  1.00 31.09  ?  10  G   A "C2'" 1 
ATOM   182  O  "O2'" . G   A 1 9  ? 2.807   -5.091  -5.203  1.00 36.70  ?  10  G   A "O2'" 1 
ATOM   183  C  "C1'" . G   A 1 9  ? 1.898   -4.441  -3.102  1.00 30.44  ?  10  G   A "C1'" 1 
ATOM   184  N  N9    . G   A 1 9  ? 0.882   -3.483  -2.621  1.00 32.33  ?  10  G   A N9    1 
ATOM   185  C  C8    . G   A 1 9  ? 0.862   -2.758  -1.450  1.00 32.01  ?  10  G   A C8    1 
ATOM   186  N  N7    . G   A 1 9  ? -0.214  -2.002  -1.331  1.00 30.80  ?  10  G   A N7    1 
ATOM   187  C  C5    . G   A 1 9  ? -0.957  -2.245  -2.485  1.00 29.16  ?  10  G   A C5    1 
ATOM   188  C  C6    . G   A 1 9  ? -2.219  -1.720  -2.935  1.00 31.22  ?  10  G   A C6    1 
ATOM   189  O  O6    . G   A 1 9  ? -2.977  -0.902  -2.391  1.00 29.79  ?  10  G   A O6    1 
ATOM   190  N  N1    . G   A 1 9  ? -2.584  -2.236  -4.164  1.00 27.83  ?  10  G   A N1    1 
ATOM   191  C  C2    . G   A 1 9  ? -1.830  -3.150  -4.867  1.00 30.77  ?  10  G   A C2    1 
ATOM   192  N  N2    . G   A 1 9  ? -2.326  -3.543  -6.043  1.00 29.98  ?  10  G   A N2    1 
ATOM   193  N  N3    . G   A 1 9  ? -0.668  -3.643  -4.469  1.00 29.44  ?  10  G   A N3    1 
ATOM   194  C  C4    . G   A 1 9  ? -0.287  -3.157  -3.280  1.00 31.26  ?  10  G   A C4    1 
ATOM   195  P  P     . C   A 1 10 ? 5.326   -1.999  -5.520  1.00 32.69  ?  11  C   A P     1 
ATOM   196  O  OP1   . C   A 1 10 ? 6.520   -2.146  -6.375  1.00 35.01  ?  11  C   A OP1   1 
ATOM   197  O  OP2   . C   A 1 10 ? 5.380   -0.952  -4.466  1.00 29.99  ?  11  C   A OP2   1 
ATOM   198  O  "O5'" . C   A 1 10 ? 4.027   -1.706  -6.414  1.00 33.37  ?  11  C   A "O5'" 1 
ATOM   199  C  "C5'" . C   A 1 10 ? 3.606   -2.612  -7.426  1.00 30.61  ?  11  C   A "C5'" 1 
ATOM   200  C  "C4'" . C   A 1 10 ? 2.249   -2.259  -7.997  1.00 33.73  ?  11  C   A "C4'" 1 
ATOM   201  O  "O4'" . C   A 1 10 ? 1.201   -2.473  -7.014  1.00 32.98  ?  11  C   A "O4'" 1 
ATOM   202  C  "C3'" . C   A 1 10 ? 2.052   -0.818  -8.431  1.00 35.35  ?  11  C   A "C3'" 1 
ATOM   203  O  "O3'" . C   A 1 10 ? 2.632   -0.550  -9.687  1.00 33.62  ?  11  C   A "O3'" 1 
ATOM   204  C  "C2'" . C   A 1 10 ? 0.537   -0.682  -8.427  1.00 34.70  ?  11  C   A "C2'" 1 
ATOM   205  O  "O2'" . C   A 1 10 ? -0.029  -1.273  -9.585  1.00 35.93  ?  11  C   A "O2'" 1 
ATOM   206  C  "C1'" . C   A 1 10 ? 0.162   -1.533  -7.214  1.00 33.14  ?  11  C   A "C1'" 1 
ATOM   207  N  N1    . C   A 1 10 ? 0.045   -0.689  -6.007  1.00 32.19  ?  11  C   A N1    1 
ATOM   208  C  C2    . C   A 1 10 ? -1.134  0.036   -5.795  1.00 30.60  ?  11  C   A C2    1 
ATOM   209  O  O2    . C   A 1 10 ? -2.038  -0.071  -6.624  1.00 32.50  ?  11  C   A O2    1 
ATOM   210  N  N3    . C   A 1 10 ? -1.259  0.825   -4.700  1.00 30.64  ?  11  C   A N3    1 
ATOM   211  C  C4    . C   A 1 10 ? -0.223  0.900   -3.844  1.00 32.29  ?  11  C   A C4    1 
ATOM   212  N  N4    . C   A 1 10 ? -0.322  1.674   -2.764  1.00 27.30  ?  11  C   A N4    1 
ATOM   213  C  C5    . C   A 1 10 ? 0.988   0.169   -4.045  1.00 32.58  ?  11  C   A C5    1 
ATOM   214  C  C6    . C   A 1 10 ? 1.083   -0.600  -5.129  1.00 31.80  ?  11  C   A C6    1 
ATOM   215  P  P     . G   A 1 11 ? 3.108   0.930   -10.066 1.00 34.44  ?  12  G   A P     1 
ATOM   216  O  OP1   . G   A 1 11 ? 3.816   0.742   -11.351 1.00 35.77  ?  12  G   A OP1   1 
ATOM   217  O  OP2   . G   A 1 11 ? 3.814   1.588   -8.944  1.00 34.39  ?  12  G   A OP2   1 
ATOM   218  O  "O5'" . G   A 1 11 ? 1.752   1.709   -10.341 1.00 36.13  ?  12  G   A "O5'" 1 
ATOM   219  C  "C5'" . G   A 1 11 ? 0.914   1.321   -11.414 1.00 36.20  ?  12  G   A "C5'" 1 
ATOM   220  C  "C4'" . G   A 1 11 ? -0.288  2.218   -11.512 1.00 36.18  ?  12  G   A "C4'" 1 
ATOM   221  O  "O4'" . G   A 1 11 ? -1.146  2.014   -10.365 1.00 33.91  ?  12  G   A "O4'" 1 
ATOM   222  C  "C3'" . G   A 1 11 ? 0.009   3.702   -11.496 1.00 37.19  ?  12  G   A "C3'" 1 
ATOM   223  O  "O3'" . G   A 1 11 ? 0.403   4.198   -12.761 1.00 36.00  ?  12  G   A "O3'" 1 
ATOM   224  C  "C2'" . G   A 1 11 ? -1.294  4.298   -10.991 1.00 38.99  ?  12  G   A "C2'" 1 
ATOM   225  O  "O2'" . G   A 1 11 ? -2.241  4.350   -12.046 1.00 38.62  ?  12  G   A "O2'" 1 
ATOM   226  C  "C1'" . G   A 1 11 ? -1.740  3.235   -9.984  1.00 38.21  ?  12  G   A "C1'" 1 
ATOM   227  N  N9    . G   A 1 11 ? -1.326  3.535   -8.593  1.00 36.01  ?  12  G   A N9    1 
ATOM   228  C  C8    . G   A 1 11 ? -0.241  2.980   -7.962  1.00 33.82  ?  12  G   A C8    1 
ATOM   229  N  N7    . G   A 1 11 ? -0.105  3.398   -6.735  1.00 34.97  ?  12  G   A N7    1 
ATOM   230  C  C5    . G   A 1 11 ? -1.158  4.277   -6.525  1.00 32.81  ?  12  G   A C5    1 
ATOM   231  C  C6    . G   A 1 11 ? -1.520  5.033   -5.370  1.00 33.71  ?  12  G   A C6    1 
ATOM   232  O  O6    . G   A 1 11 ? -0.977  5.086   -4.251  1.00 31.55  ?  12  G   A O6    1 
ATOM   233  N  N1    . G   A 1 11 ? -2.662  5.791   -5.588  1.00 31.80  ?  12  G   A N1    1 
ATOM   234  C  C2    . G   A 1 11 ? -3.348  5.821   -6.770  1.00 33.37  ?  12  G   A C2    1 
ATOM   235  N  N2    . G   A 1 11 ? -4.422  6.622   -6.776  1.00 33.15  ?  12  G   A N2    1 
ATOM   236  N  N3    . G   A 1 11 ? -3.026  5.121   -7.846  1.00 33.58  ?  12  G   A N3    1 
ATOM   237  C  C4    . G   A 1 11 ? -1.927  4.369   -7.664  1.00 34.34  ?  12  G   A C4    1 
ATOM   238  P  P     . C   A 1 12 ? 1.489   5.378   -12.851 1.00 43.67  ?  13  C   A P     1 
ATOM   239  O  OP1   . C   A 1 12 ? 1.672   5.661   -14.300 1.00 40.34  ?  13  C   A OP1   1 
ATOM   240  O  OP2   . C   A 1 12 ? 2.640   5.001   -11.988 1.00 39.87  ?  13  C   A OP2   1 
ATOM   241  O  "O5'" . C   A 1 12 ? 0.741   6.632   -12.202 1.00 40.10  ?  13  C   A "O5'" 1 
ATOM   242  C  "C5'" . C   A 1 12 ? -0.435  7.137   -12.816 1.00 37.59  ?  13  C   A "C5'" 1 
ATOM   243  C  "C4'" . C   A 1 12 ? -1.212  8.068   -11.915 1.00 44.22  ?  13  C   A "C4'" 1 
ATOM   244  O  "O4'" . C   A 1 12 ? -1.614  7.400   -10.693 1.00 41.08  ?  13  C   A "O4'" 1 
ATOM   245  C  "C3'" . C   A 1 12 ? -0.487  9.312   -11.431 1.00 43.21  ?  13  C   A "C3'" 1 
ATOM   246  O  "O3'" . C   A 1 12 ? -0.442  10.312  -12.424 1.00 44.35  ?  13  C   A "O3'" 1 
ATOM   247  C  "C2'" . C   A 1 12 ? -1.306  9.712   -10.212 1.00 40.26  ?  13  C   A "C2'" 1 
ATOM   248  O  "O2'" . C   A 1 12 ? -2.490  10.385  -10.618 1.00 42.43  ?  13  C   A "O2'" 1 
ATOM   249  C  "C1'" . C   A 1 12 ? -1.703  8.344   -9.644  1.00 37.50  ?  13  C   A "C1'" 1 
ATOM   250  N  N1    . C   A 1 12 ? -0.819  7.914   -8.542  1.00 37.74  ?  13  C   A N1    1 
ATOM   251  C  C2    . C   A 1 12 ? -0.958  8.511   -7.289  1.00 38.68  ?  13  C   A C2    1 
ATOM   252  O  O2    . C   A 1 12 ? -1.829  9.382   -7.129  1.00 38.38  ?  13  C   A O2    1 
ATOM   253  N  N3    . C   A 1 12 ? -0.143  8.128   -6.280  1.00 33.93  ?  13  C   A N3    1 
ATOM   254  C  C4    . C   A 1 12 ? 0.779   7.194   -6.478  1.00 36.18  ?  13  C   A C4    1 
ATOM   255  N  N4    . C   A 1 12 ? 1.557   6.844   -5.444  1.00 35.08  ?  13  C   A N4    1 
ATOM   256  C  C5    . C   A 1 12 ? 0.943   6.571   -7.747  1.00 38.01  ?  13  C   A C5    1 
ATOM   257  C  C6    . C   A 1 12 ? 0.130   6.955   -8.740  1.00 38.17  ?  13  C   A C6    1 
ATOM   258  P  P     . U   A 1 13 ? 0.877   11.196  -12.617 1.00 48.68  ?  14  U   A P     1 
ATOM   259  O  OP1   . U   A 1 13 ? 0.743   11.947  -13.890 1.00 50.94  ?  14  U   A OP1   1 
ATOM   260  O  OP2   . U   A 1 13 ? 2.067   10.339  -12.373 1.00 46.57  ?  14  U   A OP2   1 
ATOM   261  O  "O5'" . U   A 1 13 ? 0.762   12.279  -11.463 1.00 49.16  ?  14  U   A "O5'" 1 
ATOM   262  C  "C5'" . U   A 1 13 ? -0.380  13.118  -11.379 1.00 48.97  ?  14  U   A "C5'" 1 
ATOM   263  C  "C4'" . U   A 1 13 ? -0.400  13.865  -10.073 1.00 49.11  ?  14  U   A "C4'" 1 
ATOM   264  O  "O4'" . U   A 1 13 ? -0.698  12.954  -8.981  1.00 47.00  ?  14  U   A "O4'" 1 
ATOM   265  C  "C3'" . U   A 1 13 ? 0.921   14.497  -9.664  1.00 51.64  ?  14  U   A "C3'" 1 
ATOM   266  O  "O3'" . U   A 1 13 ? 1.184   15.721  -10.313 1.00 51.06  ?  14  U   A "O3'" 1 
ATOM   267  C  "C2'" . U   A 1 13 ? 0.770   14.632  -8.160  1.00 48.70  ?  14  U   A "C2'" 1 
ATOM   268  O  "O2'" . U   A 1 13 ? -0.072  15.732  -7.852  1.00 48.49  ?  14  U   A "O2'" 1 
ATOM   269  C  "C1'" . U   A 1 13 ? 0.028   13.337  -7.827  1.00 48.65  ?  14  U   A "C1'" 1 
ATOM   270  N  N1    . U   A 1 13 ? 0.971   12.250  -7.469  1.00 45.82  ?  14  U   A N1    1 
ATOM   271  C  C2    . U   A 1 13 ? 1.383   12.191  -6.144  1.00 48.09  ?  14  U   A C2    1 
ATOM   272  O  O2    . U   A 1 13 ? 0.985   12.989  -5.302  1.00 47.88  ?  14  U   A O2    1 
ATOM   273  N  N3    . U   A 1 13 ? 2.266   11.168  -5.848  1.00 42.85  ?  14  U   A N3    1 
ATOM   274  C  C4    . U   A 1 13 ? 2.758   10.230  -6.739  1.00 44.01  ?  14  U   A C4    1 
ATOM   275  O  O4    . U   A 1 13 ? 3.545   9.367   -6.344  1.00 47.88  ?  14  U   A O4    1 
ATOM   276  C  C5    . U   A 1 13 ? 2.286   10.364  -8.083  1.00 43.98  ?  14  U   A C5    1 
ATOM   277  C  C6    . U   A 1 13 ? 1.431   11.342  -8.395  1.00 43.52  ?  14  U   A C6    1 
ATOM   278  P  P     . G   A 1 14 ? 2.677   16.293  -10.321 1.00 54.00  ?  15  G   A P     1 
ATOM   279  O  OP1   . G   A 1 14 ? 2.771   17.277  -11.434 1.00 52.64  ?  15  G   A OP1   1 
ATOM   280  O  OP2   . G   A 1 14 ? 3.656   15.180  -10.192 1.00 44.92  ?  15  G   A OP2   1 
ATOM   281  O  "O5'" . G   A 1 14 ? 2.753   17.090  -8.952  1.00 56.48  ?  15  G   A "O5'" 1 
ATOM   282  C  "C5'" . G   A 1 14 ? 3.784   16.826  -8.018  1.00 54.63  ?  15  G   A "C5'" 1 
ATOM   283  C  "C4'" . G   A 1 14 ? 3.452   17.419  -6.673  1.00 59.67  ?  15  G   A "C4'" 1 
ATOM   284  O  "O4'" . G   A 1 14 ? 2.658   16.471  -5.903  1.00 58.28  ?  15  G   A "O4'" 1 
ATOM   285  C  "C3'" . G   A 1 14 ? 4.642   17.713  -5.775  1.00 58.41  ?  15  G   A "C3'" 1 
ATOM   286  O  "O3'" . G   A 1 14 ? 5.311   18.926  -6.085  1.00 60.86  ?  15  G   A "O3'" 1 
ATOM   287  C  "C2'" . G   A 1 14 ? 4.013   17.678  -4.391  1.00 58.20  ?  15  G   A "C2'" 1 
ATOM   288  O  "O2'" . G   A 1 14 ? 3.248   18.856  -4.163  1.00 55.47  ?  15  G   A "O2'" 1 
ATOM   289  C  "C1'" . G   A 1 14 ? 3.063   16.495  -4.549  1.00 54.84  ?  15  G   A "C1'" 1 
ATOM   290  N  N9    . G   A 1 14 ? 3.743   15.214  -4.252  1.00 51.94  ?  15  G   A N9    1 
ATOM   291  C  C8    . G   A 1 14 ? 4.083   14.228  -5.147  1.00 48.03  ?  15  G   A C8    1 
ATOM   292  N  N7    . G   A 1 14 ? 4.679   13.208  -4.588  1.00 47.00  ?  15  G   A N7    1 
ATOM   293  C  C5    . G   A 1 14 ? 4.746   13.531  -3.247  1.00 42.55  ?  15  G   A C5    1 
ATOM   294  C  C6    . G   A 1 14 ? 5.284   12.814  -2.148  1.00 41.44  ?  15  G   A C6    1 
ATOM   295  O  O6    . G   A 1 14 ? 5.832   11.707  -2.130  1.00 41.93  ?  15  G   A O6    1 
ATOM   296  N  N1    . G   A 1 14 ? 5.130   13.514  -0.959  1.00 40.27  ?  15  G   A N1    1 
ATOM   297  C  C2    . G   A 1 14 ? 4.547   14.746  -0.844  1.00 42.09  ?  15  G   A C2    1 
ATOM   298  N  N2    . G   A 1 14 ? 4.495   15.270  0.387   1.00 42.16  ?  15  G   A N2    1 
ATOM   299  N  N3    . G   A 1 14 ? 4.046   15.424  -1.856  1.00 44.70  ?  15  G   A N3    1 
ATOM   300  C  C4    . G   A 1 14 ? 4.176   14.764  -3.022  1.00 46.96  ?  15  G   A C4    1 
ATOM   301  P  P     . C   A 1 15 ? 6.918   18.994  -5.993  1.00 68.82  ?  16  C   A P     1 
ATOM   302  O  OP1   . C   A 1 15 ? 7.411   20.169  -6.753  1.00 66.11  ?  16  C   A OP1   1 
ATOM   303  O  OP2   . C   A 1 15 ? 7.464   17.662  -6.355  1.00 60.32  ?  16  C   A OP2   1 
ATOM   304  O  "O5'" . C   A 1 15 ? 7.178   19.233  -4.441  1.00 62.04  ?  16  C   A "O5'" 1 
ATOM   305  C  "C5'" . C   A 1 15 ? 6.298   20.050  -3.681  1.00 63.31  ?  16  C   A "C5'" 1 
ATOM   306  C  "C4'" . C   A 1 15 ? 6.436   19.782  -2.202  1.00 67.02  ?  16  C   A "C4'" 1 
ATOM   307  O  "O4'" . C   A 1 15 ? 5.956   18.454  -1.879  1.00 62.93  ?  16  C   A "O4'" 1 
ATOM   308  C  "C3'" . C   A 1 15 ? 7.854   19.817  -1.657  1.00 65.31  ?  16  C   A "C3'" 1 
ATOM   309  O  "O3'" . C   A 1 15 ? 8.269   21.150  -1.414  1.00 71.89  ?  16  C   A "O3'" 1 
ATOM   310  C  "C2'" . C   A 1 15 ? 7.761   18.953  -0.402  1.00 62.40  ?  16  C   A "C2'" 1 
ATOM   311  O  "O2'" . C   A 1 15 ? 7.258   19.701  0.697   1.00 63.97  ?  16  C   A "O2'" 1 
ATOM   312  C  "C1'" . C   A 1 15 ? 6.703   17.921  -0.808  1.00 58.81  ?  16  C   A "C1'" 1 
ATOM   313  N  N1    . C   A 1 15 ? 7.281   16.628  -1.238  1.00 54.75  ?  16  C   A N1    1 
ATOM   314  C  C2    . C   A 1 15 ? 7.815   15.777  -0.263  1.00 53.43  ?  16  C   A C2    1 
ATOM   315  O  O2    . C   A 1 15 ? 7.799   16.144  0.927   1.00 53.40  ?  16  C   A O2    1 
ATOM   316  N  N3    . C   A 1 15 ? 8.336   14.586  -0.646  1.00 50.01  ?  16  C   A N3    1 
ATOM   317  C  C4    . C   A 1 15 ? 8.327   14.235  -1.932  1.00 46.02  ?  16  C   A C4    1 
ATOM   318  N  N4    . C   A 1 15 ? 8.849   13.051  -2.262  1.00 43.89  ?  16  C   A N4    1 
ATOM   319  C  C5    . C   A 1 15 ? 7.782   15.081  -2.937  1.00 49.41  ?  16  C   A C5    1 
ATOM   320  C  C6    . C   A 1 15 ? 7.265   16.256  -2.554  1.00 52.19  ?  16  C   A C6    1 
ATOM   321  P  P     . G   A 1 16 ? 9.788   21.504  -1.046  1.00 74.56  ?  17  G   A P     1 
ATOM   322  O  OP1   . G   A 1 16 ? 9.834   21.410  0.439   1.00 70.33  ?  17  G   A OP1   1 
ATOM   323  O  OP2   . G   A 1 16 ? 10.120  22.822  -1.653  1.00 75.49  ?  17  G   A OP2   1 
ATOM   324  O  "O5'" . G   A 1 16 ? 10.654  20.401  -1.819  1.00 67.25  ?  17  G   A "O5'" 1 
ATOM   325  C  "C5'" . G   A 1 16 ? 12.008  20.169  -1.470  1.00 66.47  ?  17  G   A "C5'" 1 
ATOM   326  C  "C4'" . G   A 1 16 ? 12.114  19.812  -0.009  1.00 70.83  ?  17  G   A "C4'" 1 
ATOM   327  O  "O4'" . G   A 1 16 ? 11.189  18.734  0.305   1.00 71.80  ?  17  G   A "O4'" 1 
ATOM   328  C  "C3'" . G   A 1 16 ? 13.456  19.316  0.490   1.00 73.28  ?  17  G   A "C3'" 1 
ATOM   329  O  "O3'" . G   A 1 16 ? 14.345  20.381  0.764   1.00 75.57  ?  17  G   A "O3'" 1 
ATOM   330  C  "C2'" . G   A 1 16 ? 13.070  18.502  1.721   1.00 71.80  ?  17  G   A "C2'" 1 
ATOM   331  O  "O2'" . G   A 1 16 ? 12.757  19.364  2.813   1.00 70.75  ?  17  G   A "O2'" 1 
ATOM   332  C  "C1'" . G   A 1 16 ? 11.770  17.858  1.247   1.00 67.61  ?  17  G   A "C1'" 1 
ATOM   333  N  N9    . G   A 1 16 ? 11.966  16.554  0.574   1.00 62.83  ?  17  G   A N9    1 
ATOM   334  C  C8    . G   A 1 16 ? 11.744  16.343  -0.768  1.00 60.52  ?  17  G   A C8    1 
ATOM   335  N  N7    . G   A 1 16 ? 11.942  15.115  -1.144  1.00 58.50  ?  17  G   A N7    1 
ATOM   336  C  C5    . G   A 1 16 ? 12.306  14.466  0.022   1.00 56.61  ?  17  G   A C5    1 
ATOM   337  C  C6    . G   A 1 16 ? 12.642  13.108  0.212   1.00 55.13  ?  17  G   A C6    1 
ATOM   338  O  O6    . G   A 1 16 ? 12.677  12.216  -0.636  1.00 57.05  ?  17  G   A O6    1 
ATOM   339  N  N1    . G   A 1 16 ? 12.953  12.831  1.530   1.00 53.69  ?  17  G   A N1    1 
ATOM   340  C  C2    . G   A 1 16 ? 12.936  13.763  2.531   1.00 55.75  ?  17  G   A C2    1 
ATOM   341  N  N2    . G   A 1 16 ? 13.261  13.298  3.739   1.00 55.31  ?  17  G   A N2    1 
ATOM   342  N  N3    . G   A 1 16 ? 12.625  15.041  2.378   1.00 57.10  ?  17  G   A N3    1 
ATOM   343  C  C4    . G   A 1 16 ? 12.323  15.328  1.096   1.00 57.04  ?  17  G   A C4    1 
ATOM   344  P  P     . C   A 1 17 ? 15.829  20.058  1.271   1.00 86.01  ?  18  C   A P     1 
ATOM   345  O  OP1   . C   A 1 17 ? 15.814  20.129  2.758   1.00 81.00  ?  18  C   A OP1   1 
ATOM   346  O  OP2   . C   A 1 17 ? 16.781  20.854  0.455   1.00 85.96  ?  18  C   A OP2   1 
ATOM   347  O  "O5'" . C   A 1 17 ? 16.062  18.546  0.844   1.00 75.84  ?  18  C   A "O5'" 1 
ATOM   348  C  "C5'" . C   A 1 17 ? 17.350  18.112  0.458   1.00 75.47  ?  18  C   A "C5'" 1 
ATOM   349  C  "C4'" . C   A 1 17 ? 17.847  17.016  1.359   1.00 77.07  ?  18  C   A "C4'" 1 
ATOM   350  O  "O4'" . C   A 1 17 ? 16.706  16.248  1.868   1.00 73.84  ?  18  C   A "O4'" 1 
ATOM   351  C  "C3'" . C   A 1 17 ? 18.699  15.954  0.676   1.00 76.97  ?  18  C   A "C3'" 1 
ATOM   352  O  "O3'" . C   A 1 17 ? 20.021  16.320  0.279   1.00 75.38  ?  18  C   A "O3'" 1 
ATOM   353  C  "C2'" . C   A 1 17 ? 18.520  14.767  1.610   1.00 74.47  ?  18  C   A "C2'" 1 
ATOM   354  O  "O2'" . C   A 1 17 ? 19.178  14.962  2.859   1.00 69.43  ?  18  C   A "O2'" 1 
ATOM   355  C  "C1'" . C   A 1 17 ? 17.013  14.861  1.826   1.00 71.05  ?  18  C   A "C1'" 1 
ATOM   356  N  N1    . C   A 1 17 ? 16.344  14.293  0.629   1.00 67.24  ?  18  C   A N1    1 
ATOM   357  C  C2    . C   A 1 17 ? 16.446  12.907  0.398   1.00 70.30  ?  18  C   A C2    1 
ATOM   358  O  O2    . C   A 1 17 ? 17.030  12.179  1.224   1.00 69.45  ?  18  C   A O2    1 
ATOM   359  N  N3    . C   A 1 17 ? 15.888  12.373  -0.720  1.00 66.03  ?  18  C   A N3    1 
ATOM   360  C  C4    . C   A 1 17 ? 15.268  13.162  -1.595  1.00 65.77  ?  18  C   A C4    1 
ATOM   361  N  N4    . C   A 1 17 ? 14.731  12.584  -2.669  1.00 65.44  ?  18  C   A N4    1 
ATOM   362  C  C5    . C   A 1 17 ? 15.161  14.574  -1.404  1.00 66.43  ?  18  C   A C5    1 
ATOM   363  C  C6    . C   A 1 17 ? 15.705  15.087  -0.297  1.00 63.36  ?  18  C   A C6    1 
ATOM   364  P  P     . C   A 1 18 ? 21.188  16.669  1.318   1.00 77.62  ?  19  C   A P     1 
ATOM   365  O  OP1   . C   A 1 18 ? 20.669  17.490  2.449   1.00 76.26  ?  19  C   A OP1   1 
ATOM   366  O  OP2   . C   A 1 18 ? 22.300  17.182  0.477   1.00 75.65  ?  19  C   A OP2   1 
ATOM   367  O  "O5'" . C   A 1 18 ? 21.672  15.247  1.828   1.00 74.00  ?  19  C   A "O5'" 1 
ATOM   368  C  "C5'" . C   A 1 18 ? 22.475  14.456  0.981   1.00 72.37  ?  19  C   A "C5'" 1 
ATOM   369  C  "C4'" . C   A 1 18 ? 22.091  13.006  1.038   1.00 76.12  ?  19  C   A "C4'" 1 
ATOM   370  O  "O4'" . C   A 1 18 ? 20.653  12.846  0.917   1.00 74.24  ?  19  C   A "O4'" 1 
ATOM   371  C  "C3'" . C   A 1 18 ? 22.629  12.164  -0.096  1.00 80.07  ?  19  C   A "C3'" 1 
ATOM   372  O  "O3'" . C   A 1 18 ? 23.999  11.848  0.037   1.00 81.46  ?  19  C   A "O3'" 1 
ATOM   373  C  "C2'" . C   A 1 18 ? 21.702  10.962  -0.071  1.00 80.48  ?  19  C   A "C2'" 1 
ATOM   374  O  "O2'" . C   A 1 18 ? 22.023  10.094  1.007   1.00 81.39  ?  19  C   A "O2'" 1 
ATOM   375  C  "C1'" . C   A 1 18 ? 20.368  11.640  0.227   1.00 75.85  ?  19  C   A "C1'" 1 
ATOM   376  N  N1    . C   A 1 18 ? 19.619  11.949  -1.017  1.00 75.71  ?  19  C   A N1    1 
ATOM   377  C  C2    . C   A 1 18 ? 19.191  10.897  -1.844  1.00 76.08  ?  19  C   A C2    1 
ATOM   378  O  O2    . C   A 1 18 ? 19.443  9.718   -1.541  1.00 75.37  ?  19  C   A O2    1 
ATOM   379  N  N3    . C   A 1 18 ? 18.499  11.180  -2.973  1.00 76.37  ?  19  C   A N3    1 
ATOM   380  C  C4    . C   A 1 18 ? 18.223  12.443  -3.303  1.00 77.31  ?  19  C   A C4    1 
ATOM   381  N  N4    . C   A 1 18 ? 17.539  12.655  -4.434  1.00 77.69  ?  19  C   A N4    1 
ATOM   382  C  C5    . C   A 1 18 ? 18.642  13.536  -2.486  1.00 74.92  ?  19  C   A C5    1 
ATOM   383  C  C6    . C   A 1 18 ? 19.329  13.241  -1.372  1.00 74.24  ?  19  C   A C6    1 
ATOM   384  P  P     . U   A 1 19 ? 24.999  12.209  -1.162  1.00 84.44  ?  20  U   A P     1 
ATOM   385  O  OP1   . U   A 1 19 ? 26.376  11.881  -0.702  1.00 76.90  ?  20  U   A OP1   1 
ATOM   386  O  OP2   . U   A 1 19 ? 24.669  13.585  -1.633  1.00 78.69  ?  20  U   A OP2   1 
ATOM   387  O  "O5'" . U   A 1 19 ? 24.566  11.212  -2.332  1.00 86.95  ?  20  U   A "O5'" 1 
ATOM   388  C  "C5'" . U   A 1 19 ? 24.203  9.860   -2.072  1.00 86.90  ?  20  U   A "C5'" 1 
ATOM   389  C  "C4'" . U   A 1 19 ? 23.695  9.205   -3.326  1.00 90.21  ?  20  U   A "C4'" 1 
ATOM   390  O  "O4'" . U   A 1 19 ? 22.335  9.624   -3.606  1.00 89.72  ?  20  U   A "O4'" 1 
ATOM   391  C  "C3'" . U   A 1 19 ? 24.481  9.589   -4.563  1.00 95.95  ?  20  U   A "C3'" 1 
ATOM   392  O  "O3'" . U   A 1 19 ? 25.642  8.786   -4.658  1.00 100.94 ?  20  U   A "O3'" 1 
ATOM   393  C  "C2'" . U   A 1 19 ? 23.463  9.429   -5.691  1.00 95.11  ?  20  U   A "C2'" 1 
ATOM   394  O  "O2'" . U   A 1 19 ? 23.347  8.069   -6.081  1.00 98.12  ?  20  U   A "O2'" 1 
ATOM   395  C  "C1'" . U   A 1 19 ? 22.162  9.837   -4.991  1.00 92.63  ?  20  U   A "C1'" 1 
ATOM   396  N  N1    . U   A 1 19 ? 21.781  11.266  -5.190  1.00 92.30  ?  20  U   A N1    1 
ATOM   397  C  C2    . U   A 1 19 ? 21.067  11.647  -6.324  1.00 91.66  ?  20  U   A C2    1 
ATOM   398  O  O2    . U   A 1 19 ? 20.752  10.866  -7.213  1.00 91.98  ?  20  U   A O2    1 
ATOM   399  N  N3    . U   A 1 19 ? 20.746  12.995  -6.383  1.00 90.77  ?  20  U   A N3    1 
ATOM   400  C  C4    . U   A 1 19 ? 21.040  13.987  -5.453  1.00 84.93  ?  20  U   A C4    1 
ATOM   401  O  O4    . U   A 1 19 ? 20.684  15.156  -5.649  1.00 73.53  ?  20  U   A O4    1 
ATOM   402  C  C5    . U   A 1 19 ? 21.763  13.513  -4.311  1.00 86.56  ?  20  U   A C5    1 
ATOM   403  C  C6    . U   A 1 19 ? 22.087  12.213  -4.225  1.00 87.18  ?  20  U   A C6    1 
ATOM   404  P  P     . U   A 1 20 ? 26.753  9.013   -5.787  1.00 104.72 ?  21  U   A P     1 
ATOM   405  O  OP1   . U   A 1 20 ? 26.249  8.171   -6.895  1.00 107.49 ?  21  U   A OP1   1 
ATOM   406  O  OP2   . U   A 1 20 ? 28.099  8.794   -5.189  1.00 102.80 ?  21  U   A OP2   1 
ATOM   407  O  "O5'" . U   A 1 20 ? 26.628  10.540  -6.232  1.00 104.52 ?  21  U   A "O5'" 1 
ATOM   408  C  "C5'" . U   A 1 20 ? 27.752  11.255  -6.738  1.00 106.86 ?  21  U   A "C5'" 1 
ATOM   409  C  "C4'" . U   A 1 20 ? 28.354  10.622  -7.978  1.00 111.49 ?  21  U   A "C4'" 1 
ATOM   410  O  "O4'" . U   A 1 20 ? 29.181  9.481   -7.617  1.00 112.44 ?  21  U   A "O4'" 1 
ATOM   411  C  "C3'" . U   A 1 20 ? 27.393  10.062  -9.020  1.00 112.13 ?  21  U   A "C3'" 1 
ATOM   412  O  "O3'" . U   A 1 20 ? 26.796  11.060  -9.838  1.00 113.46 ?  21  U   A "O3'" 1 
ATOM   413  C  "C2'" . U   A 1 20 ? 28.279  9.078   -9.783  1.00 111.76 ?  21  U   A "C2'" 1 
ATOM   414  O  "O2'" . U   A 1 20 ? 29.116  9.767   -10.703 1.00 110.87 ?  21  U   A "O2'" 1 
ATOM   415  C  "C1'" . U   A 1 20 ? 29.160  8.518   -8.658  1.00 111.64 ?  21  U   A "C1'" 1 
ATOM   416  N  N1    . U   A 1 20 ? 28.638  7.233   -8.120  1.00 110.98 ?  21  U   A N1    1 
ATOM   417  C  C2    . U   A 1 20 ? 29.261  6.677   -7.007  1.00 109.02 ?  21  U   A C2    1 
ATOM   418  O  O2    . U   A 1 20 ? 30.199  7.198   -6.420  1.00 105.90 ?  21  U   A O2    1 
ATOM   419  N  N3    . U   A 1 20 ? 28.712  5.491   -6.578  1.00 107.51 ?  21  U   A N3    1 
ATOM   420  C  C4    . U   A 1 20 ? 27.652  4.803   -7.137  1.00 104.27 ?  21  U   A C4    1 
ATOM   421  O  O4    . U   A 1 20 ? 27.286  3.743   -6.631  1.00 103.49 ?  21  U   A O4    1 
ATOM   422  C  C5    . U   A 1 20 ? 27.075  5.420   -8.290  1.00 104.14 ?  21  U   A C5    1 
ATOM   423  C  C6    . U   A 1 20 ? 27.590  6.571   -8.737  1.00 108.27 ?  21  U   A C6    1 
ATOM   424  P  P     . C   A 1 21 ? 25.230  11.421  -9.685  1.00 115.63 ?  22  C   A P     1 
ATOM   425  O  OP1   . C   A 1 21 ? 24.738  11.884  -11.011 1.00 115.20 ?  22  C   A OP1   1 
ATOM   426  O  OP2   . C   A 1 21 ? 25.044  12.284  -8.490  1.00 106.62 ?  22  C   A OP2   1 
ATOM   427  O  "O5'" . C   A 1 21 ? 24.522  10.026  -9.386  1.00 110.41 ?  22  C   A "O5'" 1 
ATOM   428  C  "C5'" . C   A 1 21 ? 23.108  9.917   -9.425  1.00 107.82 ?  22  C   A "C5'" 1 
ATOM   429  C  "C4'" . C   A 1 21 ? 22.650  9.093   -10.602 1.00 110.11 ?  22  C   A "C4'" 1 
ATOM   430  O  "O4'" . C   A 1 21 ? 23.588  9.236   -11.711 1.00 110.73 ?  22  C   A "O4'" 1 
ATOM   431  C  "C3'" . C   A 1 21 ? 22.592  7.588   -10.387 1.00 111.03 ?  22  C   A "C3'" 1 
ATOM   432  O  "O3'" . C   A 1 21 ? 21.466  7.145   -9.648  1.00 110.50 ?  22  C   A "O3'" 1 
ATOM   433  C  "C2'" . C   A 1 21 ? 22.632  7.074   -11.812 1.00 109.83 ?  22  C   A "C2'" 1 
ATOM   434  O  "O2'" . C   A 1 21 ? 21.395  7.342   -12.457 1.00 106.62 ?  22  C   A "O2'" 1 
ATOM   435  C  "C1'" . C   A 1 21 ? 23.680  8.007   -12.410 1.00 110.85 ?  22  C   A "C1'" 1 
ATOM   436  N  N1    . C   A 1 21 ? 25.090  7.496   -12.340 1.00 112.45 ?  22  C   A N1    1 
ATOM   437  C  C2    . C   A 1 21 ? 25.569  6.273   -11.767 1.00 110.28 ?  22  C   A C2    1 
ATOM   438  O  O2    . C   A 1 21 ? 24.862  5.447   -11.169 1.00 109.97 ?  22  C   A O2    1 
ATOM   439  N  N3    . C   A 1 21 ? 26.892  5.973   -11.824 1.00 106.49 ?  22  C   A N3    1 
ATOM   440  C  C4    . C   A 1 21 ? 27.758  6.778   -12.428 1.00 107.99 ?  22  C   A C4    1 
ATOM   441  N  N4    . C   A 1 21 ? 29.045  6.416   -12.452 1.00 105.17 ?  22  C   A N4    1 
ATOM   442  C  C5    . C   A 1 21 ? 27.328  7.992   -13.033 1.00 110.46 ?  22  C   A C5    1 
ATOM   443  C  C6    . C   A 1 21 ? 26.020  8.291   -12.968 1.00 111.04 ?  22  C   A C6    1 
ATOM   444  P  P     . G   A 1 22 ? 21.418  5.634   -9.089  1.00 115.20 ?  23  G   A P     1 
ATOM   445  O  OP1   . G   A 1 22 ? 20.989  5.687   -7.666  1.00 106.57 ?  23  G   A OP1   1 
ATOM   446  O  OP2   . G   A 1 22 ? 22.686  4.935   -9.431  1.00 109.90 ?  23  G   A OP2   1 
ATOM   447  O  "O5'" . G   A 1 22 ? 20.254  4.965   -9.942  1.00 108.99 ?  23  G   A "O5'" 1 
ATOM   448  C  "C5'" . G   A 1 22 ? 19.043  5.672   -10.188 1.00 105.56 ?  23  G   A "C5'" 1 
ATOM   449  C  "C4'" . G   A 1 22 ? 18.277  5.114   -11.362 1.00 107.98 ?  23  G   A "C4'" 1 
ATOM   450  O  "O4'" . G   A 1 22 ? 18.780  5.704   -12.589 1.00 111.12 ?  23  G   A "O4'" 1 
ATOM   451  C  "C3'" . G   A 1 22 ? 18.368  3.600   -11.556 1.00 107.97 ?  23  G   A "C3'" 1 
ATOM   452  O  "O3'" . G   A 1 22 ? 17.185  3.129   -12.209 1.00 108.48 ?  23  G   A "O3'" 1 
ATOM   453  C  "C2'" . G   A 1 22 ? 19.518  3.482   -12.545 1.00 107.47 ?  23  G   A "C2'" 1 
ATOM   454  O  "O2'" . G   A 1 22 ? 19.558  2.264   -13.255 1.00 109.03 ?  23  G   A "O2'" 1 
ATOM   455  C  "C1'" . G   A 1 22 ? 19.228  4.677   -13.454 1.00 110.09 ?  23  G   A "C1'" 1 
ATOM   456  N  N9    . G   A 1 22 ? 20.359  5.207   -14.225 1.00 109.67 ?  23  G   A N9    1 
ATOM   457  C  C8    . G   A 1 22 ? 20.188  6.191   -15.170 1.00 107.40 ?  23  G   A C8    1 
ATOM   458  N  N7    . G   A 1 22 ? 21.288  6.563   -15.749 1.00 107.44 ?  23  G   A N7    1 
ATOM   459  C  C5    . G   A 1 22 ? 22.260  5.784   -15.141 1.00 111.99 ?  23  G   A C5    1 
ATOM   460  C  C6    . G   A 1 22 ? 23.660  5.757   -15.376 1.00 113.05 ?  23  G   A C6    1 
ATOM   461  O  O6    . G   A 1 22 ? 24.307  6.437   -16.184 1.00 110.31 ?  23  G   A O6    1 
ATOM   462  N  N1    . G   A 1 22 ? 24.307  4.831   -14.560 1.00 115.66 ?  23  G   A N1    1 
ATOM   463  C  C2    . G   A 1 22 ? 23.690  4.027   -13.630 1.00 114.86 ?  23  G   A C2    1 
ATOM   464  N  N2    . G   A 1 22 ? 24.491  3.195   -12.937 1.00 112.69 ?  23  G   A N2    1 
ATOM   465  N  N3    . G   A 1 22 ? 22.382  4.046   -13.405 1.00 115.07 ?  23  G   A N3    1 
ATOM   466  C  C4    . G   A 1 22 ? 21.717  4.939   -14.187 1.00 113.19 ?  23  G   A C4    1 
ATOM   467  P  P     . G   A 1 23 ? 15.711  3.341   -11.590 1.00 112.74 ?  24  G   A P     1 
ATOM   468  O  OP1   . G   A 1 23 ? 14.817  2.457   -12.384 1.00 116.49 ?  24  G   A OP1   1 
ATOM   469  O  OP2   . G   A 1 23 ? 15.350  4.781   -11.470 1.00 104.40 ?  24  G   A OP2   1 
ATOM   470  O  "O5'" . G   A 1 23 ? 15.805  2.702   -10.140 1.00 104.95 ?  24  G   A "O5'" 1 
ATOM   471  C  "C5'" . G   A 1 23 ? 15.206  3.338   -9.025  1.00 102.50 ?  24  G   A "C5'" 1 
ATOM   472  C  "C4'" . G   A 1 23 ? 16.042  3.123   -7.795  1.00 98.01  ?  24  G   A "C4'" 1 
ATOM   473  O  "O4'" . G   A 1 23 ? 17.355  3.727   -7.989  1.00 96.30  ?  24  G   A "O4'" 1 
ATOM   474  C  "C3'" . G   A 1 23 ? 15.555  3.772   -6.513  1.00 92.17  ?  24  G   A "C3'" 1 
ATOM   475  O  "O3'" . G   A 1 23 ? 14.391  3.183   -5.930  1.00 93.10  ?  24  G   A "O3'" 1 
ATOM   476  C  "C2'" . G   A 1 23 ? 16.839  3.796   -5.698  1.00 89.84  ?  24  G   A "C2'" 1 
ATOM   477  O  "O2'" . G   A 1 23 ? 17.259  2.480   -5.367  1.00 88.81  ?  24  G   A "O2'" 1 
ATOM   478  C  "C1'" . G   A 1 23 ? 17.799  4.286   -6.769  1.00 91.88  ?  24  G   A "C1'" 1 
ATOM   479  N  N9    . G   A 1 23 ? 17.716  5.748   -6.878  1.00 87.86  ?  24  G   A N9    1 
ATOM   480  C  C8    . G   A 1 23 ? 17.110  6.504   -7.849  1.00 90.75  ?  24  G   A C8    1 
ATOM   481  N  N7    . G   A 1 23 ? 17.200  7.785   -7.627  1.00 89.79  ?  24  G   A N7    1 
ATOM   482  C  C5    . G   A 1 23 ? 17.882  7.874   -6.421  1.00 87.83  ?  24  G   A C5    1 
ATOM   483  C  C6    . G   A 1 23 ? 18.272  9.006   -5.657  1.00 84.36  ?  24  G   A C6    1 
ATOM   484  O  O6    . G   A 1 23 ? 18.087  10.207  -5.906  1.00 81.38  ?  24  G   A O6    1 
ATOM   485  N  N1    . G   A 1 23 ? 18.948  8.620   -4.497  1.00 85.26  ?  24  G   A N1    1 
ATOM   486  C  C2    . G   A 1 23 ? 19.215  7.320   -4.111  1.00 84.97  ?  24  G   A C2    1 
ATOM   487  N  N2    . G   A 1 23 ? 19.878  7.142   -2.954  1.00 82.02  ?  24  G   A N2    1 
ATOM   488  N  N3    . G   A 1 23 ? 18.855  6.264   -4.820  1.00 86.22  ?  24  G   A N3    1 
ATOM   489  C  C4    . G   A 1 23 ? 18.199  6.619   -5.947  1.00 88.36  ?  24  G   A C4    1 
ATOM   490  P  P     . G   A 1 24 ? 14.440  1.970   -4.873  1.00 91.84  ?  25  G   A P     1 
ATOM   491  O  OP1   . G   A 1 24 ? 15.475  0.999   -5.317  1.00 95.64  ?  25  G   A OP1   1 
ATOM   492  O  OP2   . G   A 1 24 ? 13.048  1.504   -4.639  1.00 88.12  ?  25  G   A OP2   1 
ATOM   493  O  "O5'" . G   A 1 24 ? 14.946  2.649   -3.528  1.00 85.67  ?  25  G   A "O5'" 1 
ATOM   494  C  "C5'" . G   A 1 24 ? 15.940  2.024   -2.736  1.00 81.33  ?  25  G   A "C5'" 1 
ATOM   495  C  "C4'" . G   A 1 24 ? 16.382  2.910   -1.605  1.00 80.56  ?  25  G   A "C4'" 1 
ATOM   496  O  "O4'" . G   A 1 24 ? 17.381  3.880   -2.043  1.00 79.08  ?  25  G   A "O4'" 1 
ATOM   497  C  "C3'" . G   A 1 24 ? 15.327  3.800   -0.984  1.00 74.79  ?  25  G   A "C3'" 1 
ATOM   498  O  "O3'" . G   A 1 24 ? 14.263  3.134   -0.306  1.00 70.55  ?  25  G   A "O3'" 1 
ATOM   499  C  "C2'" . G   A 1 24 ? 16.204  4.760   -0.199  1.00 69.99  ?  25  G   A "C2'" 1 
ATOM   500  O  "O2'" . G   A 1 24 ? 16.902  4.079   0.829   1.00 70.99  ?  25  G   A "O2'" 1 
ATOM   501  C  "C1'" . G   A 1 24 ? 17.241  5.065   -1.269  1.00 74.27  ?  25  G   A "C1'" 1 
ATOM   502  N  N9    . G   A 1 24 ? 16.734  6.146   -2.125  1.00 75.78  ?  25  G   A N9    1 
ATOM   503  C  C8    . G   A 1 24 ? 16.209  6.070   -3.388  1.00 78.82  ?  25  G   A C8    1 
ATOM   504  N  N7    . G   A 1 24 ? 15.814  7.228   -3.846  1.00 79.61  ?  25  G   A N7    1 
ATOM   505  C  C5    . G   A 1 24 ? 16.068  8.118   -2.810  1.00 73.47  ?  25  G   A C5    1 
ATOM   506  C  C6    . G   A 1 24 ? 15.847  9.518   -2.714  1.00 70.26  ?  25  G   A C6    1 
ATOM   507  O  O6    . G   A 1 24 ? 15.365  10.272  -3.568  1.00 71.66  ?  25  G   A O6    1 
ATOM   508  N  N1    . G   A 1 24 ? 16.250  10.021  -1.477  1.00 67.70  ?  25  G   A N1    1 
ATOM   509  C  C2    . G   A 1 24 ? 16.795  9.270   -0.462  1.00 68.79  ?  25  G   A C2    1 
ATOM   510  N  N2    . G   A 1 24 ? 17.132  9.923   0.661   1.00 67.43  ?  25  G   A N2    1 
ATOM   511  N  N3    . G   A 1 24 ? 17.012  7.965   -0.543  1.00 71.42  ?  25  G   A N3    1 
ATOM   512  C  C4    . G   A 1 24 ? 16.624  7.459   -1.735  1.00 73.78  ?  25  G   A C4    1 
ATOM   513  P  P     . C   A 1 25 ? 14.379  2.597   1.200   1.00 67.81  ?  26  C   A P     1 
ATOM   514  O  OP1   . C   A 1 25 ? 15.675  1.881   1.359   1.00 71.65  ?  26  C   A OP1   1 
ATOM   515  O  OP2   . C   A 1 25 ? 13.116  1.865   1.481   1.00 62.61  ?  26  C   A OP2   1 
ATOM   516  O  "O5'" . C   A 1 25 ? 14.379  3.932   2.071   1.00 62.41  ?  26  C   A "O5'" 1 
ATOM   517  C  "C5'" . C   A 1 25 ? 15.199  4.041   3.219   1.00 59.34  ?  26  C   A "C5'" 1 
ATOM   518  C  "C4'" . C   A 1 25 ? 15.236  5.446   3.759   1.00 56.44  ?  26  C   A "C4'" 1 
ATOM   519  O  "O4'" . C   A 1 25 ? 15.748  6.387   2.783   1.00 58.78  ?  26  C   A "O4'" 1 
ATOM   520  C  "C3'" . C   A 1 25 ? 13.909  6.048   4.143   1.00 51.48  ?  26  C   A "C3'" 1 
ATOM   521  O  "O3'" . C   A 1 25 ? 13.387  5.510   5.329   1.00 51.87  ?  26  C   A "O3'" 1 
ATOM   522  C  "C2'" . C   A 1 25 ? 14.258  7.522   4.236   1.00 55.33  ?  26  C   A "C2'" 1 
ATOM   523  O  "O2'" . C   A 1 25 ? 15.019  7.769   5.412   1.00 57.23  ?  26  C   A "O2'" 1 
ATOM   524  C  "C1'" . C   A 1 25 ? 15.192  7.667   3.040   1.00 56.60  ?  26  C   A "C1'" 1 
ATOM   525  N  N1    . C   A 1 25 ? 14.474  8.145   1.839   1.00 56.91  ?  26  C   A N1    1 
ATOM   526  C  C2    . C   A 1 25 ? 14.178  9.509   1.725   1.00 55.62  ?  26  C   A C2    1 
ATOM   527  O  O2    . C   A 1 25 ? 14.507  10.301  2.622   1.00 55.72  ?  26  C   A O2    1 
ATOM   528  N  N3    . C   A 1 25 ? 13.534  9.947   0.627   1.00 56.79  ?  26  C   A N3    1 
ATOM   529  C  C4    . C   A 1 25 ? 13.177  9.092   -0.332  1.00 57.40  ?  26  C   A C4    1 
ATOM   530  N  N4    . C   A 1 25 ? 12.537  9.577   -1.395  1.00 55.86  ?  26  C   A N4    1 
ATOM   531  C  C5    . C   A 1 25 ? 13.461  7.699   -0.240  1.00 61.61  ?  26  C   A C5    1 
ATOM   532  C  C6    . C   A 1 25 ? 14.105  7.274   0.854   1.00 61.32  ?  26  C   A C6    1 
ATOM   533  P  P     . G   A 1 26 ? 11.806  5.423   5.496   1.00 48.63  ?  27  G   A P     1 
ATOM   534  O  OP1   . G   A 1 26 ? 11.541  4.607   6.708   1.00 44.57  ?  27  G   A OP1   1 
ATOM   535  O  OP2   . G   A 1 26 ? 11.241  5.014   4.181   1.00 50.22  ?  27  G   A OP2   1 
ATOM   536  O  "O5'" . G   A 1 26 ? 11.381  6.937   5.761   1.00 44.00  ?  27  G   A "O5'" 1 
ATOM   537  C  "C5'" . G   A 1 26 ? 11.925  7.652   6.856   1.00 42.57  ?  27  G   A "C5'" 1 
ATOM   538  C  "C4'" . G   A 1 26 ? 11.610  9.128   6.797   1.00 44.15  ?  27  G   A "C4'" 1 
ATOM   539  O  "O4'" . G   A 1 26 ? 12.170  9.734   5.605   1.00 44.28  ?  27  G   A "O4'" 1 
ATOM   540  C  "C3'" . G   A 1 26 ? 10.138  9.511   6.748   1.00 38.18  ?  27  G   A "C3'" 1 
ATOM   541  O  "O3'" . G   A 1 26 ? 9.522   9.439   8.020   1.00 33.77  ?  27  G   A "O3'" 1 
ATOM   542  C  "C2'" . G   A 1 26 ? 10.188  10.926  6.181   1.00 40.94  ?  27  G   A "C2'" 1 
ATOM   543  O  "O2'" . G   A 1 26 ? 10.521  11.868  7.194   1.00 37.27  ?  27  G   A "O2'" 1 
ATOM   544  C  "C1'" . G   A 1 26 ? 11.358  10.823  5.201   1.00 44.02  ?  27  G   A "C1'" 1 
ATOM   545  N  N9    . G   A 1 26 ? 10.903  10.611  3.813   1.00 47.38  ?  27  G   A N9    1 
ATOM   546  C  C8    . G   A 1 26 ? 10.945  9.458   3.067   1.00 43.75  ?  27  G   A C8    1 
ATOM   547  N  N7    . G   A 1 26 ? 10.472  9.625   1.866   1.00 44.17  ?  27  G   A N7    1 
ATOM   548  C  C5    . G   A 1 26 ? 10.095  10.956  1.803   1.00 46.22  ?  27  G   A C5    1 
ATOM   549  C  C6    . G   A 1 26 ? 9.507   11.726  0.758   1.00 46.39  ?  27  G   A C6    1 
ATOM   550  O  O6    . G   A 1 26 ? 9.175   11.403  -0.391  1.00 49.24  ?  27  G   A O6    1 
ATOM   551  N  N1    . G   A 1 26 ? 9.298   13.037  1.145   1.00 44.82  ?  27  G   A N1    1 
ATOM   552  C  C2    . G   A 1 26 ? 9.598   13.540  2.367   1.00 44.43  ?  27  G   A C2    1 
ATOM   553  N  N2    . G   A 1 26 ? 9.309   14.833  2.521   1.00 49.14  ?  27  G   A N2    1 
ATOM   554  N  N3    . G   A 1 26 ? 10.139  12.848  3.352   1.00 45.85  ?  27  G   A N3    1 
ATOM   555  C  C4    . G   A 1 26 ? 10.360  11.574  3.002   1.00 45.65  ?  27  G   A C4    1 
ATOM   556  P  P     . C   A 1 27 ? 7.944   9.197   8.161   1.00 34.45  ?  28  C   A P     1 
ATOM   557  O  OP1   . C   A 1 27 ? 7.659   9.254   9.617   1.00 31.86  ?  28  C   A OP1   1 
ATOM   558  O  OP2   . C   A 1 27 ? 7.551   8.006   7.386   1.00 38.68  ?  28  C   A OP2   1 
ATOM   559  O  "O5'" . C   A 1 27 ? 7.292   10.495  7.502   1.00 33.06  ?  28  C   A "O5'" 1 
ATOM   560  C  "C5'" . C   A 1 27 ? 7.337   11.732  8.193   1.00 33.21  ?  28  C   A "C5'" 1 
ATOM   561  C  "C4'" . C   A 1 27 ? 6.754   12.861  7.391   1.00 32.93  ?  28  C   A "C4'" 1 
ATOM   562  O  "O4'" . C   A 1 27 ? 7.431   12.967  6.119   1.00 37.89  ?  28  C   A "O4'" 1 
ATOM   563  C  "C3'" . C   A 1 27 ? 5.289   12.737  7.025   1.00 31.84  ?  28  C   A "C3'" 1 
ATOM   564  O  "O3'" . C   A 1 27 ? 4.463   13.140  8.099   1.00 33.07  ?  28  C   A "O3'" 1 
ATOM   565  C  "C2'" . C   A 1 27 ? 5.169   13.639  5.799   1.00 34.81  ?  28  C   A "C2'" 1 
ATOM   566  O  "O2'" . C   A 1 27 ? 5.017   14.997  6.186   1.00 28.82  ?  28  C   A "O2'" 1 
ATOM   567  C  "C1'" . C   A 1 27 ? 6.547   13.472  5.145   1.00 35.25  ?  28  C   A "C1'" 1 
ATOM   568  N  N1    . C   A 1 27 ? 6.547   12.548  3.986   1.00 39.58  ?  28  C   A N1    1 
ATOM   569  C  C2    . C   A 1 27 ? 6.083   12.997  2.739   1.00 40.03  ?  28  C   A C2    1 
ATOM   570  O  O2    . C   A 1 27 ? 5.659   14.161  2.647   1.00 42.92  ?  28  C   A O2    1 
ATOM   571  N  N3    . C   A 1 27 ? 6.086   12.151  1.677   1.00 38.66  ?  28  C   A N3    1 
ATOM   572  C  C4    . C   A 1 27 ? 6.551   10.899  1.820   1.00 39.14  ?  28  C   A C4    1 
ATOM   573  N  N4    . C   A 1 27 ? 6.555   10.094  0.753   1.00 32.05  ?  28  C   A N4    1 
ATOM   574  C  C5    . C   A 1 27 ? 7.041   10.418  3.071   1.00 38.51  ?  28  C   A C5    1 
ATOM   575  C  C6    . C   A 1 27 ? 7.026   11.267  4.115   1.00 39.58  ?  28  C   A C6    1 
ATOM   576  P  P     . C   A 1 28 ? 3.276   12.196  8.624   1.00 28.84  ?  29  C   A P     1 
ATOM   577  O  OP1   . C   A 1 28 ? 3.751   10.791  8.604   1.00 31.86  ?  29  C   A OP1   1 
ATOM   578  O  OP2   . C   A 1 28 ? 2.033   12.596  7.901   1.00 32.39  ?  29  C   A OP2   1 
ATOM   579  O  "O5'" . C   A 1 28 ? 3.104   12.593  10.151  1.00 26.56  ?  29  C   A "O5'" 1 
ATOM   580  C  "C5'" . C   A 1 28 ? 4.221   12.557  11.016  1.00 25.54  ?  29  C   A "C5'" 1 
ATOM   581  C  "C4'" . C   A 1 28 ? 3.808   12.699  12.451  1.00 26.10  ?  29  C   A "C4'" 1 
ATOM   582  O  "O4'" . C   A 1 28 ? 3.355   14.052  12.715  1.00 27.63  ?  29  C   A "O4'" 1 
ATOM   583  C  "C3'" . C   A 1 28 ? 2.656   11.828  12.918  1.00 25.12  ?  29  C   A "C3'" 1 
ATOM   584  O  "O3'" . C   A 1 28 ? 3.067   10.500  13.187  1.00 25.44  ?  29  C   A "O3'" 1 
ATOM   585  C  "C2'" . C   A 1 28 ? 2.173   12.580  14.156  1.00 25.53  ?  29  C   A "C2'" 1 
ATOM   586  O  "O2'" . C   A 1 28 ? 3.035   12.351  15.261  1.00 28.35  ?  29  C   A "O2'" 1 
ATOM   587  C  "C1'" . C   A 1 28 ? 2.357   14.032  13.714  1.00 27.90  ?  29  C   A "C1'" 1 
ATOM   588  N  N1    . C   A 1 28 ? 1.113   14.586  13.148  1.00 26.96  ?  29  C   A N1    1 
ATOM   589  C  C2    . C   A 1 28 ? 0.055   14.888  14.012  1.00 26.08  ?  29  C   A C2    1 
ATOM   590  O  O2    . C   A 1 28 ? 0.175   14.710  15.238  1.00 27.66  ?  29  C   A O2    1 
ATOM   591  N  N3    . C   A 1 28 ? -1.083  15.372  13.484  1.00 26.63  ?  29  C   A N3    1 
ATOM   592  C  C4    . C   A 1 28 ? -1.174  15.557  12.165  1.00 26.40  ?  29  C   A C4    1 
ATOM   593  N  N4    . C   A 1 28 ? -2.318  16.042  11.689  1.00 27.39  ?  29  C   A N4    1 
ATOM   594  C  C5    . C   A 1 28 ? -0.115  15.247  11.271  1.00 27.77  ?  29  C   A C5    1 
ATOM   595  C  C6    . C   A 1 28 ? 1.014   14.763  11.801  1.00 27.38  ?  29  C   A C6    1 
ATOM   596  P  P     . A   A 1 29 ? 2.062   9.262   12.994  1.00 24.78  ?  30  A   A P     1 
ATOM   597  O  OP1   . A   A 1 29 ? 2.710   8.031   13.529  1.00 22.88  ?  30  A   A OP1   1 
ATOM   598  O  OP2   . A   A 1 29 ? 1.500   9.332   11.631  1.00 22.73  ?  30  A   A OP2   1 
ATOM   599  O  "O5'" . A   A 1 29 ? 0.873   9.606   13.977  1.00 25.23  ?  30  A   A "O5'" 1 
ATOM   600  C  "C5'" . A   A 1 29 ? 1.043   9.506   15.374  1.00 24.39  ?  30  A   A "C5'" 1 
ATOM   601  C  "C4'" . A   A 1 29 ? -0.193  9.991   16.077  1.00 28.27  ?  30  A   A "C4'" 1 
ATOM   602  O  "O4'" . A   A 1 29 ? -0.393  11.405  15.805  1.00 30.02  ?  30  A   A "O4'" 1 
ATOM   603  C  "C3'" . A   A 1 29 ? -1.506  9.358   15.634  1.00 21.73  ?  30  A   A "C3'" 1 
ATOM   604  O  "O3'" . A   A 1 29 ? -1.732  8.103   16.229  1.00 25.13  ?  30  A   A "O3'" 1 
ATOM   605  C  "C2'" . A   A 1 29 ? -2.508  10.396  16.082  1.00 22.58  ?  30  A   A "C2'" 1 
ATOM   606  O  "O2'" . A   A 1 29 ? -2.629  10.358  17.494  1.00 23.85  ?  30  A   A "O2'" 1 
ATOM   607  C  "C1'" . A   A 1 29 ? -1.777  11.671  15.692  1.00 24.13  ?  30  A   A "C1'" 1 
ATOM   608  N  N9    . A   A 1 29 ? -2.060  11.979  14.288  1.00 26.53  ?  30  A   A N9    1 
ATOM   609  C  C8    . A   A 1 29 ? -1.271  11.789  13.184  1.00 24.73  ?  30  A   A C8    1 
ATOM   610  N  N7    . A   A 1 29 ? -1.868  12.150  12.070  1.00 25.75  ?  30  A   A N7    1 
ATOM   611  C  C5    . A   A 1 29 ? -3.120  12.591  12.471  1.00 24.75  ?  30  A   A C5    1 
ATOM   612  C  C6    . A   A 1 29 ? -4.219  13.103  11.761  1.00 28.64  ?  30  A   A C6    1 
ATOM   613  N  N6    . A   A 1 29 ? -4.230  13.264  10.430  1.00 26.81  ?  30  A   A N6    1 
ATOM   614  N  N1    . A   A 1 29 ? -5.311  13.441  12.483  1.00 27.42  ?  30  A   A N1    1 
ATOM   615  C  C2    . A   A 1 29 ? -5.287  13.273  13.815  1.00 24.69  ?  30  A   A C2    1 
ATOM   616  N  N3    . A   A 1 29 ? -4.314  12.809  14.593  1.00 22.72  ?  30  A   A N3    1 
ATOM   617  C  C4    . A   A 1 29 ? -3.256  12.483  13.840  1.00 27.07  ?  30  A   A C4    1 
ATOM   618  P  P     . A   A 1 30 ? -2.533  6.975   15.435  1.00 20.97  ?  31  A   A P     1 
ATOM   619  O  OP1   . A   A 1 30 ? -2.611  5.827   16.385  1.00 19.06  ?  31  A   A OP1   1 
ATOM   620  O  OP2   . A   A 1 30 ? -1.946  6.892   14.076  1.00 18.93  ?  31  A   A OP2   1 
ATOM   621  O  "O5'" . A   A 1 30 ? -3.984  7.586   15.244  1.00 20.58  ?  31  A   A "O5'" 1 
ATOM   622  C  "C5'" . A   A 1 30 ? -4.887  7.673   16.329  1.00 24.09  ?  31  A   A "C5'" 1 
ATOM   623  C  "C4'" . A   A 1 30 ? -6.246  8.073   15.832  1.00 22.40  ?  31  A   A "C4'" 1 
ATOM   624  O  "O4'" . A   A 1 30 ? -6.135  9.358   15.180  1.00 23.45  ?  31  A   A "O4'" 1 
ATOM   625  C  "C3'" . A   A 1 30 ? -6.818  7.152   14.765  1.00 23.87  ?  31  A   A "C3'" 1 
ATOM   626  O  "O3'" . A   A 1 30 ? -7.507  6.057   15.332  1.00 25.27  ?  31  A   A "O3'" 1 
ATOM   627  C  "C2'" . A   A 1 30 ? -7.714  8.080   13.955  1.00 25.97  ?  31  A   A "C2'" 1 
ATOM   628  O  "O2'" . A   A 1 30 ? -8.957  8.270   14.616  1.00 21.43  ?  31  A   A "O2'" 1 
ATOM   629  C  "C1'" . A   A 1 30 ? -6.922  9.385   14.012  1.00 25.61  ?  31  A   A "C1'" 1 
ATOM   630  N  N9    . A   A 1 30 ? -5.998  9.520   12.877  1.00 25.01  ?  31  A   A N9    1 
ATOM   631  C  C8    . A   A 1 30 ? -4.635  9.380   12.926  1.00 26.18  ?  31  A   A C8    1 
ATOM   632  N  N7    . A   A 1 30 ? -4.052  9.564   11.770  1.00 25.55  ?  31  A   A N7    1 
ATOM   633  C  C5    . A   A 1 30 ? -5.089  9.847   10.908  1.00 23.03  ?  31  A   A C5    1 
ATOM   634  C  C6    . A   A 1 30 ? -5.113  10.139  9.538   1.00 26.56  ?  31  A   A C6    1 
ATOM   635  N  N6    . A   A 1 30 ? -4.003  10.180  8.785   1.00 24.07  ?  31  A   A N6    1 
ATOM   636  N  N1    . A   A 1 30 ? -6.331  10.384  8.971   1.00 23.32  ?  31  A   A N1    1 
ATOM   637  C  C2    . A   A 1 30 ? -7.417  10.316  9.748   1.00 23.52  ?  31  A   A C2    1 
ATOM   638  N  N3    . A   A 1 30 ? -7.520  10.061  11.055  1.00 25.94  ?  31  A   A N3    1 
ATOM   639  C  C4    . A   A 1 30 ? -6.302  9.828   11.578  1.00 26.01  ?  31  A   A C4    1 
ATOM   640  P  P     . U   A 1 31 ? -7.327  4.574   14.737  1.00 26.99  ?  32  U   A P     1 
ATOM   641  O  OP1   . U   A 1 31 ? -8.137  3.679   15.607  1.00 24.51  ?  32  U   A OP1   1 
ATOM   642  O  OP2   . U   A 1 31 ? -5.855  4.353   14.637  1.00 26.76  ?  32  U   A OP2   1 
ATOM   643  O  "O5'" . U   A 1 31 ? -7.981  4.650   13.294  1.00 26.45  ?  32  U   A "O5'" 1 
ATOM   644  C  "C5'" . U   A 1 31 ? -9.359  4.991   13.144  1.00 24.64  ?  32  U   A "C5'" 1 
ATOM   645  C  "C4'" . U   A 1 31 ? -9.737  5.160   11.693  1.00 23.94  ?  32  U   A "C4'" 1 
ATOM   646  O  "O4'" . U   A 1 31 ? -9.216  6.409   11.181  1.00 23.01  ?  32  U   A "O4'" 1 
ATOM   647  C  "C3'" . U   A 1 31 ? -9.198  4.112   10.731  1.00 25.86  ?  32  U   A "C3'" 1 
ATOM   648  O  "O3'" . U   A 1 31 ? -9.971  2.927   10.738  1.00 28.17  ?  32  U   A "O3'" 1 
ATOM   649  C  "C2'" . U   A 1 31 ? -9.216  4.851   9.393   1.00 26.89  ?  32  U   A "C2'" 1 
ATOM   650  O  "O2'" . U   A 1 31 ? -10.525 4.873   8.850   1.00 27.23  ?  32  U   A "O2'" 1 
ATOM   651  C  "C1'" . U   A 1 31 ? -8.853  6.273   9.823   1.00 23.95  ?  32  U   A "C1'" 1 
ATOM   652  N  N1    . U   A 1 31 ? -7.396  6.499   9.696   1.00 25.33  ?  32  U   A N1    1 
ATOM   653  C  C2    . U   A 1 31 ? -6.931  7.082   8.540   1.00 23.72  ?  32  U   A C2    1 
ATOM   654  O  O2    . U   A 1 31 ? -7.663  7.450   7.633   1.00 21.78  ?  32  U   A O2    1 
ATOM   655  N  N3    . U   A 1 31 ? -5.561  7.228   8.503   1.00 23.08  ?  32  U   A N3    1 
ATOM   656  C  C4    . U   A 1 31 ? -4.639  6.845   9.469   1.00 25.62  ?  32  U   A C4    1 
ATOM   657  O  O4    . U   A 1 31 ? -3.434  7.032   9.286   1.00 26.27  ?  32  U   A O4    1 
ATOM   658  C  C5    . U   A 1 31 ? -5.204  6.248   10.633  1.00 23.52  ?  32  U   A C5    1 
ATOM   659  C  C6    . U   A 1 31 ? -6.527  6.100   10.694  1.00 24.73  ?  32  U   A C6    1 
ATOM   660  P  P     . C   A 1 32 ? -9.301  1.528   11.138  1.00 29.73  ?  33  C   A P     1 
ATOM   661  O  OP1   . C   A 1 32 ? -10.307 0.669   11.809  1.00 30.16  ?  33  C   A OP1   1 
ATOM   662  O  OP2   . C   A 1 32 ? -8.008  1.853   11.810  1.00 25.07  ?  33  C   A OP2   1 
ATOM   663  O  "O5'" . C   A 1 32 ? -8.989  0.854   9.738   1.00 28.17  ?  33  C   A "O5'" 1 
ATOM   664  C  "C5'" . C   A 1 32 ? -7.806  1.161   9.026   1.00 26.33  ?  33  C   A "C5'" 1 
ATOM   665  C  "C4'" . C   A 1 32 ? -7.189  -0.095  8.470   1.00 26.84  ?  33  C   A "C4'" 1 
ATOM   666  O  "O4'" . C   A 1 32 ? -7.916  -0.532  7.283   1.00 22.18  ?  33  C   A "O4'" 1 
ATOM   667  C  "C3'" . C   A 1 32 ? -5.745  0.028   8.016   1.00 23.89  ?  33  C   A "C3'" 1 
ATOM   668  O  "O3'" . C   A 1 32 ? -4.835  -0.114  9.097   1.00 28.33  ?  33  C   A "O3'" 1 
ATOM   669  C  "C2'" . C   A 1 32 ? -5.633  -1.086  6.978   1.00 28.29  ?  33  C   A "C2'" 1 
ATOM   670  O  "O2'" . C   A 1 32 ? -5.499  -2.350  7.605   1.00 27.41  ?  33  C   A "O2'" 1 
ATOM   671  C  "C1'" . C   A 1 32 ? -7.015  -1.024  6.316   1.00 24.88  ?  33  C   A "C1'" 1 
ATOM   672  N  N1    . C   A 1 32 ? -7.016  -0.112  5.142   1.00 24.65  ?  33  C   A N1    1 
ATOM   673  C  C2    . C   A 1 32 ? -6.317  -0.503  4.001   1.00 24.25  ?  33  C   A C2    1 
ATOM   674  O  O2    . C   A 1 32 ? -5.737  -1.599  3.952   1.00 25.39  ?  33  C   A O2    1 
ATOM   675  N  N3    . C   A 1 32 ? -6.290  0.326   2.944   1.00 27.24  ?  33  C   A N3    1 
ATOM   676  C  C4    . C   A 1 32 ? -6.911  1.499   2.978   1.00 24.57  ?  33  C   A C4    1 
ATOM   677  N  N4    . C   A 1 32 ? -6.824  2.240   1.875   1.00 25.94  ?  33  C   A N4    1 
ATOM   678  C  C5    . C   A 1 32 ? -7.637  1.931   4.113   1.00 20.66  ?  33  C   A C5    1 
ATOM   679  C  C6    . C   A 1 32 ? -7.653  1.103   5.162   1.00 22.88  ?  33  C   A C6    1 
ATOM   680  P  P     . G   A 1 33 ? -3.754  1.023   9.463   1.00 27.73  ?  34  G   A P     1 
ATOM   681  O  OP1   . G   A 1 33 ? -2.877  0.499   10.542  1.00 28.06  ?  34  G   A OP1   1 
ATOM   682  O  OP2   . G   A 1 33 ? -4.496  2.291   9.641   1.00 28.68  ?  34  G   A OP2   1 
ATOM   683  O  "O5'" . G   A 1 33 ? -2.868  1.171   8.150   1.00 27.93  ?  34  G   A "O5'" 1 
ATOM   684  C  "C5'" . G   A 1 33 ? -2.122  0.065   7.647   1.00 25.84  ?  34  G   A "C5'" 1 
ATOM   685  C  "C4'" . G   A 1 33 ? -1.756  0.259   6.195   1.00 23.14  ?  34  G   A "C4'" 1 
ATOM   686  O  "O4'" . G   A 1 33 ? -2.965  0.319   5.378   1.00 26.17  ?  34  G   A "O4'" 1 
ATOM   687  C  "C3'" . G   A 1 33 ? -1.025  1.552   5.871   1.00 25.24  ?  34  G   A "C3'" 1 
ATOM   688  O  "O3'" . G   A 1 33 ? 0.368   1.468   6.126   1.00 24.99  ?  34  G   A "O3'" 1 
ATOM   689  C  "C2'" . G   A 1 33 ? -1.344  1.754   4.399   1.00 26.15  ?  34  G   A "C2'" 1 
ATOM   690  O  "O2'" . G   A 1 33 ? -0.512  0.905   3.622   1.00 25.99  ?  34  G   A "O2'" 1 
ATOM   691  C  "C1'" . G   A 1 33 ? -2.783  1.236   4.316   1.00 23.97  ?  34  G   A "C1'" 1 
ATOM   692  N  N9    . G   A 1 33 ? -3.770  2.324   4.447   1.00 23.08  ?  34  G   A N9    1 
ATOM   693  C  C8    . G   A 1 33 ? -4.484  2.641   5.576   1.00 24.78  ?  34  G   A C8    1 
ATOM   694  N  N7    . G   A 1 33 ? -5.282  3.666   5.416   1.00 26.90  ?  34  G   A N7    1 
ATOM   695  C  C5    . G   A 1 33 ? -5.079  4.057   4.090   1.00 26.12  ?  34  G   A C5    1 
ATOM   696  C  C6    . G   A 1 33 ? -5.678  5.104   3.325   1.00 24.36  ?  34  G   A C6    1 
ATOM   697  O  O6    . G   A 1 33 ? -6.532  5.940   3.657   1.00 26.35  ?  34  G   A O6    1 
ATOM   698  N  N1    . G   A 1 33 ? -5.194  5.136   2.025   1.00 23.68  ?  34  G   A N1    1 
ATOM   699  C  C2    . G   A 1 33 ? -4.259  4.272   1.525   1.00 25.87  ?  34  G   A C2    1 
ATOM   700  N  N2    . G   A 1 33 ? -3.923  4.475   0.251   1.00 28.70  ?  34  G   A N2    1 
ATOM   701  N  N3    . G   A 1 33 ? -3.693  3.293   2.222   1.00 23.53  ?  34  G   A N3    1 
ATOM   702  C  C4    . G   A 1 33 ? -4.148  3.233   3.485   1.00 22.79  ?  34  G   A C4    1 
ATOM   703  P  P     . U   A 1 34 ? 1.193   2.741   6.673   1.00 21.65  ?  35  U   A P     1 
ATOM   704  O  OP1   . U   A 1 34 ? 2.630   2.335   6.800   1.00 24.76  ?  35  U   A OP1   1 
ATOM   705  O  OP2   . U   A 1 34 ? 0.484   3.213   7.875   1.00 20.95  ?  35  U   A OP2   1 
ATOM   706  O  "O5'" . U   A 1 34 ? 1.118   3.788   5.483   1.00 22.98  ?  35  U   A "O5'" 1 
ATOM   707  C  "C5'" . U   A 1 34 ? 1.697   3.470   4.233   1.00 21.81  ?  35  U   A "C5'" 1 
ATOM   708  C  "C4'" . U   A 1 34 ? 1.229   4.402   3.152   1.00 24.85  ?  35  U   A "C4'" 1 
ATOM   709  O  "O4'" . U   A 1 34 ? -0.213  4.353   3.009   1.00 27.75  ?  35  U   A "O4'" 1 
ATOM   710  C  "C3'" . U   A 1 34 ? 1.515   5.867   3.391   1.00 23.56  ?  35  U   A "C3'" 1 
ATOM   711  O  "O3'" . U   A 1 34 ? 2.867   6.186   3.125   1.00 31.26  ?  35  U   A "O3'" 1 
ATOM   712  C  "C2'" . U   A 1 34 ? 0.521   6.556   2.468   1.00 25.22  ?  35  U   A "C2'" 1 
ATOM   713  O  "O2'" . U   A 1 34 ? 1.007   6.592   1.133   1.00 24.67  ?  35  U   A "O2'" 1 
ATOM   714  C  "C1'" . U   A 1 34 ? -0.681  5.601   2.540   1.00 24.97  ?  35  U   A "C1'" 1 
ATOM   715  N  N1    . U   A 1 34 ? -1.719  6.099   3.465   1.00 26.83  ?  35  U   A N1    1 
ATOM   716  C  C2    . U   A 1 34 ? -2.541  7.116   3.007   1.00 25.07  ?  35  U   A C2    1 
ATOM   717  O  O2    . U   A 1 34 ? -2.454  7.591   1.895   1.00 27.05  ?  35  U   A O2    1 
ATOM   718  N  N3    . U   A 1 34 ? -3.478  7.561   3.887   1.00 25.03  ?  35  U   A N3    1 
ATOM   719  C  C4    . U   A 1 34 ? -3.685  7.124   5.172   1.00 26.70  ?  35  U   A C4    1 
ATOM   720  O  O4    . U   A 1 34 ? -4.581  7.644   5.841   1.00 21.53  ?  35  U   A O4    1 
ATOM   721  C  C5    . U   A 1 34 ? -2.787  6.076   5.584   1.00 26.34  ?  35  U   A C5    1 
ATOM   722  C  C6    . U   A 1 34 ? -1.851  5.606   4.740   1.00 26.11  ?  35  U   A C6    1 
ATOM   723  P  P     . A   A 1 35 ? 3.683   7.057   4.196   1.00 26.12  ?  36  A   A P     1 
ATOM   724  O  OP1   . A   A 1 35 ? 5.087   7.195   3.769   1.00 29.24  ?  36  A   A OP1   1 
ATOM   725  O  OP2   . A   A 1 35 ? 3.364   6.431   5.498   1.00 18.99  ?  36  A   A OP2   1 
ATOM   726  O  "O5'" . A   A 1 35 ? 2.970   8.489   4.074   1.00 30.00  ?  36  A   A "O5'" 1 
ATOM   727  C  "C5'" . A   A 1 35 ? 3.120   9.487   5.072   1.00 31.20  ?  36  A   A "C5'" 1 
ATOM   728  C  "C4'" . A   A 1 35 ? 2.666   10.840  4.575   1.00 30.51  ?  36  A   A "C4'" 1 
ATOM   729  O  "O4'" . A   A 1 35 ? 3.546   11.299  3.521   1.00 30.93  ?  36  A   A "O4'" 1 
ATOM   730  C  "C3'" . A   A 1 35 ? 1.278   10.874  3.951   1.00 31.88  ?  36  A   A "C3'" 1 
ATOM   731  O  "O3'" . A   A 1 35 ? 0.273   11.005  4.931   1.00 25.73  ?  36  A   A "O3'" 1 
ATOM   732  C  "C2'" . A   A 1 35 ? 1.357   12.054  2.995   1.00 29.85  ?  36  A   A "C2'" 1 
ATOM   733  O  "O2'" . A   A 1 35 ? 1.194   13.280  3.693   1.00 28.67  ?  36  A   A "O2'" 1 
ATOM   734  C  "C1'" . A   A 1 35 ? 2.803   11.964  2.524   1.00 34.60  ?  36  A   A "C1'" 1 
ATOM   735  N  N9    . A   A 1 35 ? 2.929   11.187  1.284   1.00 38.84  ?  36  A   A N9    1 
ATOM   736  C  C8    . A   A 1 35 ? 3.464   9.931   1.152   1.00 33.96  ?  36  A   A C8    1 
ATOM   737  N  N7    . A   A 1 35 ? 3.462   9.492   -0.081  1.00 36.10  ?  36  A   A N7    1 
ATOM   738  C  C5    . A   A 1 35 ? 2.880   10.527  -0.799  1.00 37.72  ?  36  A   A C5    1 
ATOM   739  C  C6    . A   A 1 35 ? 2.592   10.669  -2.167  1.00 39.83  ?  36  A   A C6    1 
ATOM   740  N  N6    . A   A 1 35 ? 2.864   9.722   -3.080  1.00 40.55  ?  36  A   A N6    1 
ATOM   741  N  N1    . A   A 1 35 ? 2.015   11.832  -2.552  1.00 37.83  ?  36  A   A N1    1 
ATOM   742  C  C2    . A   A 1 35 ? 1.749   12.774  -1.631  1.00 37.31  ?  36  A   A C2    1 
ATOM   743  N  N3    . A   A 1 35 ? 1.974   12.763  -0.316  1.00 36.29  ?  36  A   A N3    1 
ATOM   744  C  C4    . A   A 1 35 ? 2.546   11.589  0.030   1.00 38.08  ?  36  A   A C4    1 
ATOM   745  P  P     . G   A 1 36 ? -0.828  9.859   5.074   1.00 29.92  ?  37  G   A P     1 
ATOM   746  O  OP1   . G   A 1 36 ? -1.371  9.964   6.452   1.00 27.10  ?  37  G   A OP1   1 
ATOM   747  O  OP2   . G   A 1 36 ? -0.230  8.575   4.609   1.00 30.57  ?  37  G   A OP2   1 
ATOM   748  O  "O5'" . G   A 1 36 ? -1.948  10.309  4.049   1.00 27.45  ?  37  G   A "O5'" 1 
ATOM   749  C  "C5'" . G   A 1 36 ? -2.429  11.644  4.096   1.00 29.43  ?  37  G   A "C5'" 1 
ATOM   750  C  "C4'" . G   A 1 36 ? -2.796  12.127  2.726   1.00 31.30  ?  37  G   A "C4'" 1 
ATOM   751  O  "O4'" . G   A 1 36 ? -1.621  12.170  1.886   1.00 29.37  ?  37  G   A "O4'" 1 
ATOM   752  C  "C3'" . G   A 1 36 ? -3.765  11.238  1.968   1.00 31.00  ?  37  G   A "C3'" 1 
ATOM   753  O  "O3'" . G   A 1 36 ? -5.102  11.464  2.367   1.00 29.13  ?  37  G   A "O3'" 1 
ATOM   754  C  "C2'" . G   A 1 36 ? -3.487  11.605  0.519   1.00 31.75  ?  37  G   A "C2'" 1 
ATOM   755  O  "O2'" . G   A 1 36 ? -4.147  12.815  0.180   1.00 30.68  ?  37  G   A "O2'" 1 
ATOM   756  C  "C1'" . G   A 1 36 ? -1.974  11.866  0.558   1.00 31.46  ?  37  G   A "C1'" 1 
ATOM   757  N  N9    . G   A 1 36 ? -1.195  10.698  0.108   1.00 33.91  ?  37  G   A N9    1 
ATOM   758  C  C8    . G   A 1 36 ? -0.450  9.794   0.834   1.00 29.94  ?  37  G   A C8    1 
ATOM   759  N  N7    . G   A 1 36 ? 0.112   8.893   0.084   1.00 31.92  ?  37  G   A N7    1 
ATOM   760  C  C5    . G   A 1 36 ? -0.285  9.207   -1.210  1.00 32.27  ?  37  G   A C5    1 
ATOM   761  C  C6    . G   A 1 36 ? -0.001  8.580   -2.448  1.00 33.79  ?  37  G   A C6    1 
ATOM   762  O  O6    . G   A 1 36 ? 0.694   7.576   -2.677  1.00 32.28  ?  37  G   A O6    1 
ATOM   763  N  N1    . G   A 1 36 ? -0.626  9.264   -3.494  1.00 36.37  ?  37  G   A N1    1 
ATOM   764  C  C2    . G   A 1 36 ? -1.427  10.384  -3.378  1.00 36.11  ?  37  G   A C2    1 
ATOM   765  N  N2    . G   A 1 36 ? -1.948  10.898  -4.507  1.00 36.04  ?  37  G   A N2    1 
ATOM   766  N  N3    . G   A 1 36 ? -1.692  10.970  -2.228  1.00 33.93  ?  37  G   A N3    1 
ATOM   767  C  C4    . G   A 1 36 ? -1.092  10.323  -1.207  1.00 34.45  ?  37  G   A C4    1 
ATOM   768  P  P     . C   A 1 37 ? -6.192  10.293  2.289   1.00 30.03  ?  38  C   A P     1 
ATOM   769  O  OP1   . C   A 1 37 ? -7.418  10.824  2.929   1.00 29.71  ?  38  C   A OP1   1 
ATOM   770  O  OP2   . C   A 1 37 ? -5.687  8.968   2.729   1.00 27.50  ?  38  C   A OP2   1 
ATOM   771  O  "O5'" . C   A 1 37 ? -6.480  10.208  0.738   1.00 32.83  ?  38  C   A "O5'" 1 
ATOM   772  C  "C5'" . C   A 1 37 ? -7.083  11.297  0.054   1.00 31.16  ?  38  C   A "C5'" 1 
ATOM   773  C  "C4'" . C   A 1 37 ? -7.238  10.980  -1.411  1.00 30.71  ?  38  C   A "C4'" 1 
ATOM   774  O  "O4'" . C   A 1 37 ? -5.939  11.023  -2.057  1.00 31.39  ?  38  C   A "O4'" 1 
ATOM   775  C  "C3'" . C   A 1 37 ? -7.752  9.583   -1.733  1.00 31.13  ?  38  C   A "C3'" 1 
ATOM   776  O  "O3'" . C   A 1 37 ? -9.150  9.446   -1.586  1.00 32.21  ?  38  C   A "O3'" 1 
ATOM   777  C  "C2'" . C   A 1 37 ? -7.250  9.374   -3.153  1.00 30.12  ?  38  C   A "C2'" 1 
ATOM   778  O  "O2'" . C   A 1 37 ? -8.030  10.108  -4.079  1.00 30.04  ?  38  C   A "O2'" 1 
ATOM   779  C  "C1'" . C   A 1 37 ? -5.873  10.033  -3.069  1.00 34.08  ?  38  C   A "C1'" 1 
ATOM   780  N  N1    . C   A 1 37 ? -4.849  9.027   -2.722  1.00 29.71  ?  38  C   A N1    1 
ATOM   781  C  C2    . C   A 1 37 ? -4.308  8.301   -3.783  1.00 33.28  ?  38  C   A C2    1 
ATOM   782  O  O2    . C   A 1 37 ? -4.668  8.557   -4.949  1.00 30.69  ?  38  C   A O2    1 
ATOM   783  N  N3    . C   A 1 37 ? -3.389  7.340   -3.517  1.00 32.93  ?  38  C   A N3    1 
ATOM   784  C  C4    . C   A 1 37 ? -3.025  7.090   -2.264  1.00 30.78  ?  38  C   A C4    1 
ATOM   785  N  N4    . C   A 1 37 ? -2.116  6.126   -2.077  1.00 33.35  ?  38  C   A N4    1 
ATOM   786  C  C5    . C   A 1 37 ? -3.583  7.803   -1.160  1.00 30.52  ?  38  C   A C5    1 
ATOM   787  C  C6    . C   A 1 37 ? -4.493  8.747   -1.430  1.00 30.75  ?  38  C   A C6    1 
ATOM   788  P  P     . G   A 1 38 ? -9.786  8.025   -1.195  1.00 30.28  ?  39  G   A P     1 
ATOM   789  O  OP1   . G   A 1 38 ? -11.237 8.327   -1.062  1.00 32.60  ?  39  G   A OP1   1 
ATOM   790  O  OP2   . G   A 1 38 ? -9.071  7.359   -0.075  1.00 27.14  ?  39  G   A OP2   1 
ATOM   791  O  "O5'" . G   A 1 38 ? -9.484  7.100   -2.463  1.00 32.95  ?  39  G   A "O5'" 1 
ATOM   792  C  "C5'" . G   A 1 38 ? -10.078 7.362   -3.722  1.00 28.77  ?  39  G   A "C5'" 1 
ATOM   793  C  "C4'" . G   A 1 38 ? -9.465  6.531   -4.816  1.00 29.78  ?  39  G   A "C4'" 1 
ATOM   794  O  "O4'" . G   A 1 38 ? -8.044  6.791   -4.940  1.00 33.10  ?  39  G   A "O4'" 1 
ATOM   795  C  "C3'" . G   A 1 38 ? -9.532  5.027   -4.645  1.00 32.17  ?  39  G   A "C3'" 1 
ATOM   796  O  "O3'" . G   A 1 38 ? -10.807 4.495   -4.925  1.00 29.29  ?  39  G   A "O3'" 1 
ATOM   797  C  "C2'" . G   A 1 38 ? -8.460  4.554   -5.612  1.00 32.29  ?  39  G   A "C2'" 1 
ATOM   798  O  "O2'" . G   A 1 38 ? -8.934  4.646   -6.948  1.00 31.43  ?  39  G   A "O2'" 1 
ATOM   799  C  "C1'" . G   A 1 38 ? -7.389  5.622   -5.404  1.00 27.73  ?  39  G   A "C1'" 1 
ATOM   800  N  N9    . G   A 1 38 ? -6.382  5.178   -4.418  1.00 31.43  ?  39  G   A N9    1 
ATOM   801  C  C8    . G   A 1 38 ? -6.211  5.595   -3.116  1.00 29.53  ?  39  G   A C8    1 
ATOM   802  N  N7    . G   A 1 38 ? -5.231  4.978   -2.508  1.00 28.90  ?  39  G   A N7    1 
ATOM   803  C  C5    . G   A 1 38 ? -4.720  4.102   -3.454  1.00 29.71  ?  39  G   A C5    1 
ATOM   804  C  C6    . G   A 1 38 ? -3.648  3.176   -3.370  1.00 30.06  ?  39  G   A C6    1 
ATOM   805  O  O6    . G   A 1 38 ? -2.923  2.950   -2.404  1.00 28.18  ?  39  G   A O6    1 
ATOM   806  N  N1    . G   A 1 38 ? -3.455  2.472   -4.550  1.00 30.71  ?  39  G   A N1    1 
ATOM   807  C  C2    . G   A 1 38 ? -4.207  2.639   -5.684  1.00 30.84  ?  39  G   A C2    1 
ATOM   808  N  N2    . G   A 1 38 ? -3.884  1.867   -6.732  1.00 29.20  ?  39  G   A N2    1 
ATOM   809  N  N3    . G   A 1 38 ? -5.213  3.498   -5.777  1.00 31.17  ?  39  G   A N3    1 
ATOM   810  C  C4    . G   A 1 38 ? -5.418  4.200   -4.633  1.00 31.53  ?  39  G   A C4    1 
ATOM   811  P  P     . U   A 1 39 ? -11.325 3.204   -4.130  1.00 30.32  ?  40  U   A P     1 
ATOM   812  O  OP1   . U   A 1 39 ? -12.719 2.958   -4.554  1.00 28.92  ?  40  U   A OP1   1 
ATOM   813  O  OP2   . U   A 1 39 ? -10.997 3.322   -2.691  1.00 24.80  ?  40  U   A OP2   1 
ATOM   814  O  "O5'" . U   A 1 39 ? -10.448 2.016   -4.742  1.00 32.99  ?  40  U   A "O5'" 1 
ATOM   815  C  "C5'" . U   A 1 39 ? -10.429 1.772   -6.137  1.00 31.77  ?  40  U   A "C5'" 1 
ATOM   816  C  "C4'" . U   A 1 39 ? -9.346  0.789   -6.503  1.00 32.54  ?  40  U   A "C4'" 1 
ATOM   817  O  "O4'" . U   A 1 39 ? -8.051  1.301   -6.097  1.00 35.63  ?  40  U   A "O4'" 1 
ATOM   818  C  "C3'" . U   A 1 39 ? -9.444  -0.568  -5.836  1.00 31.09  ?  40  U   A "C3'" 1 
ATOM   819  O  "O3'" . U   A 1 39 ? -10.325 -1.412  -6.552  1.00 31.95  ?  40  U   A "O3'" 1 
ATOM   820  C  "C2'" . U   A 1 39 ? -7.998  -1.070  -5.836  1.00 30.54  ?  40  U   A "C2'" 1 
ATOM   821  O  "O2'" . U   A 1 39 ? -7.691  -1.737  -7.057  1.00 36.18  ?  40  U   A "O2'" 1 
ATOM   822  C  "C1'" . U   A 1 39 ? -7.194  0.236   -5.757  1.00 28.66  ?  40  U   A "C1'" 1 
ATOM   823  N  N1    . U   A 1 39 ? -6.669  0.495   -4.405  1.00 28.34  ?  40  U   A N1    1 
ATOM   824  C  C2    . U   A 1 39 ? -5.559  -0.202  -4.008  1.00 28.17  ?  40  U   A C2    1 
ATOM   825  O  O2    . U   A 1 39 ? -4.990  -1.012  -4.720  1.00 27.16  ?  40  U   A O2    1 
ATOM   826  N  N3    . U   A 1 39 ? -5.149  0.098   -2.739  1.00 29.13  ?  40  U   A N3    1 
ATOM   827  C  C4    . U   A 1 39 ? -5.725  0.996   -1.861  1.00 28.70  ?  40  U   A C4    1 
ATOM   828  O  O4    . U   A 1 39 ? -5.237  1.157   -0.750  1.00 26.93  ?  40  U   A O4    1 
ATOM   829  C  C5    . U   A 1 39 ? -6.878  1.682   -2.358  1.00 30.83  ?  40  U   A C5    1 
ATOM   830  C  C6    . U   A 1 39 ? -7.295  1.409   -3.592  1.00 28.72  ?  40  U   A C6    1 
ATOM   831  P  P     . G   A 1 40 ? -11.235 -2.507  -5.809  1.00 31.71  ?  41  G   A P     1 
ATOM   832  O  OP1   . G   A 1 40 ? -12.112 -3.097  -6.852  1.00 31.94  ?  41  G   A OP1   1 
ATOM   833  O  OP2   . G   A 1 40 ? -11.788 -2.006  -4.530  1.00 29.87  ?  41  G   A OP2   1 
ATOM   834  O  "O5'" . G   A 1 40 ? -10.228 -3.654  -5.415  1.00 30.70  ?  41  G   A "O5'" 1 
ATOM   835  C  "C5'" . G   A 1 40 ? -10.727 -4.779  -4.721  1.00 27.53  ?  41  G   A "C5'" 1 
ATOM   836  C  "C4'" . G   A 1 40 ? -9.630  -5.457  -3.985  1.00 28.58  ?  41  G   A "C4'" 1 
ATOM   837  O  "O4'" . G   A 1 40 ? -9.269  -4.671  -2.820  1.00 29.47  ?  41  G   A "O4'" 1 
ATOM   838  C  "C3'" . G   A 1 40 ? -9.955  -6.861  -3.492  1.00 27.97  ?  41  G   A "C3'" 1 
ATOM   839  O  "O3'" . G   A 1 40 ? -8.916  -7.732  -3.893  1.00 29.18  ?  41  G   A "O3'" 1 
ATOM   840  C  "C2'" . G   A 1 40 ? -9.971  -6.732  -1.965  1.00 31.60  ?  41  G   A "C2'" 1 
ATOM   841  O  "O2'" . G   A 1 40 ? -9.478  -7.877  -1.301  1.00 30.52  ?  41  G   A "O2'" 1 
ATOM   842  C  "C1'" . G   A 1 40 ? -9.065  -5.526  -1.725  1.00 29.10  ?  41  G   A "C1'" 1 
ATOM   843  N  N9    . G   A 1 40 ? -9.358  -4.758  -0.515  1.00 29.85  ?  41  G   A N9    1 
ATOM   844  C  C8    . G   A 1 40 ? -10.539 -4.115  -0.245  1.00 27.24  ?  41  G   A C8    1 
ATOM   845  N  N7    . G   A 1 40 ? -10.521 -3.472  0.888   1.00 26.91  ?  41  G   A N7    1 
ATOM   846  C  C5    . G   A 1 40 ? -9.240  -3.687  1.392   1.00 29.04  ?  41  G   A C5    1 
ATOM   847  C  C6    . G   A 1 40 ? -8.634  -3.233  2.591   1.00 27.54  ?  41  G   A C6    1 
ATOM   848  O  O6    . G   A 1 40 ? -9.115  -2.532  3.477   1.00 25.48  ?  41  G   A O6    1 
ATOM   849  N  N1    . G   A 1 40 ? -7.325  -3.681  2.733   1.00 28.26  ?  41  G   A N1    1 
ATOM   850  C  C2    . G   A 1 40 ? -6.665  -4.456  1.825   1.00 27.66  ?  41  G   A C2    1 
ATOM   851  N  N2    . G   A 1 40 ? -5.398  -4.756  2.162   1.00 24.42  ?  41  G   A N2    1 
ATOM   852  N  N3    . G   A 1 40 ? -7.221  -4.888  0.694   1.00 27.58  ?  41  G   A N3    1 
ATOM   853  C  C4    . G   A 1 40 ? -8.496  -4.467  0.535   1.00 28.49  ?  41  G   A C4    1 
ATOM   854  P  P     . U   A 1 41 ? -9.238  -8.956  -4.884  1.00 26.91  ?  42  U   A P     1 
ATOM   855  O  OP1   . U   A 1 41 ? -9.852  -8.439  -6.118  1.00 28.61  ?  42  U   A OP1   1 
ATOM   856  O  OP2   . U   A 1 41 ? -9.918  -9.986  -4.058  1.00 21.94  ?  42  U   A OP2   1 
ATOM   857  O  "O5'" . U   A 1 41 ? -7.788  -9.462  -5.297  1.00 30.09  ?  42  U   A "O5'" 1 
ATOM   858  C  "C5'" . U   A 1 41 ? -6.996  -8.713  -6.212  1.00 30.66  ?  42  U   A "C5'" 1 
ATOM   859  C  "C4'" . U   A 1 41 ? -5.559  -9.171  -6.202  1.00 33.87  ?  42  U   A "C4'" 1 
ATOM   860  O  "O4'" . U   A 1 41 ? -4.843  -8.518  -5.118  1.00 31.79  ?  42  U   A "O4'" 1 
ATOM   861  C  "C3'" . U   A 1 41 ? -5.352  -10.670 -5.988  1.00 32.06  ?  42  U   A "C3'" 1 
ATOM   862  O  "O3'" . U   A 1 41 ? -4.130  -11.029 -6.616  1.00 34.56  ?  42  U   A "O3'" 1 
ATOM   863  C  "C2'" . U   A 1 41 ? -5.149  -10.744 -4.481  1.00 29.41  ?  42  U   A "C2'" 1 
ATOM   864  O  "O2'" . U   A 1 41 ? -4.510  -11.909 -4.022  1.00 28.50  ?  42  U   A "O2'" 1 
ATOM   865  C  "C1'" . U   A 1 41 ? -4.305  -9.503  -4.254  1.00 26.83  ?  42  U   A "C1'" 1 
ATOM   866  N  N1    . U   A 1 41 ? -4.349  -8.968  -2.897  1.00 30.21  ?  42  U   A N1    1 
ATOM   867  C  C2    . U   A 1 41 ? -3.328  -9.321  -2.053  1.00 31.98  ?  42  U   A C2    1 
ATOM   868  O  O2    . U   A 1 41 ? -2.442  -10.087 -2.401  1.00 29.31  ?  42  U   A O2    1 
ATOM   869  N  N3    . U   A 1 41 ? -3.416  -8.753  -0.806  1.00 28.83  ?  42  U   A N3    1 
ATOM   870  C  C4    . U   A 1 41 ? -4.387  -7.872  -0.346  1.00 30.50  ?  42  U   A C4    1 
ATOM   871  O  O4    . U   A 1 41 ? -4.346  -7.428  0.806   1.00 27.82  ?  42  U   A O4    1 
ATOM   872  C  C5    . U   A 1 41 ? -5.399  -7.561  -1.300  1.00 30.54  ?  42  U   A C5    1 
ATOM   873  C  C6    . U   A 1 41 ? -5.336  -8.100  -2.515  1.00 30.93  ?  42  U   A C6    1 
ATOM   874  P  P     . C   A 1 42 ? -4.105  -11.909 -7.961  1.00 39.42  ?  43  C   A P     1 
ATOM   875  O  OP1   . C   A 1 42 ? -4.143  -10.968 -9.110  1.00 35.29  ?  43  C   A OP1   1 
ATOM   876  O  OP2   . C   A 1 42 ? -5.067  -13.032 -7.830  1.00 35.82  ?  43  C   A OP2   1 
ATOM   877  O  "O5'" . C   A 1 42 ? -2.662  -12.580 -7.920  1.00 38.28  ?  43  C   A "O5'" 1 
ATOM   878  C  "C5'" . C   A 1 42 ? -2.129  -13.251 -9.046  1.00 40.95  ?  43  C   A "C5'" 1 
ATOM   879  C  "C4'" . C   A 1 42 ? -0.919  -14.055 -8.656  1.00 42.87  ?  43  C   A "C4'" 1 
ATOM   880  O  "O4'" . C   A 1 42 ? 0.108   -13.170 -8.120  1.00 41.82  ?  43  C   A "O4'" 1 
ATOM   881  C  "C3'" . C   A 1 42 ? -1.149  -15.039 -7.530  1.00 40.43  ?  43  C   A "C3'" 1 
ATOM   882  O  "O3'" . C   A 1 42 ? -1.838  -16.211 -7.906  1.00 41.12  ?  43  C   A "O3'" 1 
ATOM   883  C  "C2'" . C   A 1 42 ? 0.254   -15.238 -6.982  1.00 39.46  ?  43  C   A "C2'" 1 
ATOM   884  O  "O2'" . C   A 1 42 ? 1.036   -16.020 -7.859  1.00 44.17  ?  43  C   A "O2'" 1 
ATOM   885  C  "C1'" . C   A 1 42 ? 0.781   -13.811 -7.055  1.00 40.73  ?  43  C   A "C1'" 1 
ATOM   886  N  N1    . C   A 1 42 ? 0.508   -13.087 -5.799  1.00 37.07  ?  43  C   A N1    1 
ATOM   887  C  C2    . C   A 1 42 ? 1.444   -13.259 -4.781  1.00 36.06  ?  43  C   A C2    1 
ATOM   888  O  O2    . C   A 1 42 ? 2.424   -13.975 -4.996  1.00 40.49  ?  43  C   A O2    1 
ATOM   889  N  N3    . C   A 1 42 ? 1.274   -12.648 -3.597  1.00 37.28  ?  43  C   A N3    1 
ATOM   890  C  C4    . C   A 1 42 ? 0.205   -11.878 -3.407  1.00 34.09  ?  43  C   A C4    1 
ATOM   891  N  N4    . C   A 1 42 ? 0.086   -11.300 -2.210  1.00 31.46  ?  43  C   A N4    1 
ATOM   892  C  C5    . C   A 1 42 ? -0.781  -11.689 -4.425  1.00 37.07  ?  43  C   A C5    1 
ATOM   893  C  C6    . C   A 1 42 ? -0.600  -12.307 -5.603  1.00 37.75  ?  43  C   A C6    1 
ATOM   894  P  P     . G   A 1 43 ? -2.749  -16.932 -6.800  1.00 46.00  ?  44  G   A P     1 
ATOM   895  O  OP1   . G   A 1 43 ? -3.063  -18.323 -7.219  1.00 48.55  ?  44  G   A OP1   1 
ATOM   896  O  OP2   . G   A 1 43 ? -3.866  -16.021 -6.425  1.00 47.00  ?  44  G   A OP2   1 
ATOM   897  O  "O5'" . G   A 1 43 ? -1.740  -16.985 -5.576  1.00 44.28  ?  44  G   A "O5'" 1 
ATOM   898  C  "C5'" . G   A 1 43 ? -2.152  -17.351 -4.279  1.00 39.46  ?  44  G   A "C5'" 1 
ATOM   899  C  "C4'" . G   A 1 43 ? -1.013  -17.180 -3.317  1.00 33.74  ?  44  G   A "C4'" 1 
ATOM   900  O  "O4'" . G   A 1 43 ? -0.599  -15.786 -3.289  1.00 35.81  ?  44  G   A "O4'" 1 
ATOM   901  C  "C3'" . G   A 1 43 ? -1.356  -17.510 -1.881  1.00 34.17  ?  44  G   A "C3'" 1 
ATOM   902  O  "O3'" . G   A 1 43 ? -1.227  -18.893 -1.622  1.00 33.79  ?  44  G   A "O3'" 1 
ATOM   903  C  "C2'" . G   A 1 43 ? -0.407  -16.619 -1.087  1.00 32.74  ?  44  G   A "C2'" 1 
ATOM   904  O  "O2'" . G   A 1 43 ? 0.898   -17.164 -1.049  1.00 34.81  ?  44  G   A "O2'" 1 
ATOM   905  C  "C1'" . G   A 1 43 ? -0.365  -15.376 -1.964  1.00 33.32  ?  44  G   A "C1'" 1 
ATOM   906  N  N9    . G   A 1 43 ? -1.435  -14.441 -1.616  1.00 31.60  ?  44  G   A N9    1 
ATOM   907  C  C8    . G   A 1 43 ? -2.389  -13.957 -2.475  1.00 33.33  ?  44  G   A C8    1 
ATOM   908  N  N7    . G   A 1 43 ? -3.231  -13.128 -1.908  1.00 32.14  ?  44  G   A N7    1 
ATOM   909  C  C5    . G   A 1 43 ? -2.793  -13.083 -0.592  1.00 31.73  ?  44  G   A C5    1 
ATOM   910  C  C6    . G   A 1 43 ? -3.313  -12.341 0.492   1.00 30.18  ?  44  G   A C6    1 
ATOM   911  O  O6    . G   A 1 43 ? -4.300  -11.582 0.482   1.00 29.92  ?  44  G   A O6    1 
ATOM   912  N  N1    . G   A 1 43 ? -2.576  -12.571 1.654   1.00 27.61  ?  44  G   A N1    1 
ATOM   913  C  C2    . G   A 1 43 ? -1.475  -13.399 1.743   1.00 28.66  ?  44  G   A C2    1 
ATOM   914  N  N2    . G   A 1 43 ? -0.906  -13.491 2.948   1.00 24.51  ?  44  G   A N2    1 
ATOM   915  N  N3    . G   A 1 43 ? -0.977  -14.097 0.734   1.00 30.55  ?  44  G   A N3    1 
ATOM   916  C  C4    . G   A 1 43 ? -1.680  -13.886 -0.394  1.00 31.67  ?  44  G   A C4    1 
ATOM   917  P  P     . G   A 1 44 ? -2.449  -19.710 -0.981  1.00 34.95  ?  45  G   A P     1 
ATOM   918  O  OP1   . G   A 1 44 ? -2.100  -21.160 -1.039  1.00 29.65  ?  45  G   A OP1   1 
ATOM   919  O  OP2   . G   A 1 44 ? -3.721  -19.241 -1.594  1.00 34.10  ?  45  G   A OP2   1 
ATOM   920  O  "O5'" . G   A 1 44 ? -2.410  -19.275 0.549   1.00 32.20  ?  45  G   A "O5'" 1 
ATOM   921  C  "C5'" . G   A 1 44 ? -1.188  -19.316 1.277   1.00 32.65  ?  45  G   A "C5'" 1 
ATOM   922  C  "C4'" . G   A 1 44 ? -1.371  -18.731 2.649   1.00 33.50  ?  45  G   A "C4'" 1 
ATOM   923  O  "O4'" . G   A 1 44 ? -1.404  -17.281 2.567   1.00 29.38  ?  45  G   A "O4'" 1 
ATOM   924  C  "C3'" . G   A 1 44 ? -2.680  -19.112 3.318   1.00 32.17  ?  45  G   A "C3'" 1 
ATOM   925  O  "O3'" . G   A 1 44 ? -2.569  -20.341 4.014   1.00 28.47  ?  45  G   A "O3'" 1 
ATOM   926  C  "C2'" . G   A 1 44 ? -2.970  -17.926 4.227   1.00 29.00  ?  45  G   A "C2'" 1 
ATOM   927  O  "O2'" . G   A 1 44 ? -2.235  -18.052 5.430   1.00 29.85  ?  45  G   A "O2'" 1 
ATOM   928  C  "C1'" . G   A 1 44 ? -2.385  -16.763 3.430   1.00 27.86  ?  45  G   A "C1'" 1 
ATOM   929  N  N9    . G   A 1 44 ? -3.377  -16.052 2.601   1.00 28.94  ?  45  G   A N9    1 
ATOM   930  C  C8    . G   A 1 44 ? -3.524  -16.188 1.245   1.00 31.26  ?  45  G   A C8    1 
ATOM   931  N  N7    . G   A 1 44 ? -4.459  -15.427 0.741   1.00 29.06  ?  45  G   A N7    1 
ATOM   932  C  C5    . G   A 1 44 ? -4.947  -14.736 1.828   1.00 28.15  ?  45  G   A C5    1 
ATOM   933  C  C6    . G   A 1 44 ? -5.971  -13.758 1.883   1.00 26.51  ?  45  G   A C6    1 
ATOM   934  O  O6    . G   A 1 44 ? -6.637  -13.332 0.937   1.00 26.91  ?  45  G   A O6    1 
ATOM   935  N  N1    . G   A 1 44 ? -6.172  -13.289 3.172   1.00 24.80  ?  45  G   A N1    1 
ATOM   936  C  C2    . G   A 1 44 ? -5.456  -13.716 4.272   1.00 28.55  ?  45  G   A C2    1 
ATOM   937  N  N2    . G   A 1 44 ? -5.769  -13.161 5.461   1.00 25.44  ?  45  G   A N2    1 
ATOM   938  N  N3    . G   A 1 44 ? -4.497  -14.635 4.219   1.00 26.89  ?  45  G   A N3    1 
ATOM   939  C  C4    . G   A 1 44 ? -4.291  -15.099 2.980   1.00 27.72  ?  45  G   A C4    1 
ATOM   940  P  P     . C   A 1 45 ? -3.825  -21.325 4.104   1.00 34.97  ?  46  C   A P     1 
ATOM   941  O  OP1   . C   A 1 45 ? -3.453  -22.549 4.865   1.00 34.01  ?  46  C   A OP1   1 
ATOM   942  O  OP2   . C   A 1 45 ? -4.349  -21.461 2.727   1.00 30.76  ?  46  C   A OP2   1 
ATOM   943  O  "O5'" . C   A 1 45 ? -4.869  -20.511 4.971   1.00 30.46  ?  46  C   A "O5'" 1 
ATOM   944  C  "C5'" . C   A 1 45 ? -4.761  -20.493 6.381   1.00 29.33  ?  46  C   A "C5'" 1 
ATOM   945  C  "C4'" . C   A 1 45 ? -5.740  -19.525 6.972   1.00 29.37  ?  46  C   A "C4'" 1 
ATOM   946  O  "O4'" . C   A 1 45 ? -5.529  -18.213 6.393   1.00 27.90  ?  46  C   A "O4'" 1 
ATOM   947  C  "C3'" . C   A 1 45 ? -7.206  -19.807 6.683   1.00 27.15  ?  46  C   A "C3'" 1 
ATOM   948  O  "O3'" . C   A 1 45 ? -7.753  -20.822 7.501   1.00 22.76  ?  46  C   A "O3'" 1 
ATOM   949  C  "C2'" . C   A 1 45 ? -7.835  -18.442 6.902   1.00 26.05  ?  46  C   A "C2'" 1 
ATOM   950  O  "O2'" . C   A 1 45 ? -7.932  -18.168 8.288   1.00 26.86  ?  46  C   A "O2'" 1 
ATOM   951  C  "C1'" . C   A 1 45 ? -6.762  -17.524 6.313   1.00 24.75  ?  46  C   A "C1'" 1 
ATOM   952  N  N1    . C   A 1 45 ? -7.032  -17.202 4.895   1.00 29.77  ?  46  C   A N1    1 
ATOM   953  C  C2    . C   A 1 45 ? -7.950  -16.175 4.628   1.00 28.40  ?  46  C   A C2    1 
ATOM   954  O  O2    . C   A 1 45 ? -8.468  -15.603 5.596   1.00 24.79  ?  46  C   A O2    1 
ATOM   955  N  N3    . C   A 1 45 ? -8.253  -15.838 3.348   1.00 25.38  ?  46  C   A N3    1 
ATOM   956  C  C4    . C   A 1 45 ? -7.674  -16.493 2.345   1.00 27.90  ?  46  C   A C4    1 
ATOM   957  N  N4    . C   A 1 45 ? -7.997  -16.120 1.096   1.00 22.91  ?  46  C   A N4    1 
ATOM   958  C  C5    . C   A 1 45 ? -6.728  -17.550 2.591   1.00 25.21  ?  46  C   A C5    1 
ATOM   959  C  C6    . C   A 1 45 ? -6.446  -17.881 3.860   1.00 26.58  ?  46  C   A C6    1 
ATOM   960  P  P     . G   A 1 46 ? -8.900  -21.776 6.913   1.00 31.24  ?  47  G   A P     1 
ATOM   961  O  OP1   . G   A 1 46 ? -9.118  -22.940 7.812   1.00 30.76  ?  47  G   A OP1   1 
ATOM   962  O  OP2   . G   A 1 46 ? -8.560  -22.022 5.495   1.00 23.69  ?  47  G   A OP2   1 
ATOM   963  O  "O5'" . G   A 1 46 ? -10.212 -20.869 7.000   1.00 25.13  ?  47  G   A "O5'" 1 
ATOM   964  C  "C5'" . G   A 1 46 ? -10.712 -20.449 8.261   1.00 27.84  ?  47  G   A "C5'" 1 
ATOM   965  C  "C4'" . G   A 1 46 ? -11.849 -19.465 8.112   1.00 27.03  ?  47  G   A "C4'" 1 
ATOM   966  O  "O4'" . G   A 1 46 ? -11.358 -18.243 7.495   1.00 26.10  ?  47  G   A "O4'" 1 
ATOM   967  C  "C3'" . G   A 1 46 ? -12.991 -19.901 7.199   1.00 26.57  ?  47  G   A "C3'" 1 
ATOM   968  O  "O3'" . G   A 1 46 ? -13.905 -20.783 7.831   1.00 26.09  ?  47  G   A "O3'" 1 
ATOM   969  C  "C2'" . G   A 1 46 ? -13.608 -18.568 6.794   1.00 27.74  ?  47  G   A "C2'" 1 
ATOM   970  O  "O2'" . G   A 1 46 ? -14.378 -18.025 7.852   1.00 31.32  ?  47  G   A "O2'" 1 
ATOM   971  C  "C1'" . G   A 1 46 ? -12.365 -17.696 6.655   1.00 26.88  ?  47  G   A "C1'" 1 
ATOM   972  N  N9    . G   A 1 46 ? -11.881 -17.640 5.262   1.00 26.06  ?  47  G   A N9    1 
ATOM   973  C  C8    . G   A 1 46 ? -10.731 -18.191 4.744   1.00 28.93  ?  47  G   A C8    1 
ATOM   974  N  N7    . G   A 1 46 ? -10.586 -17.950 3.467   1.00 27.47  ?  47  G   A N7    1 
ATOM   975  C  C5    . G   A 1 46 ? -11.709 -17.200 3.123   1.00 24.82  ?  47  G   A C5    1 
ATOM   976  C  C6    . G   A 1 46 ? -12.092 -16.637 1.892   1.00 22.54  ?  47  G   A C6    1 
ATOM   977  O  O6    . G   A 1 46 ? -11.518 -16.682 0.811   1.00 20.81  ?  47  G   A O6    1 
ATOM   978  N  N1    . G   A 1 46 ? -13.284 -15.954 1.983   1.00 25.38  ?  47  G   A N1    1 
ATOM   979  C  C2    . G   A 1 46 ? -14.017 -15.805 3.126   1.00 25.03  ?  47  G   A C2    1 
ATOM   980  N  N2    . G   A 1 46 ? -15.154 -15.095 3.014   1.00 25.96  ?  47  G   A N2    1 
ATOM   981  N  N3    . G   A 1 46 ? -13.678 -16.321 4.285   1.00 23.98  ?  47  G   A N3    1 
ATOM   982  C  C4    . G   A 1 46 ? -12.514 -17.000 4.214   1.00 26.32  ?  47  G   A C4    1 
ATOM   983  P  P     . C   A 1 47 ? -14.742 -21.862 6.979   1.00 34.37  ?  48  C   A P     1 
ATOM   984  O  OP1   . C   A 1 47 ? -15.365 -22.729 8.009   1.00 38.44  ?  48  C   A OP1   1 
ATOM   985  O  OP2   . C   A 1 47 ? -13.932 -22.502 5.914   1.00 25.80  ?  48  C   A OP2   1 
ATOM   986  O  "O5'" . C   A 1 47 ? -15.872 -21.003 6.242   1.00 25.91  ?  48  C   A "O5'" 1 
ATOM   987  C  "C5'" . C   A 1 47 ? -16.849 -20.295 6.991   1.00 33.13  ?  48  C   A "C5'" 1 
ATOM   988  C  "C4'" . C   A 1 47 ? -17.726 -19.450 6.100   1.00 30.92  ?  48  C   A "C4'" 1 
ATOM   989  O  "O4'" . C   A 1 47 ? -16.919 -18.438 5.454   1.00 27.60  ?  48  C   A "O4'" 1 
ATOM   990  C  "C3'" . C   A 1 47 ? -18.397 -20.189 4.955   1.00 27.40  ?  48  C   A "C3'" 1 
ATOM   991  O  "O3'" . C   A 1 47 ? -19.601 -20.798 5.355   1.00 27.81  ?  48  C   A "O3'" 1 
ATOM   992  C  "C2'" . C   A 1 47 ? -18.588 -19.102 3.906   1.00 28.04  ?  48  C   A "C2'" 1 
ATOM   993  O  "O2'" . C   A 1 47 ? -19.737 -18.323 4.193   1.00 30.43  ?  48  C   A "O2'" 1 
ATOM   994  C  "C1'" . C   A 1 47 ? -17.358 -18.230 4.134   1.00 26.28  ?  48  C   A "C1'" 1 
ATOM   995  N  N1    . C   A 1 47 ? -16.251 -18.550 3.204   1.00 28.64  ?  48  C   A N1    1 
ATOM   996  C  C2    . C   A 1 47 ? -16.369 -18.069 1.903   1.00 26.12  ?  48  C   A C2    1 
ATOM   997  O  O2    . C   A 1 47 ? -17.385 -17.427 1.606   1.00 27.32  ?  48  C   A O2    1 
ATOM   998  N  N3    . C   A 1 47 ? -15.392 -18.330 1.004   1.00 28.33  ?  48  C   A N3    1 
ATOM   999  C  C4    . C   A 1 47 ? -14.321 -19.041 1.376   1.00 26.84  ?  48  C   A C4    1 
ATOM   1000 N  N4    . C   A 1 47 ? -13.385 -19.254 0.445   1.00 23.23  ?  48  C   A N4    1 
ATOM   1001 C  C5    . C   A 1 47 ? -14.162 -19.540 2.706   1.00 24.84  ?  48  C   A C5    1 
ATOM   1002 C  C6    . C   A 1 47 ? -15.143 -19.277 3.587   1.00 25.98  ?  48  C   A C6    1 
ATOM   1003 P  P     . C   A 1 48 ? -20.018 -22.241 4.786   1.00 30.62  ?  49  C   A P     1 
ATOM   1004 O  OP1   . C   A 1 48 ? -21.156 -22.715 5.601   1.00 38.49  ?  49  C   A OP1   1 
ATOM   1005 O  OP2   . C   A 1 48 ? -18.812 -23.094 4.666   1.00 37.78  ?  49  C   A OP2   1 
ATOM   1006 O  "O5'" . C   A 1 48 ? -20.525 -21.940 3.315   1.00 34.83  ?  49  C   A "O5'" 1 
ATOM   1007 C  "C5'" . C   A 1 48 ? -21.603 -21.048 3.092   1.00 25.87  ?  49  C   A "C5'" 1 
ATOM   1008 C  "C4'" . C   A 1 48 ? -21.718 -20.702 1.630   1.00 26.57  ?  49  C   A "C4'" 1 
ATOM   1009 O  "O4'" . C   A 1 48 ? -20.525 -20.024 1.180   1.00 26.05  ?  49  C   A "O4'" 1 
ATOM   1010 C  "C3'" . C   A 1 48 ? -21.879 -21.867 0.663   1.00 24.83  ?  49  C   A "C3'" 1 
ATOM   1011 O  "O3'" . C   A 1 48 ? -23.233 -22.270 0.563   1.00 29.06  ?  49  C   A "O3'" 1 
ATOM   1012 C  "C2'" . C   A 1 48 ? -21.366 -21.307 -0.658  1.00 22.83  ?  49  C   A "C2'" 1 
ATOM   1013 O  "O2'" . C   A 1 48 ? -22.449 -20.707 -1.360  1.00 28.41  ?  49  C   A "O2'" 1 
ATOM   1014 C  "C1'" . C   A 1 48 ? -20.362 -20.226 -0.207  1.00 26.40  ?  49  C   A "C1'" 1 
ATOM   1015 N  N1    . C   A 1 48 ? -18.943 -20.558 -0.467  1.00 21.42  ?  49  C   A N1    1 
ATOM   1016 C  C2    . C   A 1 48 ? -18.318 -20.181 -1.661  1.00 24.12  ?  49  C   A C2    1 
ATOM   1017 O  O2    . C   A 1 48 ? -18.977 -19.580 -2.521  1.00 23.22  ?  49  C   A O2    1 
ATOM   1018 N  N3    . C   A 1 48 ? -17.008 -20.487 -1.869  1.00 20.35  ?  49  C   A N3    1 
ATOM   1019 C  C4    . C   A 1 48 ? -16.338 -21.142 -0.925  1.00 23.60  ?  49  C   A C4    1 
ATOM   1020 N  N4    . C   A 1 48 ? -15.054 -21.450 -1.139  1.00 26.85  ?  49  C   A N4    1 
ATOM   1021 C  C5    . C   A 1 48 ? -16.951 -21.529 0.295   1.00 24.52  ?  49  C   A C5    1 
ATOM   1022 C  C6    . C   A 1 48 ? -18.238 -21.215 0.488   1.00 24.20  ?  49  C   A C6    1 
HETATM 1023 P  PG    . GTP B 2 .  ? -9.341  -21.501 -7.162  1.00 60.98  ?  101 GTP A PG    1 
HETATM 1024 O  O1G   . GTP B 2 .  ? -7.978  -21.981 -6.682  1.00 50.26  ?  101 GTP A O1G   1 
HETATM 1025 O  O2G   . GTP B 2 .  ? -9.598  -20.022 -6.882  1.00 48.95  -1 101 GTP A O2G   1 
HETATM 1026 O  O3G   . GTP B 2 .  ? -10.472 -22.273 -6.503  1.00 48.55  ?  101 GTP A O3G   1 
HETATM 1027 O  O3B   . GTP B 2 .  ? -9.287  -21.821 -8.732  1.00 39.52  ?  101 GTP A O3B   1 
HETATM 1028 P  PB    . GTP B 2 .  ? -8.587  -20.806 -9.757  1.00 46.16  ?  101 GTP A PB    1 
HETATM 1029 O  O1B   . GTP B 2 .  ? -8.469  -21.398 -11.142 1.00 39.66  -1 101 GTP A O1B   1 
HETATM 1030 O  O2B   . GTP B 2 .  ? -7.255  -20.276 -9.249  1.00 42.30  ?  101 GTP A O2B   1 
HETATM 1031 O  O3A   . GTP B 2 .  ? -9.771  -19.735 -9.789  1.00 39.18  ?  101 GTP A O3A   1 
HETATM 1032 P  PA    . GTP B 2 .  ? -9.518  -18.170 -9.679  1.00 33.84  ?  101 GTP A PA    1 
HETATM 1033 O  O1A   . GTP B 2 .  ? -8.943  -17.894 -8.310  1.00 31.94  -1 101 GTP A O1A   1 
HETATM 1034 O  O2A   . GTP B 2 .  ? -8.697  -17.666 -10.851 1.00 34.74  ?  101 GTP A O2A   1 
HETATM 1035 O  "O5'" . GTP B 2 .  ? -11.041 -17.673 -9.809  1.00 25.98  ?  101 GTP A "O5'" 1 
HETATM 1036 C  "C5'" . GTP B 2 .  ? -11.674 -17.664 -11.062 1.00 27.89  ?  101 GTP A "C5'" 1 
HETATM 1037 C  "C4'" . GTP B 2 .  ? -13.158 -17.487 -10.778 1.00 27.90  ?  101 GTP A "C4'" 1 
HETATM 1038 O  "O4'" . GTP B 2 .  ? -13.636 -18.743 -10.324 1.00 22.41  ?  101 GTP A "O4'" 1 
HETATM 1039 C  "C3'" . GTP B 2 .  ? -13.452 -16.536 -9.614  1.00 20.83  ?  101 GTP A "C3'" 1 
HETATM 1040 O  "O3'" . GTP B 2 .  ? -13.426 -15.127 -9.858  1.00 23.91  ?  101 GTP A "O3'" 1 
HETATM 1041 C  "C2'" . GTP B 2 .  ? -14.775 -17.088 -9.133  1.00 22.15  ?  101 GTP A "C2'" 1 
HETATM 1042 O  "O2'" . GTP B 2 .  ? -15.799 -16.738 -10.026 1.00 24.15  ?  101 GTP A "O2'" 1 
HETATM 1043 C  "C1'" . GTP B 2 .  ? -14.596 -18.582 -9.300  1.00 25.23  ?  101 GTP A "C1'" 1 
HETATM 1044 N  N9    . GTP B 2 .  ? -14.130 -19.105 -8.009  1.00 23.43  ?  101 GTP A N9    1 
HETATM 1045 C  C8    . GTP B 2 .  ? -12.863 -19.510 -7.701  1.00 26.17  ?  101 GTP A C8    1 
HETATM 1046 N  N7    . GTP B 2 .  ? -12.860 -19.912 -6.408  1.00 24.94  ?  101 GTP A N7    1 
HETATM 1047 C  C5    . GTP B 2 .  ? -14.096 -19.772 -5.892  1.00 24.10  ?  101 GTP A C5    1 
HETATM 1048 C  C6    . GTP B 2 .  ? -14.636 -20.028 -4.637  1.00 25.50  ?  101 GTP A C6    1 
HETATM 1049 O  O6    . GTP B 2 .  ? -13.929 -20.485 -3.747  1.00 25.52  ?  101 GTP A O6    1 
HETATM 1050 N  N1    . GTP B 2 .  ? -15.972 -19.779 -4.376  1.00 22.84  ?  101 GTP A N1    1 
HETATM 1051 C  C2    . GTP B 2 .  ? -16.777 -19.271 -5.379  1.00 24.89  ?  101 GTP A C2    1 
HETATM 1052 N  N2    . GTP B 2 .  ? -18.069 -19.018 -5.131  1.00 20.59  ?  101 GTP A N2    1 
HETATM 1053 N  N3    . GTP B 2 .  ? -16.223 -19.019 -6.633  1.00 27.11  ?  101 GTP A N3    1 
HETATM 1054 C  C4    . GTP B 2 .  ? -14.909 -19.266 -6.890  1.00 23.28  ?  101 GTP A C4    1 
HETATM 1055 C  C10   . J8X C 3 .  ? -11.123 -0.070  -1.640  1.00 29.18  ?  102 J8X A C10   1 
HETATM 1056 C  C13   . J8X C 3 .  ? -3.477  -4.677  -1.605  1.00 29.99  ?  102 J8X A C13   1 
HETATM 1057 C  C21   . J8X C 3 .  ? -0.633  -5.647  0.292   1.00 28.96  ?  102 J8X A C21   1 
HETATM 1058 C  C22   . J8X C 3 .  ? 0.391   -6.494  -0.106  1.00 30.50  ?  102 J8X A C22   1 
HETATM 1059 C  C24   . J8X C 3 .  ? -0.668  -6.812  -2.259  1.00 29.94  ?  102 J8X A C24   1 
HETATM 1060 C  C01   . J8X C 3 .  ? -7.923  -0.779  0.231   1.00 28.78  ?  102 J8X A C01   1 
HETATM 1061 C  C02   . J8X C 3 .  ? -8.877  -0.865  -0.772  1.00 30.50  ?  102 J8X A C02   1 
HETATM 1062 C  C03   . J8X C 3 .  ? -8.654  -1.677  -1.875  1.00 28.47  ?  102 J8X A C03   1 
HETATM 1063 C  C04   . J8X C 3 .  ? -7.467  -2.397  -1.968  1.00 28.80  ?  102 J8X A C04   1 
HETATM 1064 C  C05   . J8X C 3 .  ? -6.501  -2.304  -0.968  1.00 29.16  ?  102 J8X A C05   1 
HETATM 1065 C  C06   . J8X C 3 .  ? -6.752  -1.499  0.130   1.00 29.91  ?  102 J8X A C06   1 
HETATM 1066 C  C08   . J8X C 3 .  ? -10.279 0.665   0.614   1.00 31.21  ?  102 J8X A C08   1 
HETATM 1067 C  C09   . J8X C 3 .  ? -11.318 -0.045  1.493   1.00 39.57  ?  102 J8X A C09   1 
HETATM 1068 C  C11   . J8X C 3 .  ? -5.179  -3.076  -0.949  1.00 25.95  ?  102 J8X A C11   1 
HETATM 1069 C  C12   . J8X C 3 .  ? -4.789  -3.970  -1.837  1.00 28.07  ?  102 J8X A C12   1 
HETATM 1070 C  C14   . J8X C 3 .  ? -5.592  -4.376  -3.077  1.00 31.24  ?  102 J8X A C14   1 
HETATM 1071 C  C18   . J8X C 3 .  ? -1.691  -5.376  -0.605  1.00 28.53  ?  102 J8X A C18   1 
HETATM 1072 C  C19   . J8X C 3 .  ? -1.710  -5.946  -1.861  1.00 30.93  ?  102 J8X A C19   1 
HETATM 1073 C  C23   . J8X C 3 .  ? 0.377   -7.077  -1.379  1.00 29.30  ?  102 J8X A C23   1 
HETATM 1074 N  N07   . J8X C 3 .  ? -10.095 -0.087  -0.613  1.00 30.85  ?  102 J8X A N07   1 
HETATM 1075 N  N15   . J8X C 3 .  ? -6.210  -4.659  -3.978  1.00 28.60  ?  102 J8X A N15   1 
HETATM 1076 N  N20   . J8X C 3 .  ? -2.890  -5.482  -2.474  1.00 30.91  ?  102 J8X A N20   1 
HETATM 1077 O  O16   . J8X C 3 .  ? -11.433 -1.406  1.114   1.00 38.32  ?  102 J8X A O16   1 
HETATM 1078 O  O17   . J8X C 3 .  ? -2.790  -4.621  -0.501  1.00 31.59  ?  102 J8X A O17   1 
HETATM 1079 MG MG    . MG  D 4 .  ? -9.975  -11.729 -3.099  1.00 26.10  ?  103 MG  A MG    1 
HETATM 1080 MG MG    . MG  E 4 .  ? 0.159   -5.295  8.065   1.00 29.67  ?  104 MG  A MG    1 
HETATM 1081 MG MG    . MG  F 4 .  ? -0.236  9.133   10.512  1.00 25.50  ?  105 MG  A MG    1 
HETATM 1082 MG MG    . MG  G 4 .  ? -4.625  2.939   13.779  1.00 26.40  ?  106 MG  A MG    1 
HETATM 1083 O  O     . HOH H 5 .  ? 0.134   2.602   10.012  1.00 21.13  ?  201 HOH A O     1 
HETATM 1084 O  O     . HOH H 5 .  ? -3.047  5.664   18.627  1.00 24.49  ?  202 HOH A O     1 
HETATM 1085 O  O     . HOH H 5 .  ? -1.792  8.551   8.712   1.00 21.19  ?  203 HOH A O     1 
HETATM 1086 O  O     . HOH H 5 .  ? -6.629  -14.212 -1.245  1.00 25.14  ?  204 HOH A O     1 
HETATM 1087 O  O     . HOH H 5 .  ? -5.716  -11.678 -1.443  1.00 30.00  ?  205 HOH A O     1 
HETATM 1088 O  O     . HOH H 5 .  ? -3.342  3.691   15.356  1.00 19.00  ?  206 HOH A O     1 
HETATM 1089 O  O     . HOH H 5 .  ? -21.377 -19.626 -3.338  1.00 25.35  ?  207 HOH A O     1 
HETATM 1090 O  O     . HOH H 5 .  ? -18.893 -6.767  0.178   1.00 21.75  ?  208 HOH A O     1 
HETATM 1091 O  O     . HOH H 5 .  ? 3.739   1.794   -6.429  1.00 38.79  ?  209 HOH A O     1 
HETATM 1092 O  O     . HOH H 5 .  ? -11.265 -11.037 -1.714  1.00 20.09  ?  210 HOH A O     1 
HETATM 1093 O  O     . HOH H 5 .  ? 1.087   4.797   -2.789  1.00 25.64  ?  211 HOH A O     1 
HETATM 1094 O  O     . HOH H 5 .  ? 1.975   -4.426  8.496   1.00 22.63  ?  212 HOH A O     1 
HETATM 1095 O  O     . HOH H 5 .  ? -7.326  -21.500 3.328   1.00 25.06  ?  213 HOH A O     1 
HETATM 1096 O  O     . HOH H 5 .  ? 5.747   -8.010  7.632   1.00 17.36  ?  214 HOH A O     1 
HETATM 1097 O  O     . HOH H 5 .  ? -20.001 -11.206 -7.198  1.00 23.15  ?  215 HOH A O     1 
HETATM 1098 O  O     . HOH H 5 .  ? -9.312  -13.071 -1.818  1.00 19.49  ?  216 HOH A O     1 
HETATM 1099 O  O     . HOH H 5 .  ? 5.137   9.223   10.235  1.00 26.65  ?  217 HOH A O     1 
HETATM 1100 O  O     . HOH H 5 .  ? 1.090   9.158   9.064   1.00 21.49  ?  218 HOH A O     1 
HETATM 1101 O  O     . HOH H 5 .  ? 5.749   16.573  3.652   1.00 39.64  ?  219 HOH A O     1 
HETATM 1102 O  O     . HOH H 5 .  ? -3.021  -6.644  -5.259  1.00 31.11  ?  220 HOH A O     1 
HETATM 1103 O  O     . HOH H 5 .  ? 0.456   7.231   10.462  1.00 23.21  ?  221 HOH A O     1 
HETATM 1104 O  O     . HOH H 5 .  ? -12.144 6.724   9.776   1.00 29.52  ?  222 HOH A O     1 
HETATM 1105 O  O     . HOH H 5 .  ? -8.351  5.186   5.397   1.00 23.07  ?  223 HOH A O     1 
HETATM 1106 O  O     . HOH H 5 .  ? -0.638  -3.419  8.487   1.00 21.68  ?  224 HOH A O     1 
HETATM 1107 O  O     . HOH H 5 .  ? -5.267  -14.646 -4.665  1.00 35.44  ?  225 HOH A O     1 
HETATM 1108 O  O     . HOH H 5 .  ? -6.580  -16.818 -12.179 1.00 43.80  ?  226 HOH A O     1 
HETATM 1109 O  O     . HOH H 5 .  ? -1.362  8.577   12.131  1.00 21.61  ?  227 HOH A O     1 
HETATM 1110 O  O     . HOH H 5 .  ? -17.762 -12.423 3.219   1.00 22.25  ?  228 HOH A O     1 
HETATM 1111 O  O     . HOH H 5 .  ? -5.755  3.206   17.027  1.00 32.07  ?  229 HOH A O     1 
HETATM 1112 O  O     . HOH H 5 .  ? -4.642  -2.108  -7.115  1.00 29.78  ?  230 HOH A O     1 
HETATM 1113 O  O     . HOH H 5 .  ? -6.559  7.048   0.774   1.00 27.05  ?  231 HOH A O     1 
HETATM 1114 O  O     . HOH H 5 .  ? -10.564 2.951   7.002   1.00 26.82  ?  232 HOH A O     1 
HETATM 1115 O  O     . HOH H 5 .  ? -7.192  8.272   4.818   1.00 13.16  ?  233 HOH A O     1 
HETATM 1116 O  O     . HOH H 5 .  ? 4.219   -5.129  6.070   1.00 24.81  ?  234 HOH A O     1 
HETATM 1117 O  O     . HOH H 5 .  ? -6.346  4.057   7.844   1.00 22.35  ?  235 HOH A O     1 
HETATM 1118 O  O     . HOH H 5 .  ? -12.647 -9.001  -5.994  1.00 30.40  ?  236 HOH A O     1 
HETATM 1119 O  O     . HOH H 5 .  ? -7.561  -12.025 -7.810  1.00 37.64  ?  237 HOH A O     1 
HETATM 1120 O  O     . HOH H 5 .  ? -2.789  -0.082  0.176   1.00 23.46  ?  238 HOH A O     1 
HETATM 1121 O  O     . HOH H 5 .  ? -9.341  -15.662 -6.831  1.00 38.47  ?  239 HOH A O     1 
HETATM 1122 O  O     . HOH H 5 .  ? -0.166  -0.982  1.188   1.00 23.23  ?  240 HOH A O     1 
HETATM 1123 O  O     . HOH H 5 .  ? -5.538  2.946   12.149  1.00 28.02  ?  241 HOH A O     1 
HETATM 1124 O  O     . HOH H 5 .  ? -11.888 -8.731  -0.335  1.00 24.09  ?  242 HOH A O     1 
HETATM 1125 O  O     . HOH H 5 .  ? 5.382   8.574   13.256  1.00 14.07  ?  243 HOH A O     1 
HETATM 1126 O  O     . HOH H 5 .  ? 4.148   -1.586  -12.770 1.00 39.51  ?  244 HOH A O     1 
HETATM 1127 O  O     . HOH H 5 .  ? 3.719   -5.904  10.092  1.00 21.59  ?  245 HOH A O     1 
HETATM 1128 O  O     . HOH H 5 .  ? -6.180  -15.556 -7.894  1.00 45.13  ?  246 HOH A O     1 
HETATM 1129 O  O     . HOH H 5 .  ? -8.303  -10.587 -1.877  1.00 22.45  ?  247 HOH A O     1 
HETATM 1130 O  O     . HOH H 5 .  ? -0.373  11.383  9.853   1.00 19.22  ?  248 HOH A O     1 
HETATM 1131 O  O     . HOH H 5 .  ? 0.159   -5.303  10.019  1.00 24.30  ?  249 HOH A O     1 
HETATM 1132 O  O     . HOH H 5 .  ? -2.447  3.334   -14.652 0.50 29.81  ?  250 HOH A O     1 
HETATM 1133 O  O     . HOH H 5 .  ? 0.116   5.489   12.789  1.00 21.34  ?  251 HOH A O     1 
HETATM 1134 O  O     . HOH H 5 .  ? -8.105  -12.101 -3.700  1.00 23.61  ?  252 HOH A O     1 
HETATM 1135 O  O     . HOH H 5 .  ? -10.883 -12.538 -4.753  1.00 22.04  ?  253 HOH A O     1 
HETATM 1136 O  O     . HOH H 5 .  ? -2.885  1.586   13.167  1.00 18.71  ?  254 HOH A O     1 
HETATM 1137 O  O     . HOH H 5 .  ? -2.824  -0.729  -9.384  1.00 33.31  ?  255 HOH A O     1 
HETATM 1138 O  O     . HOH H 5 .  ? -3.275  4.710   12.786  1.00 24.41  ?  256 HOH A O     1 
HETATM 1139 O  O     . HOH H 5 .  ? -9.258  -6.401  -8.076  1.00 31.61  ?  257 HOH A O     1 
HETATM 1140 O  O     . HOH H 5 .  ? -0.996  2.395   1.017   1.00 24.66  ?  258 HOH A O     1 
HETATM 1141 O  O     . HOH H 5 .  ? 2.447   3.331   -5.264  1.00 36.65  ?  259 HOH A O     1 
HETATM 1142 O  O     . HOH H 5 .  ? -2.293  4.370   10.017  1.00 22.35  ?  260 HOH A O     1 
HETATM 1143 O  O     . HOH H 5 .  ? -5.485  1.410   15.217  1.00 33.58  ?  261 HOH A O     1 
HETATM 1144 O  O     . HOH H 5 .  ? -12.069 -3.797  4.570   1.00 23.26  ?  262 HOH A O     1 
HETATM 1145 O  O     . HOH H 5 .  ? 3.093   7.145   10.203  1.00 9.37   ?  263 HOH A O     1 
HETATM 1146 O  O     . HOH H 5 .  ? -11.917 -12.052 -6.692  1.00 34.67  ?  264 HOH A O     1 
HETATM 1147 O  O     . HOH H 5 .  ? 7.338   18.394  3.519   1.00 44.10  ?  265 HOH A O     1 
HETATM 1148 O  O     . HOH H 5 .  ? 16.155  8.208   -10.756 1.00 59.05  ?  266 HOH A O     1 
HETATM 1149 O  O     . HOH H 5 .  ? -5.138  1.285   -9.821  1.00 23.14  ?  267 HOH A O     1 
HETATM 1150 O  O     . HOH H 5 .  ? 8.351   16.603  5.333   1.00 38.34  ?  268 HOH A O     1 
HETATM 1151 O  O     . HOH H 5 .  ? -8.407  -13.972 -9.143  1.00 43.32  ?  269 HOH A O     1 
HETATM 1152 O  O     . HOH H 5 .  ? -8.682  -25.967 -8.000  1.00 34.69  ?  270 HOH A O     1 
HETATM 1153 O  O     . HOH H 5 .  ? -9.616  -11.037 -9.779  1.00 40.44  ?  271 HOH A O     1 
# 
loop_
_pdbx_poly_seq_scheme.asym_id 
_pdbx_poly_seq_scheme.entity_id 
_pdbx_poly_seq_scheme.seq_id 
_pdbx_poly_seq_scheme.mon_id 
_pdbx_poly_seq_scheme.ndb_seq_num 
_pdbx_poly_seq_scheme.pdb_seq_num 
_pdbx_poly_seq_scheme.auth_seq_num 
_pdbx_poly_seq_scheme.pdb_mon_id 
_pdbx_poly_seq_scheme.auth_mon_id 
_pdbx_poly_seq_scheme.pdb_strand_id 
_pdbx_poly_seq_scheme.pdb_ins_code 
_pdbx_poly_seq_scheme.hetero 
A 1 1  G 1  2  2  G G A . n 
A 1 2  C 2  3  3  C C A . n 
A 1 3  G 3  4  4  G G A . n 
A 1 4  C 4  5  5  C C A . n 
A 1 5  A 5  6  6  A A A . n 
A 1 6  C 6  7  7  C C A . n 
A 1 7  U 7  8  8  U U A . n 
A 1 8  G 8  9  9  G G A . n 
A 1 9  G 9  10 10 G G A . n 
A 1 10 C 10 11 11 C C A . n 
A 1 11 G 11 12 12 G G A . n 
A 1 12 C 12 13 13 C C A . n 
A 1 13 U 13 14 14 U U A . n 
A 1 14 G 14 15 15 G G A . n 
A 1 15 C 15 16 16 C C A . n 
A 1 16 G 16 17 17 G G A . n 
A 1 17 C 17 18 18 C C A . n 
A 1 18 C 18 19 19 C C A . n 
A 1 19 U 19 20 20 U U A . n 
A 1 20 U 20 21 21 U U A . n 
A 1 21 C 21 22 22 C C A . n 
A 1 22 G 22 23 23 G G A . n 
A 1 23 G 23 24 24 G G A . n 
A 1 24 G 24 25 25 G G A . n 
A 1 25 C 25 26 26 C C A . n 
A 1 26 G 26 27 27 G G A . n 
A 1 27 C 27 28 28 C C A . n 
A 1 28 C 28 29 29 C C A . n 
A 1 29 A 29 30 30 A A A . n 
A 1 30 A 30 31 31 A A A . n 
A 1 31 U 31 32 32 U U A . n 
A 1 32 C 32 33 33 C C A . n 
A 1 33 G 33 34 34 G G A . n 
A 1 34 U 34 35 35 U U A . n 
A 1 35 A 35 36 36 A A A . n 
A 1 36 G 36 37 37 G G A . n 
A 1 37 C 37 38 38 C C A . n 
A 1 38 G 38 39 39 G G A . n 
A 1 39 U 39 40 40 U U A . n 
A 1 40 G 40 41 41 G G A . n 
A 1 41 U 41 42 42 U U A . n 
A 1 42 C 42 43 43 C C A . n 
A 1 43 G 43 44 44 G G A . n 
A 1 44 G 44 45 45 G G A . n 
A 1 45 C 45 46 46 C C A . n 
A 1 46 G 46 47 47 G G A . n 
A 1 47 C 47 48 48 C C A . n 
A 1 48 C 48 49 49 C C A . n 
# 
loop_
_pdbx_nonpoly_scheme.asym_id 
_pdbx_nonpoly_scheme.entity_id 
_pdbx_nonpoly_scheme.mon_id 
_pdbx_nonpoly_scheme.ndb_seq_num 
_pdbx_nonpoly_scheme.pdb_seq_num 
_pdbx_nonpoly_scheme.auth_seq_num 
_pdbx_nonpoly_scheme.pdb_mon_id 
_pdbx_nonpoly_scheme.auth_mon_id 
_pdbx_nonpoly_scheme.pdb_strand_id 
_pdbx_nonpoly_scheme.pdb_ins_code 
B 2 GTP 1  101 1  GTP GTP A . 
C 3 J8X 1  102 1  J8X LIG A . 
D 4 MG  1  103 1  MG  MG  A . 
E 4 MG  1  104 2  MG  MG  A . 
F 4 MG  1  105 3  MG  MG  A . 
G 4 MG  1  106 4  MG  MG  A . 
H 5 HOH 1  201 34 HOH HOH A . 
H 5 HOH 2  202 6  HOH HOH A . 
H 5 HOH 3  203 42 HOH HOH A . 
H 5 HOH 4  204 12 HOH HOH A . 
H 5 HOH 5  205 15 HOH HOH A . 
H 5 HOH 6  206 54 HOH HOH A . 
H 5 HOH 7  207 65 HOH HOH A . 
H 5 HOH 8  208 33 HOH HOH A . 
H 5 HOH 9  209 60 HOH HOH A . 
H 5 HOH 10 210 22 HOH HOH A . 
H 5 HOH 11 211 29 HOH HOH A . 
H 5 HOH 12 212 26 HOH HOH A . 
H 5 HOH 13 213 47 HOH HOH A . 
H 5 HOH 14 214 67 HOH HOH A . 
H 5 HOH 15 215 9  HOH HOH A . 
H 5 HOH 16 216 25 HOH HOH A . 
H 5 HOH 17 217 4  HOH HOH A . 
H 5 HOH 18 218 41 HOH HOH A . 
H 5 HOH 19 219 38 HOH HOH A . 
H 5 HOH 20 220 52 HOH HOH A . 
H 5 HOH 21 221 44 HOH HOH A . 
H 5 HOH 22 222 70 HOH HOH A . 
H 5 HOH 23 223 10 HOH HOH A . 
H 5 HOH 24 224 28 HOH HOH A . 
H 5 HOH 25 225 68 HOH HOH A . 
H 5 HOH 26 226 64 HOH HOH A . 
H 5 HOH 27 227 40 HOH HOH A . 
H 5 HOH 28 228 14 HOH HOH A . 
H 5 HOH 29 229 20 HOH HOH A . 
H 5 HOH 30 230 58 HOH HOH A . 
H 5 HOH 31 231 48 HOH HOH A . 
H 5 HOH 32 232 45 HOH HOH A . 
H 5 HOH 33 233 3  HOH HOH A . 
H 5 HOH 34 234 35 HOH HOH A . 
H 5 HOH 35 235 17 HOH HOH A . 
H 5 HOH 36 236 30 HOH HOH A . 
H 5 HOH 37 237 61 HOH HOH A . 
H 5 HOH 38 238 36 HOH HOH A . 
H 5 HOH 39 239 59 HOH HOH A . 
H 5 HOH 40 240 16 HOH HOH A . 
H 5 HOH 41 241 55 HOH HOH A . 
H 5 HOH 42 242 21 HOH HOH A . 
H 5 HOH 43 243 1  HOH HOH A . 
H 5 HOH 44 244 37 HOH HOH A . 
H 5 HOH 45 245 66 HOH HOH A . 
H 5 HOH 46 246 32 HOH HOH A . 
H 5 HOH 47 247 23 HOH HOH A . 
H 5 HOH 48 248 11 HOH HOH A . 
H 5 HOH 49 249 27 HOH HOH A . 
H 5 HOH 50 250 51 HOH HOH A . 
H 5 HOH 51 251 43 HOH HOH A . 
H 5 HOH 52 252 24 HOH HOH A . 
H 5 HOH 53 253 13 HOH HOH A . 
H 5 HOH 54 254 8  HOH HOH A . 
H 5 HOH 55 255 50 HOH HOH A . 
H 5 HOH 56 256 56 HOH HOH A . 
H 5 HOH 57 257 57 HOH HOH A . 
H 5 HOH 58 258 5  HOH HOH A . 
H 5 HOH 59 259 63 HOH HOH A . 
H 5 HOH 60 260 18 HOH HOH A . 
H 5 HOH 61 261 53 HOH HOH A . 
H 5 HOH 62 262 69 HOH HOH A . 
H 5 HOH 63 263 2  HOH HOH A . 
H 5 HOH 64 264 49 HOH HOH A . 
H 5 HOH 65 265 39 HOH HOH A . 
H 5 HOH 66 266 19 HOH HOH A . 
H 5 HOH 67 267 7  HOH HOH A . 
H 5 HOH 68 268 71 HOH HOH A . 
H 5 HOH 69 269 62 HOH HOH A . 
H 5 HOH 70 270 46 HOH HOH A . 
H 5 HOH 71 271 31 HOH HOH A . 
# 
_pdbx_struct_assembly.id                   1 
_pdbx_struct_assembly.details              author_and_software_defined_assembly 
_pdbx_struct_assembly.method_details       PISA 
_pdbx_struct_assembly.oligomeric_details   monomeric 
_pdbx_struct_assembly.oligomeric_count     1 
# 
_pdbx_struct_assembly_gen.assembly_id       1 
_pdbx_struct_assembly_gen.oper_expression   1 
_pdbx_struct_assembly_gen.asym_id_list      A,B,C,D,E,F,G,H 
# 
loop_
_pdbx_struct_assembly_prop.biol_id 
_pdbx_struct_assembly_prop.type 
_pdbx_struct_assembly_prop.value 
_pdbx_struct_assembly_prop.details 
1 'ABSA (A^2)' 440  ? 
1 MORE         -11  ? 
1 'SSA (A^2)'  8260 ? 
# 
_pdbx_struct_oper_list.id                   1 
_pdbx_struct_oper_list.type                 'identity operation' 
_pdbx_struct_oper_list.name                 1_555 
_pdbx_struct_oper_list.symmetry_operation   x,y,z 
_pdbx_struct_oper_list.matrix[1][1]         1.0000000000 
_pdbx_struct_oper_list.matrix[1][2]         0.0000000000 
_pdbx_struct_oper_list.matrix[1][3]         0.0000000000 
_pdbx_struct_oper_list.vector[1]            0.0000000000 
_pdbx_struct_oper_list.matrix[2][1]         0.0000000000 
_pdbx_struct_oper_list.matrix[2][2]         1.0000000000 
_pdbx_struct_oper_list.matrix[2][3]         0.0000000000 
_pdbx_struct_oper_list.vector[2]            0.0000000000 
_pdbx_struct_oper_list.matrix[3][1]         0.0000000000 
_pdbx_struct_oper_list.matrix[3][2]         0.0000000000 
_pdbx_struct_oper_list.matrix[3][3]         1.0000000000 
_pdbx_struct_oper_list.vector[3]            0.0000000000 
# 
_pdbx_struct_special_symmetry.id              1 
_pdbx_struct_special_symmetry.PDB_model_num   1 
_pdbx_struct_special_symmetry.auth_asym_id    A 
_pdbx_struct_special_symmetry.auth_comp_id    HOH 
_pdbx_struct_special_symmetry.auth_seq_id     250 
_pdbx_struct_special_symmetry.PDB_ins_code    ? 
_pdbx_struct_special_symmetry.label_asym_id   H 
_pdbx_struct_special_symmetry.label_comp_id   HOH 
_pdbx_struct_special_symmetry.label_seq_id    . 
# 
loop_
_pdbx_struct_conn_angle.id 
_pdbx_struct_conn_angle.ptnr1_label_atom_id 
_pdbx_struct_conn_angle.ptnr1_label_alt_id 
_pdbx_struct_conn_angle.ptnr1_label_asym_id 
_pdbx_struct_conn_angle.ptnr1_label_comp_id 
_pdbx_struct_conn_angle.ptnr1_label_seq_id 
_pdbx_struct_conn_angle.ptnr1_auth_atom_id 
_pdbx_struct_conn_angle.ptnr1_auth_asym_id 
_pdbx_struct_conn_angle.ptnr1_auth_comp_id 
_pdbx_struct_conn_angle.ptnr1_auth_seq_id 
_pdbx_struct_conn_angle.ptnr1_PDB_ins_code 
_pdbx_struct_conn_angle.ptnr1_symmetry 
_pdbx_struct_conn_angle.ptnr2_label_atom_id 
_pdbx_struct_conn_angle.ptnr2_label_alt_id 
_pdbx_struct_conn_angle.ptnr2_label_asym_id 
_pdbx_struct_conn_angle.ptnr2_label_comp_id 
_pdbx_struct_conn_angle.ptnr2_label_seq_id 
_pdbx_struct_conn_angle.ptnr2_auth_atom_id 
_pdbx_struct_conn_angle.ptnr2_auth_asym_id 
_pdbx_struct_conn_angle.ptnr2_auth_comp_id 
_pdbx_struct_conn_angle.ptnr2_auth_seq_id 
_pdbx_struct_conn_angle.ptnr2_PDB_ins_code 
_pdbx_struct_conn_angle.ptnr2_symmetry 
_pdbx_struct_conn_angle.ptnr3_label_atom_id 
_pdbx_struct_conn_angle.ptnr3_label_alt_id 
_pdbx_struct_conn_angle.ptnr3_label_asym_id 
_pdbx_struct_conn_angle.ptnr3_label_comp_id 
_pdbx_struct_conn_angle.ptnr3_label_seq_id 
_pdbx_struct_conn_angle.ptnr3_auth_atom_id 
_pdbx_struct_conn_angle.ptnr3_auth_asym_id 
_pdbx_struct_conn_angle.ptnr3_auth_comp_id 
_pdbx_struct_conn_angle.ptnr3_auth_seq_id 
_pdbx_struct_conn_angle.ptnr3_PDB_ins_code 
_pdbx_struct_conn_angle.ptnr3_symmetry 
_pdbx_struct_conn_angle.value 
_pdbx_struct_conn_angle.value_esd 
1  OP2 ? A C   6  ? A C   7   ? 1_555 MG ? E MG . ? A MG 104 ? 1_555 OP2 ? A U   7 ? A U   8   ? 1_555 109.2 ? 
2  OP2 ? A C   6  ? A C   7   ? 1_555 MG ? E MG . ? A MG 104 ? 1_555 O   ? H HOH . ? A HOH 212 ? 1_555 165.0 ? 
3  OP2 ? A U   7  ? A U   8   ? 1_555 MG ? E MG . ? A MG 104 ? 1_555 O   ? H HOH . ? A HOH 212 ? 1_555 84.3  ? 
4  OP2 ? A C   6  ? A C   7   ? 1_555 MG ? E MG . ? A MG 104 ? 1_555 O   ? H HOH . ? A HOH 224 ? 1_555 82.0  ? 
5  OP2 ? A U   7  ? A U   8   ? 1_555 MG ? E MG . ? A MG 104 ? 1_555 O   ? H HOH . ? A HOH 224 ? 1_555 168.1 ? 
6  O   ? H HOH .  ? A HOH 212 ? 1_555 MG ? E MG . ? A MG 104 ? 1_555 O   ? H HOH . ? A HOH 224 ? 1_555 85.1  ? 
7  OP2 ? A C   6  ? A C   7   ? 1_555 MG ? E MG . ? A MG 104 ? 1_555 O   ? H HOH . ? A HOH 249 ? 1_555 92.0  ? 
8  OP2 ? A U   7  ? A U   8   ? 1_555 MG ? E MG . ? A MG 104 ? 1_555 O   ? H HOH . ? A HOH 249 ? 1_555 104.5 ? 
9  O   ? H HOH .  ? A HOH 212 ? 1_555 MG ? E MG . ? A MG 104 ? 1_555 O   ? H HOH . ? A HOH 249 ? 1_555 78.0  ? 
10 O   ? H HOH .  ? A HOH 224 ? 1_555 MG ? E MG . ? A MG 104 ? 1_555 O   ? H HOH . ? A HOH 249 ? 1_555 78.5  ? 
11 OP2 ? A A   29 ? A A   30  ? 1_555 MG ? F MG . ? A MG 105 ? 1_555 O   ? H HOH . ? A HOH 203 ? 1_555 161.9 ? 
12 OP2 ? A A   29 ? A A   30  ? 1_555 MG ? F MG . ? A MG 105 ? 1_555 O   ? H HOH . ? A HOH 218 ? 1_555 80.3  ? 
13 O   ? H HOH .  ? A HOH 203 ? 1_555 MG ? F MG . ? A MG 105 ? 1_555 O   ? H HOH . ? A HOH 218 ? 1_555 83.7  ? 
14 OP2 ? A A   29 ? A A   30  ? 1_555 MG ? F MG . ? A MG 105 ? 1_555 O   ? H HOH . ? A HOH 221 ? 1_555 79.5  ? 
15 O   ? H HOH .  ? A HOH 203 ? 1_555 MG ? F MG . ? A MG 105 ? 1_555 O   ? H HOH . ? A HOH 221 ? 1_555 88.6  ? 
16 O   ? H HOH .  ? A HOH 218 ? 1_555 MG ? F MG . ? A MG 105 ? 1_555 O   ? H HOH . ? A HOH 221 ? 1_555 76.3  ? 
17 OP2 ? A A   29 ? A A   30  ? 1_555 MG ? F MG . ? A MG 105 ? 1_555 O   ? H HOH . ? A HOH 227 ? 1_555 93.4  ? 
18 O   ? H HOH .  ? A HOH 203 ? 1_555 MG ? F MG . ? A MG 105 ? 1_555 O   ? H HOH . ? A HOH 227 ? 1_555 99.6  ? 
19 O   ? H HOH .  ? A HOH 218 ? 1_555 MG ? F MG . ? A MG 105 ? 1_555 O   ? H HOH . ? A HOH 227 ? 1_555 163.2 ? 
20 O   ? H HOH .  ? A HOH 221 ? 1_555 MG ? F MG . ? A MG 105 ? 1_555 O   ? H HOH . ? A HOH 227 ? 1_555 87.3  ? 
21 OP2 ? A A   29 ? A A   30  ? 1_555 MG ? F MG . ? A MG 105 ? 1_555 O   ? H HOH . ? A HOH 248 ? 1_555 96.2  ? 
22 O   ? H HOH .  ? A HOH 203 ? 1_555 MG ? F MG . ? A MG 105 ? 1_555 O   ? H HOH . ? A HOH 248 ? 1_555 89.1  ? 
23 O   ? H HOH .  ? A HOH 218 ? 1_555 MG ? F MG . ? A MG 105 ? 1_555 O   ? H HOH . ? A HOH 248 ? 1_555 79.7  ? 
24 O   ? H HOH .  ? A HOH 221 ? 1_555 MG ? F MG . ? A MG 105 ? 1_555 O   ? H HOH . ? A HOH 248 ? 1_555 155.9 ? 
25 O   ? H HOH .  ? A HOH 227 ? 1_555 MG ? F MG . ? A MG 105 ? 1_555 O   ? H HOH . ? A HOH 248 ? 1_555 116.7 ? 
26 OP2 ? A U   31 ? A U   32  ? 1_555 MG ? G MG . ? A MG 106 ? 1_555 O   ? H HOH . ? A HOH 206 ? 1_555 79.2  ? 
27 OP2 ? A U   31 ? A U   32  ? 1_555 MG ? G MG . ? A MG 106 ? 1_555 O   ? H HOH . ? A HOH 241 ? 1_555 93.9  ? 
28 O   ? H HOH .  ? A HOH 206 ? 1_555 MG ? G MG . ? A MG 106 ? 1_555 O   ? H HOH . ? A HOH 241 ? 1_555 157.3 ? 
29 OP2 ? A U   31 ? A U   32  ? 1_555 MG ? G MG . ? A MG 106 ? 1_555 O   ? H HOH . ? A HOH 254 ? 1_555 166.2 ? 
30 O   ? H HOH .  ? A HOH 206 ? 1_555 MG ? G MG . ? A MG 106 ? 1_555 O   ? H HOH . ? A HOH 254 ? 1_555 87.1  ? 
31 O   ? H HOH .  ? A HOH 241 ? 1_555 MG ? G MG . ? A MG 106 ? 1_555 O   ? H HOH . ? A HOH 254 ? 1_555 98.1  ? 
32 OP2 ? A U   31 ? A U   32  ? 1_555 MG ? G MG . ? A MG 106 ? 1_555 O   ? H HOH . ? A HOH 256 ? 1_555 90.1  ? 
33 O   ? H HOH .  ? A HOH 206 ? 1_555 MG ? G MG . ? A MG 106 ? 1_555 O   ? H HOH . ? A HOH 256 ? 1_555 73.5  ? 
34 O   ? H HOH .  ? A HOH 241 ? 1_555 MG ? G MG . ? A MG 106 ? 1_555 O   ? H HOH . ? A HOH 256 ? 1_555 85.0  ? 
35 O   ? H HOH .  ? A HOH 254 ? 1_555 MG ? G MG . ? A MG 106 ? 1_555 O   ? H HOH . ? A HOH 256 ? 1_555 84.3  ? 
36 OP2 ? A U   31 ? A U   32  ? 1_555 MG ? G MG . ? A MG 106 ? 1_555 O   ? H HOH . ? A HOH 261 ? 1_555 88.4  ? 
37 O   ? H HOH .  ? A HOH 206 ? 1_555 MG ? G MG . ? A MG 106 ? 1_555 O   ? H HOH . ? A HOH 261 ? 1_555 89.8  ? 
38 O   ? H HOH .  ? A HOH 241 ? 1_555 MG ? G MG . ? A MG 106 ? 1_555 O   ? H HOH . ? A HOH 261 ? 1_555 111.7 ? 
39 O   ? H HOH .  ? A HOH 254 ? 1_555 MG ? G MG . ? A MG 106 ? 1_555 O   ? H HOH . ? A HOH 261 ? 1_555 93.4  ? 
40 O   ? H HOH .  ? A HOH 256 ? 1_555 MG ? G MG . ? A MG 106 ? 1_555 O   ? H HOH . ? A HOH 261 ? 1_555 163.3 ? 
41 OP2 ? A U   41 ? A U   42  ? 1_555 MG ? D MG . ? A MG 103 ? 1_555 O   ? H HOH . ? A HOH 210 ? 1_555 92.8  ? 
42 OP2 ? A U   41 ? A U   42  ? 1_555 MG ? D MG . ? A MG 103 ? 1_555 O   ? H HOH . ? A HOH 216 ? 1_555 154.2 ? 
43 O   ? H HOH .  ? A HOH 210 ? 1_555 MG ? D MG . ? A MG 103 ? 1_555 O   ? H HOH . ? A HOH 216 ? 1_555 90.2  ? 
44 OP2 ? A U   41 ? A U   42  ? 1_555 MG ? D MG . ? A MG 103 ? 1_555 O   ? H HOH . ? A HOH 247 ? 1_555 78.8  ? 
45 O   ? H HOH .  ? A HOH 210 ? 1_555 MG ? D MG . ? A MG 103 ? 1_555 O   ? H HOH . ? A HOH 247 ? 1_555 86.1  ? 
46 O   ? H HOH .  ? A HOH 216 ? 1_555 MG ? D MG . ? A MG 103 ? 1_555 O   ? H HOH . ? A HOH 247 ? 1_555 75.8  ? 
47 OP2 ? A U   41 ? A U   42  ? 1_555 MG ? D MG . ? A MG 103 ? 1_555 O   ? H HOH . ? A HOH 252 ? 1_555 89.5  ? 
48 O   ? H HOH .  ? A HOH 210 ? 1_555 MG ? D MG . ? A MG 103 ? 1_555 O   ? H HOH . ? A HOH 252 ? 1_555 150.4 ? 
49 O   ? H HOH .  ? A HOH 216 ? 1_555 MG ? D MG . ? A MG 103 ? 1_555 O   ? H HOH . ? A HOH 252 ? 1_555 75.8  ? 
50 O   ? H HOH .  ? A HOH 247 ? 1_555 MG ? D MG . ? A MG 103 ? 1_555 O   ? H HOH . ? A HOH 252 ? 1_555 65.4  ? 
51 OP2 ? A U   41 ? A U   42  ? 1_555 MG ? D MG . ? A MG 103 ? 1_555 O   ? H HOH . ? A HOH 253 ? 1_555 88.2  ? 
52 O   ? H HOH .  ? A HOH 210 ? 1_555 MG ? D MG . ? A MG 103 ? 1_555 O   ? H HOH . ? A HOH 253 ? 1_555 113.9 ? 
53 O   ? H HOH .  ? A HOH 216 ? 1_555 MG ? D MG . ? A MG 103 ? 1_555 O   ? H HOH . ? A HOH 253 ? 1_555 113.9 ? 
54 O   ? H HOH .  ? A HOH 247 ? 1_555 MG ? D MG . ? A MG 103 ? 1_555 O   ? H HOH . ? A HOH 253 ? 1_555 156.8 ? 
55 O   ? H HOH .  ? A HOH 252 ? 1_555 MG ? D MG . ? A MG 103 ? 1_555 O   ? H HOH . ? A HOH 253 ? 1_555 95.6  ? 
# 
loop_
_pdbx_audit_revision_history.ordinal 
_pdbx_audit_revision_history.data_content_type 
_pdbx_audit_revision_history.major_revision 
_pdbx_audit_revision_history.minor_revision 
_pdbx_audit_revision_history.revision_date 
1 'Structure model' 1 0 2021-11-24 
2 'Structure model' 1 1 2022-02-16 
3 'Structure model' 1 2 2023-11-29 
# 
_pdbx_audit_revision_details.ordinal             1 
_pdbx_audit_revision_details.revision_ordinal    1 
_pdbx_audit_revision_details.data_content_type   'Structure model' 
_pdbx_audit_revision_details.provider            repository 
_pdbx_audit_revision_details.type                'Initial release' 
_pdbx_audit_revision_details.description         ? 
_pdbx_audit_revision_details.details             ? 
# 
loop_
_pdbx_audit_revision_group.ordinal 
_pdbx_audit_revision_group.revision_ordinal 
_pdbx_audit_revision_group.data_content_type 
_pdbx_audit_revision_group.group 
1 2 'Structure model' 'Database references'    
2 3 'Structure model' 'Data collection'        
3 3 'Structure model' 'Refinement description' 
# 
loop_
_pdbx_audit_revision_category.ordinal 
_pdbx_audit_revision_category.revision_ordinal 
_pdbx_audit_revision_category.data_content_type 
_pdbx_audit_revision_category.category 
1 2 'Structure model' citation                      
2 2 'Structure model' citation_author               
3 3 'Structure model' chem_comp_atom                
4 3 'Structure model' chem_comp_bond                
5 3 'Structure model' pdbx_initial_refinement_model 
# 
loop_
_pdbx_audit_revision_item.ordinal 
_pdbx_audit_revision_item.revision_ordinal 
_pdbx_audit_revision_item.data_content_type 
_pdbx_audit_revision_item.item 
1 2 'Structure model' '_citation.journal_volume'          
2 2 'Structure model' '_citation.page_first'              
3 2 'Structure model' '_citation.page_last'               
4 2 'Structure model' '_citation_author.identifier_ORCID' 
# 
loop_
_software.citation_id 
_software.classification 
_software.compiler_name 
_software.compiler_version 
_software.contact_author 
_software.contact_author_email 
_software.date 
_software.description 
_software.dependencies 
_software.hardware 
_software.language 
_software.location 
_software.mods 
_software.name 
_software.os 
_software.os_version 
_software.type 
_software.version 
_software.pdbx_ordinal 
? 'data scaling'    ? ? ? ? ? ? ? ? ? ? ? HKL-2000    ? ? ? .         1 
? refinement        ? ? ? ? ? ? ? ? ? ? ? PHENIX      ? ? ? 1.14_3260 2 
? 'data extraction' ? ? ? ? ? ? ? ? ? ? ? PDB_EXTRACT ? ? ? 3.25      3 
? 'data reduction'  ? ? ? ? ? ? ? ? ? ? ? HKL-3000    ? ? ? .         4 
? phasing           ? ? ? ? ? ? ? ? ? ? ? PHASER      ? ? ? .         5 
# 
_pdbx_entry_details.entry_id                 7EOO 
_pdbx_entry_details.has_ligand_of_interest   Y 
_pdbx_entry_details.compound_details         ? 
_pdbx_entry_details.source_details           ? 
_pdbx_entry_details.nonpolymer_details       ? 
_pdbx_entry_details.sequence_details         ? 
# 
loop_
_pdbx_validate_close_contact.id 
_pdbx_validate_close_contact.PDB_model_num 
_pdbx_validate_close_contact.auth_atom_id_1 
_pdbx_validate_close_contact.auth_asym_id_1 
_pdbx_validate_close_contact.auth_comp_id_1 
_pdbx_validate_close_contact.auth_seq_id_1 
_pdbx_validate_close_contact.PDB_ins_code_1 
_pdbx_validate_close_contact.label_alt_id_1 
_pdbx_validate_close_contact.auth_atom_id_2 
_pdbx_validate_close_contact.auth_asym_id_2 
_pdbx_validate_close_contact.auth_comp_id_2 
_pdbx_validate_close_contact.auth_seq_id_2 
_pdbx_validate_close_contact.PDB_ins_code_2 
_pdbx_validate_close_contact.label_alt_id_2 
_pdbx_validate_close_contact.dist 
1 1 OP2   A G 2 ? ? "O3'" A GTP 101 ? ? 1.89 
2 1 OP1   A G 2 ? ? "O3'" A GTP 101 ? ? 1.95 
3 1 "O5'" A G 2 ? ? "O3'" A GTP 101 ? ? 2.15 
# 
loop_
_pdbx_validate_rmsd_angle.id 
_pdbx_validate_rmsd_angle.PDB_model_num 
_pdbx_validate_rmsd_angle.auth_atom_id_1 
_pdbx_validate_rmsd_angle.auth_asym_id_1 
_pdbx_validate_rmsd_angle.auth_comp_id_1 
_pdbx_validate_rmsd_angle.auth_seq_id_1 
_pdbx_validate_rmsd_angle.PDB_ins_code_1 
_pdbx_validate_rmsd_angle.label_alt_id_1 
_pdbx_validate_rmsd_angle.auth_atom_id_2 
_pdbx_validate_rmsd_angle.auth_asym_id_2 
_pdbx_validate_rmsd_angle.auth_comp_id_2 
_pdbx_validate_rmsd_angle.auth_seq_id_2 
_pdbx_validate_rmsd_angle.PDB_ins_code_2 
_pdbx_validate_rmsd_angle.label_alt_id_2 
_pdbx_validate_rmsd_angle.auth_atom_id_3 
_pdbx_validate_rmsd_angle.auth_asym_id_3 
_pdbx_validate_rmsd_angle.auth_comp_id_3 
_pdbx_validate_rmsd_angle.auth_seq_id_3 
_pdbx_validate_rmsd_angle.PDB_ins_code_3 
_pdbx_validate_rmsd_angle.label_alt_id_3 
_pdbx_validate_rmsd_angle.angle_value 
_pdbx_validate_rmsd_angle.angle_target_value 
_pdbx_validate_rmsd_angle.angle_deviation 
_pdbx_validate_rmsd_angle.angle_standard_deviation 
_pdbx_validate_rmsd_angle.linker_flag 
1 1 C6 A C 22 ? ? N1 A C 22 ? ? C2    A C 22 ? ? 116.73 120.30 -3.57 0.40 N 
2 1 N1 A C 22 ? ? C2 A C 22 ? ? O2    A C 22 ? ? 124.76 118.90 5.86  0.60 N 
3 1 N3 A C 22 ? ? C2 A C 22 ? ? O2    A C 22 ? ? 115.39 121.90 -6.51 0.70 N 
4 1 C2 A C 22 ? ? N1 A C 22 ? ? "C1'" A C 22 ? ? 128.55 118.80 9.75  1.10 N 
# 
loop_
_chem_comp_atom.comp_id 
_chem_comp_atom.atom_id 
_chem_comp_atom.type_symbol 
_chem_comp_atom.pdbx_aromatic_flag 
_chem_comp_atom.pdbx_stereo_config 
_chem_comp_atom.pdbx_ordinal 
A   OP3    O  N N 1   
A   P      P  N N 2   
A   OP1    O  N N 3   
A   OP2    O  N N 4   
A   "O5'"  O  N N 5   
A   "C5'"  C  N N 6   
A   "C4'"  C  N R 7   
A   "O4'"  O  N N 8   
A   "C3'"  C  N S 9   
A   "O3'"  O  N N 10  
A   "C2'"  C  N R 11  
A   "O2'"  O  N N 12  
A   "C1'"  C  N R 13  
A   N9     N  Y N 14  
A   C8     C  Y N 15  
A   N7     N  Y N 16  
A   C5     C  Y N 17  
A   C6     C  Y N 18  
A   N6     N  N N 19  
A   N1     N  Y N 20  
A   C2     C  Y N 21  
A   N3     N  Y N 22  
A   C4     C  Y N 23  
A   HOP3   H  N N 24  
A   HOP2   H  N N 25  
A   "H5'"  H  N N 26  
A   "H5''" H  N N 27  
A   "H4'"  H  N N 28  
A   "H3'"  H  N N 29  
A   "HO3'" H  N N 30  
A   "H2'"  H  N N 31  
A   "HO2'" H  N N 32  
A   "H1'"  H  N N 33  
A   H8     H  N N 34  
A   H61    H  N N 35  
A   H62    H  N N 36  
A   H2     H  N N 37  
C   OP3    O  N N 38  
C   P      P  N N 39  
C   OP1    O  N N 40  
C   OP2    O  N N 41  
C   "O5'"  O  N N 42  
C   "C5'"  C  N N 43  
C   "C4'"  C  N R 44  
C   "O4'"  O  N N 45  
C   "C3'"  C  N S 46  
C   "O3'"  O  N N 47  
C   "C2'"  C  N R 48  
C   "O2'"  O  N N 49  
C   "C1'"  C  N R 50  
C   N1     N  N N 51  
C   C2     C  N N 52  
C   O2     O  N N 53  
C   N3     N  N N 54  
C   C4     C  N N 55  
C   N4     N  N N 56  
C   C5     C  N N 57  
C   C6     C  N N 58  
C   HOP3   H  N N 59  
C   HOP2   H  N N 60  
C   "H5'"  H  N N 61  
C   "H5''" H  N N 62  
C   "H4'"  H  N N 63  
C   "H3'"  H  N N 64  
C   "HO3'" H  N N 65  
C   "H2'"  H  N N 66  
C   "HO2'" H  N N 67  
C   "H1'"  H  N N 68  
C   H41    H  N N 69  
C   H42    H  N N 70  
C   H5     H  N N 71  
C   H6     H  N N 72  
G   OP3    O  N N 73  
G   P      P  N N 74  
G   OP1    O  N N 75  
G   OP2    O  N N 76  
G   "O5'"  O  N N 77  
G   "C5'"  C  N N 78  
G   "C4'"  C  N R 79  
G   "O4'"  O  N N 80  
G   "C3'"  C  N S 81  
G   "O3'"  O  N N 82  
G   "C2'"  C  N R 83  
G   "O2'"  O  N N 84  
G   "C1'"  C  N R 85  
G   N9     N  Y N 86  
G   C8     C  Y N 87  
G   N7     N  Y N 88  
G   C5     C  Y N 89  
G   C6     C  N N 90  
G   O6     O  N N 91  
G   N1     N  N N 92  
G   C2     C  N N 93  
G   N2     N  N N 94  
G   N3     N  N N 95  
G   C4     C  Y N 96  
G   HOP3   H  N N 97  
G   HOP2   H  N N 98  
G   "H5'"  H  N N 99  
G   "H5''" H  N N 100 
G   "H4'"  H  N N 101 
G   "H3'"  H  N N 102 
G   "HO3'" H  N N 103 
G   "H2'"  H  N N 104 
G   "HO2'" H  N N 105 
G   "H1'"  H  N N 106 
G   H8     H  N N 107 
G   H1     H  N N 108 
G   H21    H  N N 109 
G   H22    H  N N 110 
GTP PG     P  N N 111 
GTP O1G    O  N N 112 
GTP O2G    O  N N 113 
GTP O3G    O  N N 114 
GTP O3B    O  N N 115 
GTP PB     P  N N 116 
GTP O1B    O  N N 117 
GTP O2B    O  N N 118 
GTP O3A    O  N N 119 
GTP PA     P  N N 120 
GTP O1A    O  N N 121 
GTP O2A    O  N N 122 
GTP "O5'"  O  N N 123 
GTP "C5'"  C  N N 124 
GTP "C4'"  C  N R 125 
GTP "O4'"  O  N N 126 
GTP "C3'"  C  N S 127 
GTP "O3'"  O  N N 128 
GTP "C2'"  C  N R 129 
GTP "O2'"  O  N N 130 
GTP "C1'"  C  N R 131 
GTP N9     N  Y N 132 
GTP C8     C  Y N 133 
GTP N7     N  Y N 134 
GTP C5     C  Y N 135 
GTP C6     C  N N 136 
GTP O6     O  N N 137 
GTP N1     N  N N 138 
GTP C2     C  N N 139 
GTP N2     N  N N 140 
GTP N3     N  N N 141 
GTP C4     C  Y N 142 
GTP HOG2   H  N N 143 
GTP HOG3   H  N N 144 
GTP HOB2   H  N N 145 
GTP HOA2   H  N N 146 
GTP "H5'"  H  N N 147 
GTP "H5''" H  N N 148 
GTP "H4'"  H  N N 149 
GTP "H3'"  H  N N 150 
GTP "HO3'" H  N N 151 
GTP "H2'"  H  N N 152 
GTP "HO2'" H  N N 153 
GTP "H1'"  H  N N 154 
GTP H8     H  N N 155 
GTP HN1    H  N N 156 
GTP HN21   H  N N 157 
GTP HN22   H  N N 158 
HOH O      O  N N 159 
HOH H1     H  N N 160 
HOH H2     H  N N 161 
J8X C10    C  N N 162 
J8X C13    C  Y N 163 
J8X C21    C  Y N 164 
J8X C22    C  Y N 165 
J8X C24    C  Y N 166 
J8X C01    C  Y N 167 
J8X C02    C  Y N 168 
J8X C03    C  Y N 169 
J8X C04    C  Y N 170 
J8X C05    C  Y N 171 
J8X C06    C  Y N 172 
J8X C08    C  N N 173 
J8X C09    C  N N 174 
J8X C11    C  N N 175 
J8X C12    C  N N 176 
J8X C14    C  N N 177 
J8X C18    C  Y N 178 
J8X C19    C  Y N 179 
J8X C23    C  Y N 180 
J8X N07    N  N N 181 
J8X N15    N  N N 182 
J8X N20    N  Y N 183 
J8X O16    O  N N 184 
J8X O17    O  Y N 185 
J8X H1     H  N N 186 
J8X H2     H  N N 187 
J8X H3     H  N N 188 
J8X H4     H  N N 189 
J8X H5     H  N N 190 
J8X H6     H  N N 191 
J8X H7     H  N N 192 
J8X H8     H  N N 193 
J8X H9     H  N N 194 
J8X H10    H  N N 195 
J8X H11    H  N N 196 
J8X H12    H  N N 197 
J8X H13    H  N N 198 
J8X H14    H  N N 199 
J8X H15    H  N N 200 
J8X H16    H  N N 201 
J8X H17    H  N N 202 
MG  MG     MG N N 203 
U   OP3    O  N N 204 
U   P      P  N N 205 
U   OP1    O  N N 206 
U   OP2    O  N N 207 
U   "O5'"  O  N N 208 
U   "C5'"  C  N N 209 
U   "C4'"  C  N R 210 
U   "O4'"  O  N N 211 
U   "C3'"  C  N S 212 
U   "O3'"  O  N N 213 
U   "C2'"  C  N R 214 
U   "O2'"  O  N N 215 
U   "C1'"  C  N R 216 
U   N1     N  N N 217 
U   C2     C  N N 218 
U   O2     O  N N 219 
U   N3     N  N N 220 
U   C4     C  N N 221 
U   O4     O  N N 222 
U   C5     C  N N 223 
U   C6     C  N N 224 
U   HOP3   H  N N 225 
U   HOP2   H  N N 226 
U   "H5'"  H  N N 227 
U   "H5''" H  N N 228 
U   "H4'"  H  N N 229 
U   "H3'"  H  N N 230 
U   "HO3'" H  N N 231 
U   "H2'"  H  N N 232 
U   "HO2'" H  N N 233 
U   "H1'"  H  N N 234 
U   H3     H  N N 235 
U   H5     H  N N 236 
U   H6     H  N N 237 
# 
loop_
_chem_comp_bond.comp_id 
_chem_comp_bond.atom_id_1 
_chem_comp_bond.atom_id_2 
_chem_comp_bond.value_order 
_chem_comp_bond.pdbx_aromatic_flag 
_chem_comp_bond.pdbx_stereo_config 
_chem_comp_bond.pdbx_ordinal 
A   OP3   P      sing N N 1   
A   OP3   HOP3   sing N N 2   
A   P     OP1    doub N N 3   
A   P     OP2    sing N N 4   
A   P     "O5'"  sing N N 5   
A   OP2   HOP2   sing N N 6   
A   "O5'" "C5'"  sing N N 7   
A   "C5'" "C4'"  sing N N 8   
A   "C5'" "H5'"  sing N N 9   
A   "C5'" "H5''" sing N N 10  
A   "C4'" "O4'"  sing N N 11  
A   "C4'" "C3'"  sing N N 12  
A   "C4'" "H4'"  sing N N 13  
A   "O4'" "C1'"  sing N N 14  
A   "C3'" "O3'"  sing N N 15  
A   "C3'" "C2'"  sing N N 16  
A   "C3'" "H3'"  sing N N 17  
A   "O3'" "HO3'" sing N N 18  
A   "C2'" "O2'"  sing N N 19  
A   "C2'" "C1'"  sing N N 20  
A   "C2'" "H2'"  sing N N 21  
A   "O2'" "HO2'" sing N N 22  
A   "C1'" N9     sing N N 23  
A   "C1'" "H1'"  sing N N 24  
A   N9    C8     sing Y N 25  
A   N9    C4     sing Y N 26  
A   C8    N7     doub Y N 27  
A   C8    H8     sing N N 28  
A   N7    C5     sing Y N 29  
A   C5    C6     sing Y N 30  
A   C5    C4     doub Y N 31  
A   C6    N6     sing N N 32  
A   C6    N1     doub Y N 33  
A   N6    H61    sing N N 34  
A   N6    H62    sing N N 35  
A   N1    C2     sing Y N 36  
A   C2    N3     doub Y N 37  
A   C2    H2     sing N N 38  
A   N3    C4     sing Y N 39  
C   OP3   P      sing N N 40  
C   OP3   HOP3   sing N N 41  
C   P     OP1    doub N N 42  
C   P     OP2    sing N N 43  
C   P     "O5'"  sing N N 44  
C   OP2   HOP2   sing N N 45  
C   "O5'" "C5'"  sing N N 46  
C   "C5'" "C4'"  sing N N 47  
C   "C5'" "H5'"  sing N N 48  
C   "C5'" "H5''" sing N N 49  
C   "C4'" "O4'"  sing N N 50  
C   "C4'" "C3'"  sing N N 51  
C   "C4'" "H4'"  sing N N 52  
C   "O4'" "C1'"  sing N N 53  
C   "C3'" "O3'"  sing N N 54  
C   "C3'" "C2'"  sing N N 55  
C   "C3'" "H3'"  sing N N 56  
C   "O3'" "HO3'" sing N N 57  
C   "C2'" "O2'"  sing N N 58  
C   "C2'" "C1'"  sing N N 59  
C   "C2'" "H2'"  sing N N 60  
C   "O2'" "HO2'" sing N N 61  
C   "C1'" N1     sing N N 62  
C   "C1'" "H1'"  sing N N 63  
C   N1    C2     sing N N 64  
C   N1    C6     sing N N 65  
C   C2    O2     doub N N 66  
C   C2    N3     sing N N 67  
C   N3    C4     doub N N 68  
C   C4    N4     sing N N 69  
C   C4    C5     sing N N 70  
C   N4    H41    sing N N 71  
C   N4    H42    sing N N 72  
C   C5    C6     doub N N 73  
C   C5    H5     sing N N 74  
C   C6    H6     sing N N 75  
G   OP3   P      sing N N 76  
G   OP3   HOP3   sing N N 77  
G   P     OP1    doub N N 78  
G   P     OP2    sing N N 79  
G   P     "O5'"  sing N N 80  
G   OP2   HOP2   sing N N 81  
G   "O5'" "C5'"  sing N N 82  
G   "C5'" "C4'"  sing N N 83  
G   "C5'" "H5'"  sing N N 84  
G   "C5'" "H5''" sing N N 85  
G   "C4'" "O4'"  sing N N 86  
G   "C4'" "C3'"  sing N N 87  
G   "C4'" "H4'"  sing N N 88  
G   "O4'" "C1'"  sing N N 89  
G   "C3'" "O3'"  sing N N 90  
G   "C3'" "C2'"  sing N N 91  
G   "C3'" "H3'"  sing N N 92  
G   "O3'" "HO3'" sing N N 93  
G   "C2'" "O2'"  sing N N 94  
G   "C2'" "C1'"  sing N N 95  
G   "C2'" "H2'"  sing N N 96  
G   "O2'" "HO2'" sing N N 97  
G   "C1'" N9     sing N N 98  
G   "C1'" "H1'"  sing N N 99  
G   N9    C8     sing Y N 100 
G   N9    C4     sing Y N 101 
G   C8    N7     doub Y N 102 
G   C8    H8     sing N N 103 
G   N7    C5     sing Y N 104 
G   C5    C6     sing N N 105 
G   C5    C4     doub Y N 106 
G   C6    O6     doub N N 107 
G   C6    N1     sing N N 108 
G   N1    C2     sing N N 109 
G   N1    H1     sing N N 110 
G   C2    N2     sing N N 111 
G   C2    N3     doub N N 112 
G   N2    H21    sing N N 113 
G   N2    H22    sing N N 114 
G   N3    C4     sing N N 115 
GTP PG    O1G    doub N N 116 
GTP PG    O2G    sing N N 117 
GTP PG    O3G    sing N N 118 
GTP PG    O3B    sing N N 119 
GTP O2G   HOG2   sing N N 120 
GTP O3G   HOG3   sing N N 121 
GTP O3B   PB     sing N N 122 
GTP PB    O1B    doub N N 123 
GTP PB    O2B    sing N N 124 
GTP PB    O3A    sing N N 125 
GTP O2B   HOB2   sing N N 126 
GTP O3A   PA     sing N N 127 
GTP PA    O1A    doub N N 128 
GTP PA    O2A    sing N N 129 
GTP PA    "O5'"  sing N N 130 
GTP O2A   HOA2   sing N N 131 
GTP "O5'" "C5'"  sing N N 132 
GTP "C5'" "C4'"  sing N N 133 
GTP "C5'" "H5'"  sing N N 134 
GTP "C5'" "H5''" sing N N 135 
GTP "C4'" "O4'"  sing N N 136 
GTP "C4'" "C3'"  sing N N 137 
GTP "C4'" "H4'"  sing N N 138 
GTP "O4'" "C1'"  sing N N 139 
GTP "C3'" "O3'"  sing N N 140 
GTP "C3'" "C2'"  sing N N 141 
GTP "C3'" "H3'"  sing N N 142 
GTP "O3'" "HO3'" sing N N 143 
GTP "C2'" "O2'"  sing N N 144 
GTP "C2'" "C1'"  sing N N 145 
GTP "C2'" "H2'"  sing N N 146 
GTP "O2'" "HO2'" sing N N 147 
GTP "C1'" N9     sing N N 148 
GTP "C1'" "H1'"  sing N N 149 
GTP N9    C8     sing Y N 150 
GTP N9    C4     sing Y N 151 
GTP C8    N7     doub Y N 152 
GTP C8    H8     sing N N 153 
GTP N7    C5     sing Y N 154 
GTP C5    C6     sing N N 155 
GTP C5    C4     doub Y N 156 
GTP C6    O6     doub N N 157 
GTP C6    N1     sing N N 158 
GTP N1    C2     sing N N 159 
GTP N1    HN1    sing N N 160 
GTP C2    N2     sing N N 161 
GTP C2    N3     doub N N 162 
GTP N2    HN21   sing N N 163 
GTP N2    HN22   sing N N 164 
GTP N3    C4     sing N N 165 
HOH O     H1     sing N N 166 
HOH O     H2     sing N N 167 
J8X C08   C09    sing N N 168 
J8X C08   N07    sing N N 169 
J8X C09   O16    sing N N 170 
J8X C01   C06    doub Y N 171 
J8X C01   C02    sing Y N 172 
J8X N07   C02    sing N N 173 
J8X N07   C10    sing N N 174 
J8X C06   C05    sing Y N 175 
J8X C02   C03    doub Y N 176 
J8X C05   C11    sing N N 177 
J8X C05   C04    doub Y N 178 
J8X C03   C04    sing Y N 179 
J8X C11   C12    doub N E 180 
J8X O17   C18    sing Y N 181 
J8X O17   C13    sing Y N 182 
J8X C21   C18    doub Y N 183 
J8X C21   C22    sing Y N 184 
J8X C12   C13    sing N N 185 
J8X C12   C14    sing N N 186 
J8X C18   C19    sing Y N 187 
J8X C13   N20    doub Y N 188 
J8X C22   C23    doub Y N 189 
J8X C14   N15    trip N N 190 
J8X C19   N20    sing Y N 191 
J8X C19   C24    doub Y N 192 
J8X C23   C24    sing Y N 193 
J8X C10   H1     sing N N 194 
J8X C10   H2     sing N N 195 
J8X C10   H3     sing N N 196 
J8X C21   H4     sing N N 197 
J8X C22   H5     sing N N 198 
J8X C24   H6     sing N N 199 
J8X C01   H7     sing N N 200 
J8X C03   H8     sing N N 201 
J8X C04   H9     sing N N 202 
J8X C06   H10    sing N N 203 
J8X C08   H11    sing N N 204 
J8X C08   H12    sing N N 205 
J8X C09   H13    sing N N 206 
J8X C09   H14    sing N N 207 
J8X C11   H15    sing N N 208 
J8X C23   H16    sing N N 209 
J8X O16   H17    sing N N 210 
U   OP3   P      sing N N 211 
U   OP3   HOP3   sing N N 212 
U   P     OP1    doub N N 213 
U   P     OP2    sing N N 214 
U   P     "O5'"  sing N N 215 
U   OP2   HOP2   sing N N 216 
U   "O5'" "C5'"  sing N N 217 
U   "C5'" "C4'"  sing N N 218 
U   "C5'" "H5'"  sing N N 219 
U   "C5'" "H5''" sing N N 220 
U   "C4'" "O4'"  sing N N 221 
U   "C4'" "C3'"  sing N N 222 
U   "C4'" "H4'"  sing N N 223 
U   "O4'" "C1'"  sing N N 224 
U   "C3'" "O3'"  sing N N 225 
U   "C3'" "C2'"  sing N N 226 
U   "C3'" "H3'"  sing N N 227 
U   "O3'" "HO3'" sing N N 228 
U   "C2'" "O2'"  sing N N 229 
U   "C2'" "C1'"  sing N N 230 
U   "C2'" "H2'"  sing N N 231 
U   "O2'" "HO2'" sing N N 232 
U   "C1'" N1     sing N N 233 
U   "C1'" "H1'"  sing N N 234 
U   N1    C2     sing N N 235 
U   N1    C6     sing N N 236 
U   C2    O2     doub N N 237 
U   C2    N3     sing N N 238 
U   N3    C4     sing N N 239 
U   N3    H3     sing N N 240 
U   C4    O4     doub N N 241 
U   C4    C5     sing N N 242 
U   C5    C6     doub N N 243 
U   C5    H5     sing N N 244 
U   C6    H6     sing N N 245 
# 
loop_
_ndb_struct_conf_na.entry_id 
_ndb_struct_conf_na.feature 
7EOO 'double helix'         
7EOO 'a-form double helix'  
7EOO 'hairpin loop'         
7EOO 'bulge loop'           
7EOO 'mismatched base pair' 
7EOO 'internal loop'        
7EOO 'triple helix'         
# 
loop_
_ndb_struct_na_base_pair.model_number 
_ndb_struct_na_base_pair.i_label_asym_id 
_ndb_struct_na_base_pair.i_label_comp_id 
_ndb_struct_na_base_pair.i_label_seq_id 
_ndb_struct_na_base_pair.i_symmetry 
_ndb_struct_na_base_pair.j_label_asym_id 
_ndb_struct_na_base_pair.j_label_comp_id 
_ndb_struct_na_base_pair.j_label_seq_id 
_ndb_struct_na_base_pair.j_symmetry 
_ndb_struct_na_base_pair.shear 
_ndb_struct_na_base_pair.stretch 
_ndb_struct_na_base_pair.stagger 
_ndb_struct_na_base_pair.buckle 
_ndb_struct_na_base_pair.propeller 
_ndb_struct_na_base_pair.opening 
_ndb_struct_na_base_pair.pair_number 
_ndb_struct_na_base_pair.pair_name 
_ndb_struct_na_base_pair.i_auth_asym_id 
_ndb_struct_na_base_pair.i_auth_seq_id 
_ndb_struct_na_base_pair.i_PDB_ins_code 
_ndb_struct_na_base_pair.j_auth_asym_id 
_ndb_struct_na_base_pair.j_auth_seq_id 
_ndb_struct_na_base_pair.j_PDB_ins_code 
_ndb_struct_na_base_pair.hbond_type_28 
_ndb_struct_na_base_pair.hbond_type_12 
1 A G 1  1_555 A C 47 1_555 -0.475 -0.122 0.006  6.091   -13.900 -0.078  1  A_G2:C48_A  A 2  ? A 48 ? 19 1 
1 A C 2  1_555 A G 46 1_555 0.327  -0.175 -0.215 8.528   -10.762 1.333   2  A_C3:G47_A  A 3  ? A 47 ? 19 1 
1 A G 3  1_555 A C 45 1_555 -0.039 -0.125 -0.055 -9.937  -19.124 3.322   3  A_G4:C46_A  A 4  ? A 46 ? 19 1 
1 A C 4  1_555 A G 44 1_555 -0.211 -0.196 0.469  -14.734 -11.160 -2.894  4  A_C5:G45_A  A 5  ? A 45 ? 19 1 
1 A C 6  1_555 A G 43 1_555 0.329  0.135  -0.009 3.090   -2.394  5.313   5  A_C7:G44_A  A 7  ? A 44 ? 19 1 
1 A U 7  1_555 A U 41 1_555 2.653  -1.876 0.186  -0.408  -7.033  7.905   6  A_U8:U42_A  A 8  ? A 42 ? 16 1 
1 A G 8  1_555 A C 32 1_555 -0.056 5.624  0.648  23.337  30.063  126.403 7  A_G9:C33_A  A 9  ? A 33 ? ?  6 
1 A G 9  1_555 A U 39 1_555 -2.454 -0.875 0.363  8.374   -2.367  -10.786 8  A_G10:U40_A A 10 ? A 40 ? 28 1 
1 A C 10 1_555 A G 38 1_555 0.201  -0.224 -0.047 10.991  -15.825 0.818   9  A_C11:G39_A A 11 ? A 39 ? 19 1 
1 A G 11 1_555 A C 37 1_555 -0.219 -0.345 -0.104 -2.350  -17.528 0.157   10 A_G12:C38_A A 12 ? A 38 ? 19 1 
1 A C 12 1_555 A G 36 1_555 0.098  -0.014 0.347  -6.298  -12.894 -2.114  11 A_C13:G37_A A 13 ? A 37 ? 19 1 
1 A U 13 1_555 A A 35 1_555 1.376  -0.173 0.692  -8.487  -11.737 -5.403  12 A_U14:A36_A A 14 ? A 36 ? 20 1 
1 A G 14 1_555 A C 27 1_555 -0.368 0.136  0.291  2.412   -8.697  5.908   13 A_G15:C28_A A 15 ? A 28 ? 19 1 
1 A C 15 1_555 A G 26 1_555 0.052  -0.480 0.218  -1.104  -15.736 -1.949  14 A_C16:G27_A A 16 ? A 27 ? 19 1 
1 A G 16 1_555 A C 25 1_555 -1.257 -0.537 -0.154 2.757   -16.711 -10.661 15 A_G17:C26_A A 17 ? A 26 ? 19 1 
1 A C 17 1_555 A G 24 1_555 -0.240 -0.494 -0.401 3.870   6.595   0.075   16 A_C18:G25_A A 18 ? A 25 ? 19 1 
1 A C 18 1_555 A G 23 1_555 0.947  -0.515 -1.060 0.233   1.589   -2.765  17 A_C19:G24_A A 19 ? A 24 ? 19 1 
1 A U 31 1_555 A U 34 1_555 3.401  0.089  -0.647 43.076  12.688  -93.567 18 A_U32:U35_A A 32 ? A 35 ? ?  ? 
# 
loop_
_ndb_struct_na_base_pair_step.model_number 
_ndb_struct_na_base_pair_step.i_label_asym_id_1 
_ndb_struct_na_base_pair_step.i_label_comp_id_1 
_ndb_struct_na_base_pair_step.i_label_seq_id_1 
_ndb_struct_na_base_pair_step.i_symmetry_1 
_ndb_struct_na_base_pair_step.j_label_asym_id_1 
_ndb_struct_na_base_pair_step.j_label_comp_id_1 
_ndb_struct_na_base_pair_step.j_label_seq_id_1 
_ndb_struct_na_base_pair_step.j_symmetry_1 
_ndb_struct_na_base_pair_step.i_label_asym_id_2 
_ndb_struct_na_base_pair_step.i_label_comp_id_2 
_ndb_struct_na_base_pair_step.i_label_seq_id_2 
_ndb_struct_na_base_pair_step.i_symmetry_2 
_ndb_struct_na_base_pair_step.j_label_asym_id_2 
_ndb_struct_na_base_pair_step.j_label_comp_id_2 
_ndb_struct_na_base_pair_step.j_label_seq_id_2 
_ndb_struct_na_base_pair_step.j_symmetry_2 
_ndb_struct_na_base_pair_step.shift 
_ndb_struct_na_base_pair_step.slide 
_ndb_struct_na_base_pair_step.rise 
_ndb_struct_na_base_pair_step.tilt 
_ndb_struct_na_base_pair_step.roll 
_ndb_struct_na_base_pair_step.twist 
_ndb_struct_na_base_pair_step.x_displacement 
_ndb_struct_na_base_pair_step.y_displacement 
_ndb_struct_na_base_pair_step.helical_rise 
_ndb_struct_na_base_pair_step.inclination 
_ndb_struct_na_base_pair_step.tip 
_ndb_struct_na_base_pair_step.helical_twist 
_ndb_struct_na_base_pair_step.step_number 
_ndb_struct_na_base_pair_step.step_name 
_ndb_struct_na_base_pair_step.i_auth_asym_id_1 
_ndb_struct_na_base_pair_step.i_auth_seq_id_1 
_ndb_struct_na_base_pair_step.i_PDB_ins_code_1 
_ndb_struct_na_base_pair_step.j_auth_asym_id_1 
_ndb_struct_na_base_pair_step.j_auth_seq_id_1 
_ndb_struct_na_base_pair_step.j_PDB_ins_code_1 
_ndb_struct_na_base_pair_step.i_auth_asym_id_2 
_ndb_struct_na_base_pair_step.i_auth_seq_id_2 
_ndb_struct_na_base_pair_step.i_PDB_ins_code_2 
_ndb_struct_na_base_pair_step.j_auth_asym_id_2 
_ndb_struct_na_base_pair_step.j_auth_seq_id_2 
_ndb_struct_na_base_pair_step.j_PDB_ins_code_2 
1 A G 1  1_555 A C 47 1_555 A C 2  1_555 A G 46 1_555 0.680  -1.601 3.148 2.981   6.479   33.739 -3.636  -0.719 2.849  11.011  
-5.067  34.463  1  AA_G2C3:G47C48_AA   A 2  ? A 48 ? A 3  ? A 47 ? 
1 A C 2  1_555 A G 46 1_555 A G 3  1_555 A C 45 1_555 0.537  -1.746 3.509 2.915   15.826  29.903 -5.434  -0.473 2.356  28.244  
-5.202  33.871  2  AA_C3G4:C46G47_AA   A 3  ? A 47 ? A 4  ? A 46 ? 
1 A G 3  1_555 A C 45 1_555 A C 4  1_555 A G 44 1_555 -0.304 -1.320 3.237 -3.275  9.230   33.273 -3.554  0.036  2.799  15.701  
5.571   34.645  3  AA_G4C5:G45C46_AA   A 4  ? A 46 ? A 5  ? A 45 ? 
1 A C 4  1_555 A G 44 1_555 A C 6  1_555 A G 43 1_555 -1.050 -1.737 2.727 10.123  8.024   53.672 -2.245  1.598  2.249  8.744   
-11.033 55.092  4  AA_C5C7:G44G45_AA   A 5  ? A 45 ? A 7  ? A 44 ? 
1 A C 6  1_555 A G 43 1_555 A U 7  1_555 A U 41 1_555 2.309  -0.130 3.324 6.866   0.209   63.953 -0.132  -1.862 3.529  0.197   
-6.463  64.282  5  AA_C7U8:U42G44_AA   A 7  ? A 44 ? A 8  ? A 42 ? 
1 A U 7  1_555 A U 41 1_555 A G 8  1_555 A C 32 1_555 5.234  -2.021 4.228 -35.354 23.504  -9.499 -3.532  -2.349 6.284  -43.165 
-64.928 -43.455 6  AA_U8G9:C33U42_AA   A 8  ? A 42 ? A 9  ? A 33 ? 
1 A G 8  1_555 A C 32 1_555 A G 9  1_555 A U 39 1_555 -4.787 -3.268 0.876 35.783  -28.776 24.685 -3.808  5.393  -1.039 -39.622 
-49.271 51.815  7  AA_G9G10:U40C33_AA  A 9  ? A 33 ? A 10 ? A 40 ? 
1 A C 10 1_555 A G 38 1_555 A G 11 1_555 A C 37 1_555 -0.703 -1.756 3.374 -0.129  15.451  31.388 -5.070  1.154  2.288  26.634  
0.222   34.899  8  AA_C11G12:C38G39_AA A 11 ? A 39 ? A 12 ? A 38 ? 
1 A G 11 1_555 A C 37 1_555 A C 12 1_555 A G 36 1_555 0.425  -1.414 3.307 -2.642  5.768   34.510 -3.187  -1.090 3.000  9.621   
4.406   35.071  9  AA_G12C13:G37C38_AA A 12 ? A 38 ? A 13 ? A 37 ? 
1 A C 12 1_555 A G 36 1_555 A U 13 1_555 A A 35 1_555 -0.387 -1.076 3.435 0.915   10.157  37.255 -2.893  0.700  3.040  15.544  
-1.401  38.578  10 AA_C13U14:A36G37_AA A 13 ? A 37 ? A 14 ? A 36 ? 
1 A U 13 1_555 A A 35 1_555 A G 14 1_555 A C 27 1_555 -1.278 -3.198 2.595 2.243   8.003   0.803  -18.576 7.829  -3.159 81.359  
-22.802 8.350   11 AA_U14G15:C28A36_AA A 14 ? A 36 ? A 15 ? A 28 ? 
1 A G 14 1_555 A C 27 1_555 A C 15 1_555 A G 26 1_555 -0.249 -1.942 3.262 -0.350  2.842   33.330 -3.830  0.376  3.093  4.943   
0.609   33.449  12 AA_G15C16:G27C28_AA A 15 ? A 28 ? A 16 ? A 27 ? 
1 A C 15 1_555 A G 26 1_555 A G 16 1_555 A C 25 1_555 -0.104 -2.144 3.184 5.432   9.196   21.369 -7.711  1.742  2.015  23.039  
-13.607 23.862  13 AA_C16G17:C26G27_AA A 16 ? A 27 ? A 17 ? A 26 ? 
1 A G 16 1_555 A C 25 1_555 A C 17 1_555 A G 24 1_555 1.123  -2.013 3.246 1.135   6.557   36.556 -3.988  -1.619 2.887  10.347  
-1.792  37.136  14 AA_G17C18:G25C26_AA A 17 ? A 26 ? A 18 ? A 25 ? 
1 A C 17 1_555 A G 24 1_555 A C 18 1_555 A G 23 1_555 0.543  -1.630 3.362 7.768   0.408   36.606 -2.599  0.220  3.386  0.641   
-12.199 37.396  15 AA_C18C19:G24G25_AA A 18 ? A 25 ? A 19 ? A 24 ? 
# 
_pdbx_audit_support.funding_organization   'National Natural Science Foundation of China (NSFC)' 
_pdbx_audit_support.country                China 
_pdbx_audit_support.grant_number           ? 
_pdbx_audit_support.ordinal                1 
# 
loop_
_pdbx_entity_instance_feature.ordinal 
_pdbx_entity_instance_feature.comp_id 
_pdbx_entity_instance_feature.asym_id 
_pdbx_entity_instance_feature.seq_num 
_pdbx_entity_instance_feature.auth_comp_id 
_pdbx_entity_instance_feature.auth_asym_id 
_pdbx_entity_instance_feature.auth_seq_num 
_pdbx_entity_instance_feature.feature_type 
_pdbx_entity_instance_feature.details 
1 J8X ? ? J8X ? ? 'SUBJECT OF INVESTIGATION' ? 
2 MG  ? ? MG  ? ? 'SUBJECT OF INVESTIGATION' ? 
# 
loop_
_pdbx_entity_nonpoly.entity_id 
_pdbx_entity_nonpoly.name 
_pdbx_entity_nonpoly.comp_id 
2 "GUANOSINE-5'-TRIPHOSPHATE"                                                                 GTP 
3 '(~{E})-2-(1,3-benzoxazol-2-yl)-3-[4-[2-hydroxyethyl(methyl)amino]phenyl]prop-2-enenitrile' J8X 
4 'MAGNESIUM ION'                                                                             MG  
5 water                                                                                       HOH 
# 
_pdbx_initial_refinement_model.id               1 
_pdbx_initial_refinement_model.entity_id_list   ? 
_pdbx_initial_refinement_model.type             'experimental model' 
_pdbx_initial_refinement_model.source_name      PDB 
_pdbx_initial_refinement_model.accession_code   7EOG 
_pdbx_initial_refinement_model.details          ? 
# 
_pdbx_struct_assembly_auth_evidence.id                     1 
_pdbx_struct_assembly_auth_evidence.assembly_id            1 
_pdbx_struct_assembly_auth_evidence.experimental_support   none 
_pdbx_struct_assembly_auth_evidence.details                ? 
# 
